data_8DMH
#
_entry.id   8DMH
#
_cell.length_a   1.00
_cell.length_b   1.00
_cell.length_c   1.00
_cell.angle_alpha   90.00
_cell.angle_beta   90.00
_cell.angle_gamma   90.00
#
_symmetry.space_group_name_H-M   'P 1'
#
loop_
_entity.id
_entity.type
_entity.pdbx_description
1 polymer 'Glycoprotein G1'
2 polymer '18.5C-M28 Fab Light Chain'
3 polymer '18.5C-M28 Fab Heavy Chain'
4 polymer 'Glycoprotein G2,Cobalamin adenosyltransferase-like domain-containing protein trimerization tag'
5 branched beta-D-mannopyranose-(1-4)-2-acetamido-2-deoxy-beta-D-glucopyranose-(1-4)-2-acetamido-2-deoxy-beta-D-glucopyranose
6 branched 2-acetamido-2-deoxy-beta-D-glucopyranose-(1-4)-2-acetamido-2-deoxy-beta-D-glucopyranose
7 non-polymer 2-acetamido-2-deoxy-beta-D-glucopyranose
#
loop_
_entity_poly.entity_id
_entity_poly.type
_entity_poly.pdbx_seq_one_letter_code
_entity_poly.pdbx_strand_id
1 'polypeptide(L)'
;MKLCILLAVVAFVGLSLGMYGLKGPDIYKGVYQFKSVEFDMSHLNLTMPNACSANNSHHYISMGTSGLELTFTNDSIISH
NFCNLTSAFNKKTFDHTLMSIVSSLHLSIRGNSNYKAVSCDFNNGITIQYNLTFSDAQSAQSQCRTFRGRVLDMFRTAFG
GKYMRSCWGWTGSDGKTTWCSQTSYQYLIIQNRTWENHCTYAGPFGMSRILLSQEKTKFLTRRRR
;
A,B,C
2 'polypeptide(L)'
;DIVLTQSPGTLSLSPGERATLSCRASQSVISYYVAWYQHKGGQAPRLLIYGASSRATGVPDRFSGSGSGTDFTLTISSLE
PEDFALYYCQYYGSSPLWAFGQGTKVEIKRTVAAPSVFIFPPSDEQLKSGTASVVCLLNNFYPREAKVQWKVDNALQSGN
SQESVTEQDSKDSTYSLSSTLTLSKADYEKHKVYACEVTHQGLSSPVTKSFNRG
;
E,G,I
3 'polypeptide(L)'
;DEVQLVQSGGGLVRPGGSLRLSCAAAGFTFKRYSMNWVRQAPGRGLEWVSSITSRGGSKTYYADVVKGRFTVSRDNAKQS
LYLQMNSLRAEDTAIYFCARSLHSTSQPSYMDVWGRKITVIVSSASTKGPSVFPLAPSGGTAALGCLVKDYFPEPVTVSW
NSGALTSGVHTFPAVLQSSGLYSLSSVVTVPSSSLGTQTYICNVNHKPSNTKVDKRVEPK
;
F,H,J
4 'polypeptide(L)'
;GTFTWTLSDSSGVENPGGYCLTKWMILAAELKCFGNTAVAKCNVNHDEEFCDMLRLIDYNKAALSKFKPDVESALHLFKT
TVNSLISDQLLMRNHLRDLMCVPYCNYSKFWYLEHAKTGETSVPKCWLVTNGAYLNETHFSDQIEQEADNMITEMLRKDY
IKRQGLEGGSPVVEVQGTIDELNSFIGYALVLSRWDDIRNDLFRIQNDLFVLGEDVSTGGKGRTVTREMIDYLEARVKEM
KAEIGKIELFVVPGGSVESASLHMARAVSRRLERRIVAASKLTEINKNVLIYANRLSSILFMHALISNKRLNIPEKIWAL
EVDDDDKAGWSHPQFEKGGGSGGGSGGGSWSHPQFEKGSGGLNDIFEAQKIEWHE
;
a,b,c
#
loop_
_chem_comp.id
_chem_comp.type
_chem_comp.name
_chem_comp.formula
BMA D-saccharide, beta linking beta-D-mannopyranose 'C6 H12 O6'
NAG D-saccharide, beta linking 2-acetamido-2-deoxy-beta-D-glucopyranose 'C8 H15 N O6'
#
# COMPACT_ATOMS: atom_id res chain seq x y z
N ASP A 26 13.46 19.02 24.96
CA ASP A 26 14.75 19.00 25.62
C ASP A 26 15.32 17.59 25.62
N ILE A 27 15.15 16.88 26.73
CA ILE A 27 15.65 15.52 26.88
C ILE A 27 14.51 14.63 27.36
N TYR A 28 14.32 13.50 26.68
CA TYR A 28 13.28 12.54 27.02
C TYR A 28 13.93 11.21 27.37
N LYS A 29 13.53 10.63 28.50
CA LYS A 29 14.06 9.37 29.00
C LYS A 29 15.56 9.43 29.26
N GLY A 30 16.12 10.63 29.34
CA GLY A 30 17.55 10.77 29.61
C GLY A 30 18.47 10.68 28.42
N VAL A 31 18.28 9.68 27.57
CA VAL A 31 19.21 9.39 26.47
C VAL A 31 18.60 9.69 25.11
N TYR A 32 17.49 10.42 25.06
CA TYR A 32 16.94 10.91 23.81
C TYR A 32 16.62 12.40 23.93
N GLN A 33 16.66 13.09 22.79
CA GLN A 33 16.42 14.52 22.74
C GLN A 33 15.44 14.84 21.62
N PHE A 34 14.68 15.92 21.82
CA PHE A 34 13.64 16.33 20.89
C PHE A 34 14.20 17.37 19.93
N LYS A 35 14.03 17.13 18.64
CA LYS A 35 14.47 18.06 17.61
C LYS A 35 13.51 18.01 16.43
N SER A 36 13.52 19.07 15.64
CA SER A 36 12.57 19.22 14.55
C SER A 36 13.29 19.49 13.24
N VAL A 37 12.67 19.06 12.15
CA VAL A 37 13.17 19.28 10.80
C VAL A 37 12.07 19.95 10.00
N GLU A 38 12.42 21.05 9.32
CA GLU A 38 11.48 21.77 8.48
C GLU A 38 12.03 21.83 7.06
N PHE A 39 11.20 21.47 6.09
CA PHE A 39 11.63 21.40 4.70
C PHE A 39 11.34 22.72 3.98
N ASP A 40 12.36 23.23 3.28
CA ASP A 40 12.20 24.39 2.41
C ASP A 40 11.86 23.86 1.02
N MET A 41 10.65 24.16 0.56
CA MET A 41 10.11 23.56 -0.65
C MET A 41 10.29 24.44 -1.89
N SER A 42 11.12 25.47 -1.81
CA SER A 42 11.37 26.32 -2.97
C SER A 42 12.31 25.67 -3.97
N HIS A 43 13.08 24.67 -3.56
CA HIS A 43 14.01 24.01 -4.48
C HIS A 43 13.36 22.91 -5.30
N LEU A 44 12.14 22.50 -4.95
CA LEU A 44 11.35 21.58 -5.77
C LEU A 44 10.60 22.30 -6.87
N ASN A 45 11.01 23.53 -7.19
CA ASN A 45 10.31 24.39 -8.14
C ASN A 45 10.46 23.96 -9.60
N LEU A 46 11.56 23.30 -9.96
CA LEU A 46 11.83 23.03 -11.37
C LEU A 46 11.22 21.73 -11.87
N THR A 47 11.04 20.74 -11.00
CA THR A 47 10.58 19.42 -11.44
C THR A 47 9.12 19.15 -11.12
N MET A 48 8.61 19.67 -10.01
CA MET A 48 7.25 19.38 -9.57
C MET A 48 6.54 20.68 -9.20
N PRO A 49 5.24 20.77 -9.49
CA PRO A 49 4.54 22.07 -9.37
C PRO A 49 4.33 22.53 -7.94
N ASN A 50 3.65 23.66 -7.79
CA ASN A 50 3.41 24.26 -6.48
C ASN A 50 2.10 25.04 -6.52
N ALA A 51 1.32 24.95 -5.44
CA ALA A 51 0.06 25.67 -5.32
C ALA A 51 -0.04 26.23 -3.91
N CYS A 52 -0.20 27.55 -3.79
CA CYS A 52 -0.32 28.19 -2.50
C CYS A 52 -1.08 29.49 -2.64
N SER A 53 -1.60 29.96 -1.50
CA SER A 53 -2.40 31.18 -1.42
C SER A 53 -1.65 32.22 -0.60
N ALA A 54 -1.85 33.49 -0.95
CA ALA A 54 -1.19 34.59 -0.24
C ALA A 54 -2.08 35.19 0.85
N ASN A 55 -3.22 35.77 0.46
CA ASN A 55 -4.03 36.56 1.38
C ASN A 55 -5.52 36.41 1.09
N ASN A 56 -5.98 35.18 0.88
CA ASN A 56 -7.40 34.85 0.89
C ASN A 56 -8.10 35.39 -0.35
N SER A 57 -7.41 36.20 -1.13
CA SER A 57 -7.97 36.72 -2.37
C SER A 57 -7.13 36.41 -3.60
N HIS A 58 -5.82 36.26 -3.45
CA HIS A 58 -4.92 35.93 -4.54
C HIS A 58 -4.27 34.58 -4.28
N HIS A 59 -4.36 33.69 -5.26
CA HIS A 59 -3.85 32.33 -5.13
C HIS A 59 -2.94 32.02 -6.31
N TYR A 60 -1.90 31.22 -6.07
CA TYR A 60 -0.82 31.04 -7.02
C TYR A 60 -0.55 29.57 -7.27
N ILE A 61 -0.54 29.19 -8.55
CA ILE A 61 -0.06 27.87 -8.97
C ILE A 61 1.07 28.11 -9.95
N SER A 62 2.24 27.53 -9.66
CA SER A 62 3.44 27.80 -10.44
C SER A 62 4.14 26.51 -10.82
N MET A 63 4.72 26.49 -12.02
CA MET A 63 5.59 25.42 -12.48
C MET A 63 6.89 26.05 -12.96
N GLY A 64 7.99 25.78 -12.26
CA GLY A 64 9.26 26.40 -12.60
C GLY A 64 9.23 27.89 -12.39
N THR A 65 9.22 28.65 -13.47
CA THR A 65 9.07 30.10 -13.42
C THR A 65 7.75 30.56 -14.00
N SER A 66 6.91 29.66 -14.48
CA SER A 66 5.60 30.00 -15.03
C SER A 66 4.54 29.79 -13.96
N GLY A 67 3.68 30.78 -13.76
CA GLY A 67 2.69 30.75 -12.70
C GLY A 67 1.33 31.17 -13.21
N LEU A 68 0.37 31.16 -12.28
CA LEU A 68 -1.02 31.50 -12.58
C LEU A 68 -1.56 32.43 -11.51
N GLU A 69 -2.39 33.38 -11.94
CA GLU A 69 -3.08 34.31 -11.05
C GLU A 69 -4.51 33.86 -10.84
N LEU A 70 -4.87 33.59 -9.58
CA LEU A 70 -6.24 33.24 -9.21
C LEU A 70 -6.74 34.30 -8.23
N THR A 71 -7.60 35.20 -8.71
CA THR A 71 -8.09 36.32 -7.92
C THR A 71 -9.60 36.24 -7.79
N PHE A 72 -10.08 36.31 -6.55
CA PHE A 72 -11.50 36.48 -6.26
C PHE A 72 -11.78 37.98 -6.21
N THR A 73 -12.55 38.48 -7.15
CA THR A 73 -12.82 39.91 -7.24
C THR A 73 -14.29 40.14 -7.58
N ASN A 74 -14.78 41.31 -7.18
CA ASN A 74 -16.05 41.82 -7.68
C ASN A 74 -15.91 42.55 -9.01
N ASP A 75 -14.69 42.63 -9.56
CA ASP A 75 -14.42 43.36 -10.79
C ASP A 75 -14.39 42.39 -11.96
N SER A 76 -15.14 42.70 -13.00
CA SER A 76 -15.25 41.85 -14.18
C SER A 76 -14.26 42.31 -15.25
N ILE A 77 -13.48 41.38 -15.77
CA ILE A 77 -12.50 41.67 -16.81
C ILE A 77 -13.06 41.42 -18.20
N ILE A 78 -13.67 40.27 -18.42
CA ILE A 78 -14.25 39.91 -19.71
C ILE A 78 -15.75 40.17 -19.64
N SER A 79 -16.28 40.84 -20.67
CA SER A 79 -17.71 41.09 -20.78
C SER A 79 -18.39 40.26 -21.86
N HIS A 80 -17.66 39.86 -22.89
CA HIS A 80 -18.24 39.07 -23.97
C HIS A 80 -18.46 37.63 -23.53
N ASN A 81 -19.43 36.98 -24.18
CA ASN A 81 -19.73 35.57 -23.91
C ASN A 81 -19.10 34.72 -25.01
N PHE A 82 -17.79 34.55 -24.93
CA PHE A 82 -17.04 33.78 -25.92
C PHE A 82 -15.91 33.03 -25.22
N CYS A 83 -15.92 31.70 -25.35
CA CYS A 83 -14.79 30.85 -24.98
C CYS A 83 -14.61 29.82 -26.09
N ASN A 84 -13.74 30.14 -27.06
CA ASN A 84 -13.41 29.20 -28.11
C ASN A 84 -11.94 28.84 -28.00
N LEU A 85 -11.64 27.54 -28.03
CA LEU A 85 -10.28 27.03 -28.07
C LEU A 85 -9.96 26.38 -29.41
N THR A 86 -10.85 26.53 -30.39
CA THR A 86 -10.57 26.03 -31.74
C THR A 86 -9.38 26.75 -32.35
N SER A 87 -9.30 28.07 -32.15
CA SER A 87 -8.22 28.87 -32.72
C SER A 87 -7.09 29.14 -31.73
N ALA A 88 -7.37 29.15 -30.43
CA ALA A 88 -6.34 29.44 -29.45
C ALA A 88 -5.23 28.40 -29.49
N PHE A 89 -5.60 27.12 -29.65
CA PHE A 89 -4.60 26.05 -29.68
C PHE A 89 -3.69 26.19 -30.90
N ASN A 90 -4.24 26.63 -32.03
CA ASN A 90 -3.49 26.74 -33.27
C ASN A 90 -2.94 28.16 -33.44
N LYS A 91 -2.10 28.56 -32.48
CA LYS A 91 -1.44 29.86 -32.51
C LYS A 91 0.04 29.69 -32.19
N LYS A 92 0.86 30.61 -32.69
CA LYS A 92 2.29 30.58 -32.39
C LYS A 92 2.54 30.80 -30.90
N THR A 93 1.84 31.77 -30.30
CA THR A 93 1.92 32.01 -28.87
C THR A 93 0.95 31.08 -28.16
N PHE A 94 1.48 30.08 -27.46
CA PHE A 94 0.65 29.12 -26.75
C PHE A 94 1.54 28.41 -25.74
N ASP A 95 1.25 28.59 -24.45
CA ASP A 95 2.03 27.97 -23.39
C ASP A 95 1.45 26.59 -23.10
N HIS A 96 2.23 25.55 -23.37
CA HIS A 96 1.76 24.19 -23.11
C HIS A 96 1.82 23.83 -21.62
N THR A 97 2.79 24.38 -20.89
CA THR A 97 2.90 24.07 -19.47
C THR A 97 1.72 24.64 -18.69
N LEU A 98 1.36 25.90 -18.97
CA LEU A 98 0.29 26.55 -18.23
C LEU A 98 -1.09 26.07 -18.68
N MET A 99 -1.26 25.83 -19.98
CA MET A 99 -2.54 25.34 -20.47
C MET A 99 -2.86 23.95 -19.94
N SER A 100 -1.84 23.18 -19.56
CA SER A 100 -2.09 21.90 -18.89
C SER A 100 -2.76 22.11 -17.54
N ILE A 101 -2.31 23.12 -16.78
CA ILE A 101 -2.89 23.39 -15.47
C ILE A 101 -4.32 23.88 -15.62
N VAL A 102 -4.56 24.79 -16.57
CA VAL A 102 -5.90 25.33 -16.75
C VAL A 102 -6.87 24.24 -17.15
N SER A 103 -6.44 23.33 -18.04
CA SER A 103 -7.30 22.22 -18.42
C SER A 103 -7.56 21.28 -17.26
N SER A 104 -6.55 21.06 -16.41
CA SER A 104 -6.75 20.19 -15.25
C SER A 104 -7.72 20.83 -14.25
N LEU A 105 -7.60 22.14 -14.03
CA LEU A 105 -8.46 22.81 -13.05
C LEU A 105 -9.91 22.87 -13.54
N HIS A 106 -10.10 23.17 -14.83
CA HIS A 106 -11.46 23.28 -15.36
C HIS A 106 -12.17 21.94 -15.38
N LEU A 107 -11.43 20.84 -15.45
CA LEU A 107 -12.01 19.52 -15.50
C LEU A 107 -12.29 18.93 -14.13
N SER A 108 -11.89 19.61 -13.06
CA SER A 108 -12.20 19.18 -11.71
C SER A 108 -13.45 19.85 -11.16
N ILE A 109 -14.10 20.71 -11.94
CA ILE A 109 -15.31 21.38 -11.50
C ILE A 109 -16.47 20.41 -11.52
N ARG A 110 -17.23 20.37 -10.43
CA ARG A 110 -18.32 19.42 -10.28
C ARG A 110 -19.36 19.60 -11.39
N GLY A 111 -19.95 18.49 -11.81
CA GLY A 111 -20.95 18.54 -12.86
C GLY A 111 -20.34 19.00 -14.17
N ASN A 112 -21.10 19.76 -14.94
CA ASN A 112 -20.64 20.33 -16.19
C ASN A 112 -20.64 21.85 -16.07
N SER A 113 -19.53 22.48 -16.46
CA SER A 113 -19.45 23.93 -16.43
C SER A 113 -20.28 24.53 -17.56
N ASN A 114 -21.10 25.52 -17.23
CA ASN A 114 -21.93 26.19 -18.23
C ASN A 114 -21.10 27.24 -18.95
N TYR A 115 -21.07 27.16 -20.28
CA TYR A 115 -20.42 28.21 -21.06
C TYR A 115 -21.19 29.52 -21.04
N LYS A 116 -22.40 29.52 -20.49
CA LYS A 116 -23.09 30.77 -20.20
C LYS A 116 -22.44 31.53 -19.06
N ALA A 117 -21.60 30.86 -18.26
CA ALA A 117 -20.99 31.46 -17.08
C ALA A 117 -19.47 31.45 -17.13
N VAL A 118 -18.86 30.88 -18.16
CA VAL A 118 -17.41 30.85 -18.30
C VAL A 118 -17.05 31.57 -19.59
N SER A 119 -16.25 32.62 -19.47
CA SER A 119 -15.75 33.38 -20.61
C SER A 119 -14.24 33.22 -20.70
N CYS A 120 -13.71 33.41 -21.90
CA CYS A 120 -12.32 33.07 -22.17
C CYS A 120 -11.68 34.20 -22.97
N ASP A 121 -10.36 34.30 -22.85
CA ASP A 121 -9.59 35.22 -23.69
C ASP A 121 -8.16 34.72 -23.78
N PHE A 122 -7.72 34.33 -24.98
CA PHE A 122 -6.39 33.79 -25.19
C PHE A 122 -5.59 34.64 -26.18
N ASN A 123 -5.97 35.90 -26.34
CA ASN A 123 -5.25 36.77 -27.26
C ASN A 123 -3.88 37.16 -26.69
N ASN A 124 -3.83 37.51 -25.41
CA ASN A 124 -2.60 37.93 -24.75
C ASN A 124 -2.33 37.07 -23.53
N GLY A 125 -2.39 35.76 -23.71
CA GLY A 125 -2.15 34.81 -22.65
C GLY A 125 -3.44 34.21 -22.13
N ILE A 126 -3.29 33.35 -21.14
CA ILE A 126 -4.42 32.65 -20.55
C ILE A 126 -5.23 33.63 -19.71
N THR A 127 -6.53 33.71 -19.98
CA THR A 127 -7.42 34.57 -19.21
C THR A 127 -8.83 34.02 -19.32
N ILE A 128 -9.33 33.44 -18.23
CA ILE A 128 -10.67 32.87 -18.19
C ILE A 128 -11.41 33.43 -16.99
N GLN A 129 -12.73 33.52 -17.11
CA GLN A 129 -13.57 34.19 -16.14
C GLN A 129 -14.72 33.29 -15.73
N TYR A 130 -14.98 33.24 -14.42
CA TYR A 130 -16.11 32.51 -13.85
C TYR A 130 -17.05 33.50 -13.19
N ASN A 131 -18.33 33.47 -13.58
CA ASN A 131 -19.27 34.45 -13.03
C ASN A 131 -19.59 34.21 -11.56
N LEU A 132 -19.88 32.96 -11.18
CA LEU A 132 -20.15 32.58 -9.80
C LEU A 132 -21.26 33.42 -9.15
N THR A 133 -22.13 34.03 -9.95
CA THR A 133 -23.22 34.85 -9.44
C THR A 133 -24.52 34.09 -9.55
N PHE A 134 -25.31 34.12 -8.47
CA PHE A 134 -26.50 33.28 -8.38
C PHE A 134 -27.51 33.62 -9.48
N SER A 135 -27.76 34.90 -9.70
CA SER A 135 -28.73 35.37 -10.69
C SER A 135 -30.10 34.70 -10.51
N SER A 142 -29.35 25.23 -1.10
CA SER A 142 -29.30 26.19 -2.20
C SER A 142 -27.93 26.83 -2.31
N GLN A 143 -27.22 26.87 -1.18
CA GLN A 143 -25.90 27.50 -1.17
C GLN A 143 -24.85 26.64 -1.84
N CYS A 144 -24.88 25.32 -1.59
CA CYS A 144 -23.93 24.40 -2.19
C CYS A 144 -24.41 23.81 -3.50
N ARG A 145 -25.64 24.10 -3.90
CA ARG A 145 -26.22 23.56 -5.13
C ARG A 145 -26.03 24.49 -6.32
N THR A 146 -25.34 25.60 -6.13
CA THR A 146 -25.16 26.60 -7.17
C THR A 146 -23.83 26.41 -7.89
N PHE A 147 -23.64 27.18 -8.95
CA PHE A 147 -22.38 27.14 -9.68
C PHE A 147 -21.21 27.59 -8.81
N ARG A 148 -21.47 28.50 -7.86
CA ARG A 148 -20.40 28.96 -6.98
C ARG A 148 -19.90 27.83 -6.09
N GLY A 149 -20.81 27.00 -5.56
CA GLY A 149 -20.38 25.90 -4.72
C GLY A 149 -19.60 24.85 -5.47
N ARG A 150 -19.96 24.62 -6.73
CA ARG A 150 -19.21 23.68 -7.56
C ARG A 150 -17.80 24.17 -7.83
N VAL A 151 -17.66 25.45 -8.17
CA VAL A 151 -16.34 26.00 -8.45
C VAL A 151 -15.48 26.00 -7.19
N LEU A 152 -16.07 26.39 -6.06
CA LEU A 152 -15.33 26.38 -4.81
C LEU A 152 -14.94 24.99 -4.36
N ASP A 153 -15.53 23.94 -4.94
CA ASP A 153 -15.05 22.59 -4.68
C ASP A 153 -13.69 22.35 -5.34
N MET A 154 -13.51 22.86 -6.56
CA MET A 154 -12.20 22.79 -7.20
C MET A 154 -11.16 23.57 -6.41
N PHE A 155 -11.54 24.76 -5.93
CA PHE A 155 -10.64 25.56 -5.12
C PHE A 155 -10.30 24.85 -3.82
N ARG A 156 -11.27 24.15 -3.24
CA ARG A 156 -11.05 23.49 -1.95
C ARG A 156 -9.99 22.39 -2.05
N THR A 157 -10.03 21.61 -3.13
CA THR A 157 -9.08 20.50 -3.27
C THR A 157 -7.67 21.02 -3.53
N ALA A 158 -7.53 21.97 -4.47
CA ALA A 158 -6.21 22.44 -4.86
C ALA A 158 -5.55 23.24 -3.74
N PHE A 159 -6.31 24.08 -3.05
CA PHE A 159 -5.76 25.03 -2.10
C PHE A 159 -6.13 24.72 -0.65
N GLY A 160 -6.65 23.53 -0.37
CA GLY A 160 -6.95 23.18 1.00
C GLY A 160 -8.14 23.96 1.54
N GLY A 161 -8.25 23.96 2.86
CA GLY A 161 -9.32 24.66 3.53
C GLY A 161 -8.84 25.79 4.42
N LYS A 162 -7.70 26.38 4.08
CA LYS A 162 -7.16 27.47 4.89
C LYS A 162 -8.08 28.69 4.85
N TYR A 163 -8.67 28.96 3.69
CA TYR A 163 -9.50 30.14 3.52
C TYR A 163 -10.85 29.72 2.97
N MET A 164 -11.81 30.64 3.03
CA MET A 164 -13.15 30.48 2.48
C MET A 164 -13.96 29.40 3.18
N ARG A 165 -13.61 29.04 4.41
CA ARG A 165 -14.34 28.01 5.16
C ARG A 165 -14.66 28.51 6.56
N SER A 166 -15.75 28.00 7.10
CA SER A 166 -16.16 28.25 8.48
C SER A 166 -16.14 26.94 9.24
N CYS A 167 -15.53 26.96 10.43
CA CYS A 167 -15.36 25.72 11.19
C CYS A 167 -16.66 25.32 11.90
N TRP A 168 -16.64 24.11 12.44
CA TRP A 168 -17.85 23.46 12.92
C TRP A 168 -18.47 24.23 14.08
N GLY A 169 -17.67 24.60 15.07
CA GLY A 169 -18.19 25.10 16.32
C GLY A 169 -18.30 26.60 16.45
N TRP A 170 -18.28 27.36 15.35
CA TRP A 170 -18.37 28.80 15.46
C TRP A 170 -19.76 29.28 15.85
N THR A 171 -20.79 28.52 15.49
CA THR A 171 -22.18 28.91 15.73
C THR A 171 -22.88 27.94 16.68
N GLY A 172 -22.21 27.54 17.75
CA GLY A 172 -22.78 26.68 18.75
C GLY A 172 -22.15 25.30 18.76
N SER A 173 -22.46 24.55 19.81
CA SER A 173 -21.95 23.19 19.97
C SER A 173 -22.72 22.17 19.14
N ASP A 174 -23.88 22.54 18.60
CA ASP A 174 -24.64 21.69 17.70
C ASP A 174 -24.85 22.34 16.35
N GLY A 175 -24.10 23.40 16.04
CA GLY A 175 -24.21 24.07 14.76
C GLY A 175 -23.31 23.39 13.73
N LYS A 176 -23.86 23.19 12.54
CA LYS A 176 -23.20 22.46 11.48
C LYS A 176 -22.87 23.38 10.31
N THR A 177 -21.89 22.98 9.53
CA THR A 177 -21.38 23.77 8.42
C THR A 177 -21.61 23.06 7.10
N THR A 178 -21.81 23.85 6.05
CA THR A 178 -22.01 23.29 4.72
C THR A 178 -20.74 22.62 4.22
N TRP A 179 -20.92 21.68 3.30
CA TRP A 179 -19.75 21.02 2.69
C TRP A 179 -18.97 21.99 1.81
N CYS A 180 -19.67 22.76 0.99
CA CYS A 180 -19.01 23.65 0.04
C CYS A 180 -18.42 24.86 0.75
N SER A 181 -17.25 25.28 0.30
CA SER A 181 -16.70 26.55 0.76
C SER A 181 -17.46 27.70 0.12
N GLN A 182 -17.70 28.76 0.89
CA GLN A 182 -18.53 29.87 0.45
C GLN A 182 -17.71 31.15 0.39
N THR A 183 -18.01 31.97 -0.62
CA THR A 183 -17.36 33.26 -0.81
C THR A 183 -18.43 34.31 -1.10
N SER A 184 -18.13 35.56 -0.73
CA SER A 184 -19.05 36.64 -1.00
C SER A 184 -18.78 37.30 -2.34
N TYR A 185 -17.62 37.05 -2.93
CA TYR A 185 -17.22 37.66 -4.18
C TYR A 185 -18.12 37.15 -5.32
N GLN A 186 -18.02 37.82 -6.46
CA GLN A 186 -18.64 37.32 -7.68
C GLN A 186 -17.67 36.60 -8.59
N TYR A 187 -16.64 37.27 -9.08
CA TYR A 187 -15.85 36.78 -10.20
C TYR A 187 -14.55 36.13 -9.73
N LEU A 188 -14.18 35.04 -10.39
CA LEU A 188 -12.87 34.42 -10.22
C LEU A 188 -12.15 34.46 -11.56
N ILE A 189 -10.95 35.04 -11.57
CA ILE A 189 -10.20 35.28 -12.79
C ILE A 189 -8.90 34.47 -12.74
N ILE A 190 -8.54 33.89 -13.88
CA ILE A 190 -7.27 33.16 -14.00
C ILE A 190 -6.45 33.81 -15.11
N GLN A 191 -5.23 34.21 -14.76
CA GLN A 191 -4.30 34.84 -15.69
C GLN A 191 -2.91 34.33 -15.37
N ASN A 192 -1.96 34.51 -16.30
CA ASN A 192 -0.63 34.01 -15.99
C ASN A 192 0.03 35.00 -15.04
N ARG A 193 1.07 34.55 -14.36
CA ARG A 193 2.05 35.45 -13.78
C ARG A 193 3.41 34.80 -13.87
N THR A 194 4.44 35.62 -13.93
CA THR A 194 5.82 35.12 -13.85
C THR A 194 6.20 35.05 -12.39
N TRP A 195 6.62 33.87 -11.95
CA TRP A 195 6.83 33.65 -10.52
C TRP A 195 7.99 34.50 -10.02
N GLU A 196 7.72 35.33 -9.01
CA GLU A 196 8.72 36.20 -8.42
C GLU A 196 8.60 36.16 -6.90
N ASN A 197 8.29 34.97 -6.37
CA ASN A 197 8.09 34.75 -4.94
C ASN A 197 6.91 35.57 -4.41
N HIS A 198 5.75 35.32 -5.03
CA HIS A 198 4.52 35.93 -4.57
C HIS A 198 4.01 35.33 -3.27
N CYS A 199 4.62 34.23 -2.83
CA CYS A 199 4.03 33.33 -1.86
C CYS A 199 5.13 32.51 -1.22
N THR A 200 4.73 31.61 -0.31
CA THR A 200 5.64 30.64 0.29
C THR A 200 5.36 29.29 -0.33
N TYR A 201 6.42 28.58 -0.72
CA TYR A 201 6.26 27.31 -1.40
C TYR A 201 5.60 26.28 -0.48
N ALA A 202 4.63 25.55 -1.03
CA ALA A 202 3.89 24.56 -0.27
C ALA A 202 4.08 23.13 -0.78
N GLY A 203 4.62 22.95 -1.97
CA GLY A 203 4.83 21.62 -2.52
C GLY A 203 3.85 21.29 -3.63
N PRO A 204 3.98 20.10 -4.19
CA PRO A 204 3.09 19.67 -5.29
C PRO A 204 1.80 19.03 -4.86
N PHE A 205 1.51 18.99 -3.55
CA PHE A 205 0.36 18.24 -3.05
C PHE A 205 -0.96 18.85 -3.48
N GLY A 206 -0.99 20.17 -3.73
CA GLY A 206 -2.22 20.78 -4.22
C GLY A 206 -2.60 20.26 -5.59
N MET A 207 -1.62 20.21 -6.51
CA MET A 207 -1.88 19.69 -7.84
C MET A 207 -2.03 18.17 -7.84
N SER A 208 -1.47 17.50 -6.83
CA SER A 208 -1.63 16.05 -6.72
C SER A 208 -3.06 15.67 -6.40
N ARG A 209 -3.73 16.47 -5.56
CA ARG A 209 -5.12 16.18 -5.22
C ARG A 209 -6.06 16.49 -6.37
N ILE A 210 -5.69 17.44 -7.25
CA ILE A 210 -6.51 17.76 -8.40
C ILE A 210 -6.57 16.59 -9.37
N LEU A 211 -5.46 15.85 -9.49
CA LEU A 211 -5.40 14.75 -10.45
C LEU A 211 -6.41 13.67 -10.10
N LEU A 212 -6.60 13.38 -8.81
CA LEU A 212 -7.60 12.41 -8.40
C LEU A 212 -9.01 12.88 -8.76
N SER A 213 -9.31 14.15 -8.57
CA SER A 213 -10.67 14.65 -8.74
C SER A 213 -10.98 15.03 -10.18
N GLN A 214 -10.03 14.89 -11.10
CA GLN A 214 -10.24 15.34 -12.47
C GLN A 214 -11.24 14.43 -13.17
N GLU A 215 -12.35 15.01 -13.62
CA GLU A 215 -13.44 14.30 -14.31
C GLU A 215 -14.01 13.16 -13.47
N LYS A 216 -13.85 13.22 -12.15
CA LYS A 216 -14.42 12.18 -11.30
C LYS A 216 -15.94 12.23 -11.31
N THR A 217 -16.53 13.40 -11.53
CA THR A 217 -17.98 13.58 -11.48
C THR A 217 -18.52 14.20 -12.77
N LYS A 218 -17.90 13.88 -13.91
CA LYS A 218 -18.39 14.39 -15.17
C LYS A 218 -19.77 13.81 -15.49
N PHE A 219 -20.49 14.52 -16.34
CA PHE A 219 -21.84 14.11 -16.73
C PHE A 219 -21.82 13.39 -18.07
N LEU A 220 -22.94 12.74 -18.38
CA LEU A 220 -22.99 11.86 -19.55
C LEU A 220 -22.82 12.65 -20.85
N THR A 221 -23.47 13.81 -20.95
CA THR A 221 -23.39 14.66 -22.13
C THR A 221 -23.67 13.89 -23.42
N ASP B 1 2.42 36.77 29.66
CA ASP B 1 1.56 35.64 29.98
C ASP B 1 0.19 35.77 29.33
N ILE B 2 -0.57 34.68 29.38
CA ILE B 2 -1.93 34.66 28.86
C ILE B 2 -2.89 34.79 30.04
N VAL B 3 -3.90 35.63 29.89
CA VAL B 3 -4.91 35.83 30.91
C VAL B 3 -6.28 35.64 30.28
N LEU B 4 -7.14 34.89 30.97
CA LEU B 4 -8.49 34.63 30.52
C LEU B 4 -9.45 35.53 31.29
N THR B 5 -10.19 36.36 30.57
CA THR B 5 -11.10 37.32 31.17
C THR B 5 -12.53 36.88 30.87
N GLN B 6 -13.31 36.61 31.90
CA GLN B 6 -14.68 36.16 31.76
C GLN B 6 -15.63 37.31 32.09
N SER B 7 -16.54 37.61 31.17
CA SER B 7 -17.48 38.70 31.36
C SER B 7 -18.89 38.25 31.01
N PRO B 8 -19.90 38.71 31.75
CA PRO B 8 -19.82 39.58 32.93
C PRO B 8 -19.43 38.80 34.18
N GLY B 9 -19.06 39.49 35.26
CA GLY B 9 -18.60 38.81 36.45
C GLY B 9 -19.65 37.92 37.09
N THR B 10 -20.90 38.39 37.14
CA THR B 10 -21.97 37.64 37.77
C THR B 10 -23.21 37.67 36.89
N LEU B 11 -24.05 36.65 37.04
CA LEU B 11 -25.30 36.53 36.29
C LEU B 11 -26.45 36.29 37.25
N SER B 12 -27.55 36.99 37.01
CA SER B 12 -28.78 36.80 37.78
C SER B 12 -29.94 36.72 36.79
N LEU B 13 -30.34 35.51 36.44
CA LEU B 13 -31.42 35.28 35.49
C LEU B 13 -32.46 34.36 36.13
N SER B 14 -33.70 34.52 35.70
CA SER B 14 -34.77 33.67 36.17
C SER B 14 -34.62 32.26 35.60
N PRO B 15 -35.09 31.23 36.32
CA PRO B 15 -35.03 29.87 35.78
C PRO B 15 -35.78 29.75 34.46
N GLY B 16 -35.24 28.95 33.57
CA GLY B 16 -35.83 28.79 32.25
C GLY B 16 -35.49 29.89 31.26
N GLU B 17 -34.33 30.53 31.42
CA GLU B 17 -33.90 31.58 30.51
C GLU B 17 -32.47 31.30 30.07
N ARG B 18 -32.14 31.72 28.85
CA ARG B 18 -30.80 31.54 28.32
C ARG B 18 -29.80 32.38 29.08
N ALA B 19 -28.58 31.85 29.21
CA ALA B 19 -27.48 32.54 29.89
C ALA B 19 -26.22 32.38 29.05
N THR B 20 -25.75 33.47 28.46
CA THR B 20 -24.56 33.47 27.62
C THR B 20 -23.39 34.03 28.40
N LEU B 21 -22.31 33.26 28.48
CA LEU B 21 -21.08 33.69 29.13
C LEU B 21 -20.05 34.11 28.08
N SER B 22 -18.86 34.46 28.55
CA SER B 22 -17.79 34.85 27.65
C SER B 22 -16.44 34.51 28.28
N CYS B 23 -15.44 34.39 27.42
CA CYS B 23 -14.08 34.06 27.86
C CYS B 23 -13.12 34.72 26.88
N ARG B 24 -12.43 35.77 27.33
CA ARG B 24 -11.55 36.55 26.48
C ARG B 24 -10.09 36.26 26.83
N ALA B 25 -9.27 36.08 25.82
CA ALA B 25 -7.85 35.84 25.97
C ALA B 25 -7.05 36.95 25.30
N SER B 26 -5.98 37.38 25.97
CA SER B 26 -5.13 38.41 25.40
C SER B 26 -4.32 37.93 24.20
N GLN B 27 -4.30 36.62 23.97
CA GLN B 27 -3.45 35.98 22.97
C GLN B 27 -4.31 35.60 21.76
N SER B 28 -3.68 35.01 20.76
CA SER B 28 -4.40 34.29 19.71
C SER B 28 -4.45 32.82 20.11
N VAL B 29 -5.65 32.27 20.20
CA VAL B 29 -5.90 31.01 20.88
C VAL B 29 -6.43 29.99 19.90
N ILE B 30 -5.85 28.78 19.93
CA ILE B 30 -6.39 27.67 19.17
C ILE B 30 -7.67 27.19 19.84
N SER B 31 -8.76 27.14 19.07
CA SER B 31 -10.05 26.74 19.64
C SER B 31 -10.07 25.27 20.04
N TYR B 32 -9.08 24.48 19.65
CA TYR B 32 -9.07 23.06 19.95
C TYR B 32 -8.79 22.76 21.41
N TYR B 33 -8.24 23.71 22.16
CA TYR B 33 -7.73 23.44 23.50
C TYR B 33 -8.41 24.30 24.56
N VAL B 34 -9.65 24.71 24.31
CA VAL B 34 -10.41 25.55 25.23
C VAL B 34 -11.53 24.71 25.84
N ALA B 35 -11.54 24.61 27.16
CA ALA B 35 -12.50 23.79 27.89
C ALA B 35 -13.22 24.63 28.94
N TRP B 36 -14.46 24.25 29.24
CA TRP B 36 -15.27 24.90 30.25
C TRP B 36 -15.57 23.93 31.39
N TYR B 37 -15.54 24.45 32.62
CA TYR B 37 -15.76 23.64 33.81
C TYR B 37 -16.83 24.30 34.68
N GLN B 38 -17.62 23.45 35.34
CA GLN B 38 -18.63 23.90 36.30
C GLN B 38 -18.21 23.44 37.69
N HIS B 39 -18.01 24.40 38.58
CA HIS B 39 -17.59 24.13 39.95
C HIS B 39 -18.72 24.56 40.87
N LYS B 40 -19.19 23.63 41.71
CA LYS B 40 -20.39 23.84 42.52
C LYS B 40 -20.14 23.32 43.93
N GLY B 41 -19.81 24.25 44.83
CA GLY B 41 -19.74 23.92 46.25
C GLY B 41 -18.73 22.83 46.55
N GLY B 42 -19.20 21.78 47.24
CA GLY B 42 -18.34 20.67 47.60
C GLY B 42 -17.96 19.78 46.44
N GLN B 43 -18.75 19.79 45.37
CA GLN B 43 -18.45 18.97 44.21
C GLN B 43 -17.17 19.44 43.53
N ALA B 44 -16.37 18.48 43.06
CA ALA B 44 -15.19 18.79 42.28
C ALA B 44 -15.63 19.38 40.94
N PRO B 45 -14.75 20.14 40.28
CA PRO B 45 -15.11 20.72 38.99
C PRO B 45 -15.53 19.66 37.99
N ARG B 46 -16.59 19.97 37.25
CA ARG B 46 -17.16 19.03 36.28
C ARG B 46 -16.97 19.60 34.89
N LEU B 47 -16.34 18.81 34.01
CA LEU B 47 -16.11 19.24 32.64
C LEU B 47 -17.43 19.32 31.88
N LEU B 48 -17.68 20.47 31.25
CA LEU B 48 -18.87 20.65 30.43
C LEU B 48 -18.55 20.54 28.94
N ILE B 49 -17.66 21.40 28.45
CA ILE B 49 -17.31 21.48 27.05
C ILE B 49 -15.80 21.37 26.93
N TYR B 50 -15.33 20.68 25.89
CA TYR B 50 -13.92 20.66 25.55
C TYR B 50 -13.76 20.85 24.06
N GLY B 51 -12.61 21.38 23.65
CA GLY B 51 -12.45 21.77 22.27
C GLY B 51 -13.32 22.93 21.86
N ALA B 52 -13.91 23.64 22.82
CA ALA B 52 -14.69 24.86 22.63
C ALA B 52 -16.06 24.59 22.01
N SER B 53 -16.31 23.36 21.56
CA SER B 53 -17.61 23.05 20.99
C SER B 53 -18.11 21.63 21.26
N SER B 54 -17.39 20.83 22.03
CA SER B 54 -17.72 19.41 22.19
C SER B 54 -18.20 19.16 23.61
N ARG B 55 -19.42 18.65 23.73
CA ARG B 55 -19.96 18.30 25.05
C ARG B 55 -19.30 17.05 25.57
N ALA B 56 -19.00 17.04 26.87
CA ALA B 56 -18.37 15.88 27.49
C ALA B 56 -19.41 14.79 27.72
N THR B 57 -18.98 13.72 28.39
CA THR B 57 -19.90 12.63 28.69
C THR B 57 -20.89 13.04 29.77
N GLY B 58 -22.14 12.64 29.60
CA GLY B 58 -23.16 12.94 30.59
C GLY B 58 -23.43 14.41 30.78
N VAL B 59 -23.34 15.20 29.71
CA VAL B 59 -23.62 16.63 29.74
C VAL B 59 -24.90 16.87 28.96
N PRO B 60 -25.90 17.53 29.56
CA PRO B 60 -27.17 17.73 28.86
C PRO B 60 -27.00 18.58 27.61
N ASP B 61 -28.02 18.53 26.75
CA ASP B 61 -28.03 19.33 25.53
C ASP B 61 -28.04 20.82 25.84
N ARG B 62 -28.44 21.20 27.05
CA ARG B 62 -28.53 22.61 27.41
C ARG B 62 -27.18 23.31 27.28
N PHE B 63 -26.13 22.70 27.82
CA PHE B 63 -24.80 23.27 27.71
C PHE B 63 -24.32 23.21 26.27
N SER B 64 -23.75 24.32 25.78
CA SER B 64 -23.30 24.39 24.39
C SER B 64 -22.19 25.42 24.29
N GLY B 65 -20.94 24.95 24.22
CA GLY B 65 -19.84 25.84 23.94
C GLY B 65 -19.81 26.28 22.49
N SER B 66 -19.16 27.41 22.25
CA SER B 66 -19.09 27.99 20.92
C SER B 66 -17.93 28.98 20.88
N GLY B 67 -17.86 29.75 19.80
CA GLY B 67 -16.90 30.83 19.69
C GLY B 67 -15.70 30.47 18.84
N SER B 68 -15.19 31.45 18.11
CA SER B 68 -14.00 31.31 17.29
C SER B 68 -12.76 31.61 18.13
N GLY B 69 -11.64 31.85 17.47
CA GLY B 69 -10.44 32.26 18.18
C GLY B 69 -10.61 33.63 18.81
N THR B 70 -10.08 33.78 20.02
CA THR B 70 -9.98 35.03 20.76
C THR B 70 -11.33 35.49 21.31
N ASP B 71 -12.42 34.87 20.87
CA ASP B 71 -13.77 35.23 21.31
C ASP B 71 -14.56 33.95 21.55
N PHE B 72 -14.53 33.46 22.79
CA PHE B 72 -15.21 32.23 23.18
C PHE B 72 -16.44 32.56 24.02
N THR B 73 -17.43 31.67 23.96
CA THR B 73 -18.66 31.85 24.71
C THR B 73 -19.09 30.53 25.32
N LEU B 74 -20.20 30.58 26.04
CA LEU B 74 -20.87 29.41 26.58
C LEU B 74 -22.31 29.79 26.86
N THR B 75 -23.26 29.02 26.36
CA THR B 75 -24.67 29.33 26.50
C THR B 75 -25.42 28.17 27.11
N ILE B 76 -26.44 28.49 27.90
CA ILE B 76 -27.32 27.50 28.51
C ILE B 76 -28.69 27.67 27.88
N SER B 77 -29.23 26.59 27.31
CA SER B 77 -30.49 26.68 26.58
C SER B 77 -31.61 27.14 27.50
N SER B 78 -31.71 26.54 28.69
CA SER B 78 -32.71 26.95 29.67
C SER B 78 -32.17 26.54 31.04
N LEU B 79 -31.64 27.50 31.78
CA LEU B 79 -30.99 27.19 33.05
C LEU B 79 -32.01 26.68 34.07
N GLU B 80 -31.64 25.61 34.76
CA GLU B 80 -32.44 24.94 35.75
C GLU B 80 -31.91 25.21 37.15
N PRO B 81 -32.68 24.89 38.20
CA PRO B 81 -32.22 25.19 39.56
C PRO B 81 -30.90 24.53 39.95
N GLU B 82 -30.53 23.43 39.31
CA GLU B 82 -29.31 22.71 39.71
C GLU B 82 -28.07 23.15 38.96
N ASP B 83 -28.17 24.07 38.00
CA ASP B 83 -27.02 24.56 37.27
C ASP B 83 -26.65 25.99 37.66
N PHE B 84 -26.79 26.30 38.95
CA PHE B 84 -26.30 27.55 39.51
C PHE B 84 -24.97 27.28 40.20
N ALA B 85 -23.88 27.75 39.61
CA ALA B 85 -22.54 27.45 40.11
C ALA B 85 -21.55 28.41 39.45
N LEU B 86 -20.27 28.12 39.63
CA LEU B 86 -19.19 28.89 39.02
C LEU B 86 -18.75 28.22 37.73
N TYR B 87 -18.73 28.99 36.64
CA TYR B 87 -18.35 28.48 35.32
C TYR B 87 -16.98 29.03 34.95
N TYR B 88 -16.04 28.15 34.67
CA TYR B 88 -14.68 28.51 34.32
C TYR B 88 -14.39 28.18 32.86
N CYS B 89 -13.37 28.84 32.32
CA CYS B 89 -12.83 28.51 31.01
C CYS B 89 -11.32 28.39 31.14
N GLN B 90 -10.72 27.44 30.42
CA GLN B 90 -9.27 27.30 30.46
C GLN B 90 -8.71 27.21 29.04
N TYR B 91 -7.39 27.31 28.98
CA TYR B 91 -6.61 27.07 27.77
C TYR B 91 -5.39 26.24 28.13
N TYR B 92 -4.98 25.38 27.22
CA TYR B 92 -3.79 24.57 27.40
C TYR B 92 -2.69 25.05 26.46
N GLY B 93 -1.47 25.11 26.96
CA GLY B 93 -0.38 25.73 26.26
C GLY B 93 -0.10 27.13 26.79
N SER B 94 0.83 27.80 26.11
CA SER B 94 1.25 29.15 26.50
C SER B 94 1.78 29.17 27.93
N SER B 95 1.71 30.34 28.58
CA SER B 95 2.24 30.51 29.92
C SER B 95 1.14 31.04 30.83
N PRO B 96 0.79 30.33 31.92
CA PRO B 96 1.32 29.04 32.37
C PRO B 96 0.82 27.88 31.53
N LEU B 97 1.07 26.64 31.96
CA LEU B 97 0.61 25.49 31.19
C LEU B 97 -0.90 25.45 31.13
N TRP B 98 -1.57 25.67 32.26
CA TRP B 98 -3.02 25.75 32.33
C TRP B 98 -3.40 27.14 32.82
N ALA B 99 -4.26 27.82 32.07
CA ALA B 99 -4.72 29.15 32.42
C ALA B 99 -6.20 29.10 32.71
N PHE B 100 -6.60 29.53 33.90
CA PHE B 100 -7.99 29.54 34.32
C PHE B 100 -8.52 30.97 34.38
N GLY B 101 -9.81 31.13 34.09
CA GLY B 101 -10.45 32.42 34.22
C GLY B 101 -10.76 32.77 35.67
N GLN B 102 -11.25 34.00 35.88
CA GLN B 102 -11.58 34.44 37.22
C GLN B 102 -12.88 33.85 37.74
N GLY B 103 -13.73 33.33 36.85
CA GLY B 103 -14.97 32.71 37.27
C GLY B 103 -16.19 33.59 37.10
N THR B 104 -17.24 33.04 36.49
CA THR B 104 -18.50 33.74 36.34
C THR B 104 -19.56 33.02 37.16
N LYS B 105 -20.29 33.77 37.98
CA LYS B 105 -21.29 33.21 38.88
C LYS B 105 -22.68 33.47 38.32
N VAL B 106 -23.52 32.43 38.35
CA VAL B 106 -24.89 32.52 37.87
C VAL B 106 -25.83 32.31 39.06
N GLU B 107 -26.72 33.27 39.28
CA GLU B 107 -27.62 33.23 40.43
C GLU B 107 -29.03 33.60 39.95
N ILE B 108 -29.94 33.76 40.90
CA ILE B 108 -31.33 34.08 40.60
C ILE B 108 -31.55 35.58 40.63
N VAL C 3 -13.71 4.69 36.29
CA VAL C 3 -12.56 5.54 36.55
C VAL C 3 -12.76 6.32 37.85
N GLN C 4 -11.69 6.47 38.62
CA GLN C 4 -11.78 7.14 39.91
C GLN C 4 -10.38 7.48 40.40
N LEU C 5 -10.19 8.72 40.84
CA LEU C 5 -8.99 9.15 41.55
C LEU C 5 -9.32 9.27 43.03
N VAL C 6 -8.52 8.61 43.86
CA VAL C 6 -8.73 8.60 45.31
C VAL C 6 -7.69 9.50 45.94
N GLN C 7 -8.15 10.50 46.69
CA GLN C 7 -7.27 11.45 47.33
C GLN C 7 -6.64 10.86 48.59
N SER C 8 -5.69 11.58 49.16
CA SER C 8 -5.00 11.18 50.38
C SER C 8 -4.31 12.41 50.96
N GLY C 9 -3.49 12.21 51.98
CA GLY C 9 -2.77 13.31 52.58
C GLY C 9 -3.70 14.27 53.33
N GLY C 10 -3.26 15.52 53.41
CA GLY C 10 -4.04 16.57 54.05
C GLY C 10 -3.59 16.82 55.48
N GLY C 11 -4.09 17.93 56.03
CA GLY C 11 -3.80 18.33 57.39
C GLY C 11 -3.38 19.78 57.46
N LEU C 12 -2.97 20.18 58.66
CA LEU C 12 -2.52 21.54 58.92
C LEU C 12 -1.14 21.49 59.57
N VAL C 13 -0.24 22.36 59.11
CA VAL C 13 1.11 22.47 59.66
C VAL C 13 1.48 23.94 59.74
N ARG C 14 2.35 24.26 60.70
CA ARG C 14 2.87 25.61 60.82
C ARG C 14 3.85 25.88 59.68
N PRO C 15 4.12 27.15 59.37
CA PRO C 15 5.07 27.47 58.30
C PRO C 15 6.44 26.86 58.57
N GLY C 16 7.11 26.46 57.50
CA GLY C 16 8.36 25.73 57.61
C GLY C 16 8.17 24.23 57.51
N GLY C 17 7.37 23.66 58.42
CA GLY C 17 7.04 22.25 58.31
C GLY C 17 6.18 21.96 57.10
N SER C 18 6.33 20.75 56.57
CA SER C 18 5.65 20.40 55.33
C SER C 18 5.41 18.90 55.27
N LEU C 19 4.49 18.50 54.40
CA LEU C 19 4.15 17.11 54.18
C LEU C 19 3.69 16.94 52.74
N ARG C 20 3.79 15.71 52.24
CA ARG C 20 3.46 15.42 50.86
C ARG C 20 1.98 15.07 50.70
N LEU C 21 1.45 15.36 49.52
CA LEU C 21 0.11 14.95 49.13
C LEU C 21 0.17 13.64 48.35
N SER C 22 -0.98 13.02 48.16
CA SER C 22 -1.06 11.78 47.42
C SER C 22 -2.45 11.62 46.81
N CYS C 23 -2.49 11.17 45.57
CA CYS C 23 -3.75 10.88 44.87
C CYS C 23 -3.59 9.54 44.16
N ALA C 24 -3.79 8.45 44.90
CA ALA C 24 -3.56 7.10 44.39
C ALA C 24 -4.77 6.66 43.57
N ALA C 25 -4.74 7.02 42.29
CA ALA C 25 -5.83 6.68 41.38
C ALA C 25 -5.85 5.18 41.12
N ALA C 26 -7.05 4.65 40.90
CA ALA C 26 -7.21 3.23 40.63
C ALA C 26 -8.44 3.04 39.74
N GLY C 27 -8.47 1.91 39.05
CA GLY C 27 -9.55 1.59 38.15
C GLY C 27 -9.28 1.85 36.68
N PHE C 28 -8.04 2.22 36.32
CA PHE C 28 -7.69 2.49 34.93
C PHE C 28 -6.18 2.40 34.79
N THR C 29 -5.69 2.67 33.58
CA THR C 29 -4.26 2.60 33.28
C THR C 29 -3.61 3.90 33.72
N PHE C 30 -2.75 3.82 34.74
CA PHE C 30 -2.11 5.02 35.27
C PHE C 30 -1.00 5.54 34.38
N LYS C 31 -0.20 4.64 33.80
CA LYS C 31 1.02 5.05 33.13
C LYS C 31 0.76 5.78 31.81
N ARG C 32 -0.48 5.79 31.32
CA ARG C 32 -0.76 6.42 30.04
C ARG C 32 -1.17 7.88 30.18
N TYR C 33 -1.89 8.22 31.24
CA TYR C 33 -2.44 9.56 31.39
C TYR C 33 -1.49 10.46 32.19
N SER C 34 -1.46 11.73 31.81
CA SER C 34 -0.70 12.73 32.54
C SER C 34 -1.54 13.30 33.69
N MET C 35 -0.86 13.61 34.79
CA MET C 35 -1.52 14.08 36.00
C MET C 35 -1.29 15.57 36.20
N ASN C 36 -2.22 16.19 36.92
CA ASN C 36 -2.18 17.61 37.20
C ASN C 36 -2.51 17.85 38.68
N TRP C 37 -2.21 19.06 39.15
CA TRP C 37 -2.57 19.49 40.48
C TRP C 37 -3.22 20.86 40.39
N VAL C 38 -4.41 21.00 40.97
CA VAL C 38 -5.16 22.25 40.96
C VAL C 38 -5.57 22.57 42.39
N ARG C 39 -5.43 23.84 42.78
CA ARG C 39 -5.83 24.29 44.10
C ARG C 39 -6.71 25.52 43.97
N GLN C 40 -7.49 25.78 45.01
CA GLN C 40 -8.37 26.94 45.07
C GLN C 40 -8.23 27.60 46.43
N ALA C 41 -7.67 28.81 46.45
CA ALA C 41 -7.57 29.56 47.68
C ALA C 41 -8.96 30.07 48.10
N PRO C 42 -9.19 30.25 49.41
CA PRO C 42 -10.49 30.76 49.86
C PRO C 42 -10.77 32.12 49.25
N GLY C 43 -12.01 32.29 48.77
CA GLY C 43 -12.38 33.50 48.08
C GLY C 43 -11.70 33.71 46.75
N ARG C 44 -11.02 32.69 46.22
CA ARG C 44 -10.27 32.80 44.98
C ARG C 44 -10.69 31.68 44.04
N GLY C 45 -10.44 31.91 42.74
CA GLY C 45 -10.76 30.92 41.73
C GLY C 45 -9.73 29.81 41.64
N LEU C 46 -9.99 28.88 40.74
CA LEU C 46 -9.09 27.76 40.52
C LEU C 46 -7.76 28.24 39.94
N GLU C 47 -6.66 27.65 40.41
CA GLU C 47 -5.35 27.95 39.89
C GLU C 47 -4.59 26.64 39.68
N TRP C 48 -3.75 26.63 38.66
CA TRP C 48 -2.93 25.46 38.38
C TRP C 48 -1.70 25.45 39.27
N VAL C 49 -1.27 24.26 39.66
CA VAL C 49 -0.16 24.11 40.61
C VAL C 49 1.03 23.42 39.95
N SER C 50 0.82 22.20 39.44
CA SER C 50 1.89 21.42 38.86
C SER C 50 1.31 20.52 37.77
N SER C 51 2.20 19.78 37.10
CA SER C 51 1.80 18.82 36.08
C SER C 51 3.01 17.95 35.75
N ILE C 52 2.76 16.64 35.64
CA ILE C 52 3.80 15.69 35.26
C ILE C 52 3.27 14.83 34.12
N THR C 53 4.11 14.61 33.11
CA THR C 53 3.67 13.89 31.92
C THR C 53 3.62 12.39 32.20
N SER C 54 3.19 11.64 31.18
CA SER C 54 2.91 10.22 31.32
C SER C 54 4.21 9.40 31.20
N ARG C 55 4.04 8.08 31.20
CA ARG C 55 5.15 7.14 31.09
C ARG C 55 6.22 7.42 32.13
N GLY C 56 7.41 7.84 31.68
CA GLY C 56 8.51 8.07 32.58
C GLY C 56 8.47 9.35 33.38
N GLY C 57 7.55 10.25 33.05
CA GLY C 57 7.47 11.52 33.76
C GLY C 57 8.71 12.37 33.59
N SER C 58 9.26 12.42 32.38
CA SER C 58 10.48 13.19 32.16
C SER C 58 10.26 14.67 32.35
N LYS C 59 9.13 15.19 31.87
CA LYS C 59 8.84 16.62 31.92
C LYS C 59 7.87 16.92 33.05
N THR C 60 8.28 17.76 33.98
CA THR C 60 7.44 18.24 35.07
C THR C 60 7.37 19.75 35.02
N TYR C 61 6.16 20.29 35.02
CA TYR C 61 5.92 21.71 34.86
C TYR C 61 5.36 22.29 36.16
N TYR C 62 5.77 23.51 36.50
CA TYR C 62 5.34 24.15 37.73
C TYR C 62 4.89 25.58 37.45
N ALA C 63 3.99 26.06 38.29
CA ALA C 63 3.62 27.47 38.27
C ALA C 63 4.71 28.29 38.94
N ASP C 64 4.98 29.48 38.39
CA ASP C 64 6.07 30.30 38.89
C ASP C 64 5.85 30.72 40.34
N VAL C 65 4.60 30.74 40.80
CA VAL C 65 4.31 31.12 42.18
C VAL C 65 4.93 30.11 43.14
N VAL C 66 4.80 28.82 42.83
CA VAL C 66 5.25 27.75 43.71
C VAL C 66 6.51 27.07 43.20
N LYS C 67 7.17 27.65 42.21
CA LYS C 67 8.38 27.06 41.65
C LYS C 67 9.50 27.09 42.69
N GLY C 68 10.22 25.98 42.81
CA GLY C 68 11.36 25.87 43.68
C GLY C 68 11.11 25.16 44.99
N ARG C 69 9.84 25.05 45.39
CA ARG C 69 9.49 24.35 46.62
C ARG C 69 8.40 23.31 46.44
N PHE C 70 7.71 23.30 45.31
CA PHE C 70 6.69 22.30 45.01
C PHE C 70 7.28 21.27 44.06
N THR C 71 7.19 20.00 44.44
CA THR C 71 7.75 18.90 43.65
C THR C 71 6.66 17.91 43.32
N VAL C 72 6.48 17.64 42.03
CA VAL C 72 5.47 16.71 41.54
C VAL C 72 6.17 15.48 40.98
N SER C 73 5.67 14.30 41.36
CA SER C 73 6.26 13.05 40.92
C SER C 73 5.18 11.97 40.92
N ARG C 74 5.43 10.91 40.16
CA ARG C 74 4.49 9.81 40.07
C ARG C 74 5.26 8.50 39.99
N ASP C 75 4.57 7.41 40.36
CA ASP C 75 5.11 6.06 40.28
C ASP C 75 4.04 5.19 39.63
N ASN C 76 4.21 4.90 38.34
CA ASN C 76 3.23 4.09 37.63
C ASN C 76 3.13 2.68 38.18
N ALA C 77 4.15 2.20 38.89
CA ALA C 77 4.11 0.86 39.44
C ALA C 77 3.03 0.73 40.50
N LYS C 78 2.90 1.72 41.39
CA LYS C 78 1.90 1.70 42.44
C LYS C 78 0.63 2.46 42.08
N GLN C 79 0.59 3.10 40.92
CA GLN C 79 -0.55 3.89 40.48
C GLN C 79 -0.93 4.95 41.52
N SER C 80 -0.01 5.88 41.75
CA SER C 80 -0.23 6.94 42.71
C SER C 80 0.56 8.18 42.31
N LEU C 81 -0.02 9.34 42.56
CA LEU C 81 0.57 10.63 42.24
C LEU C 81 0.81 11.41 43.53
N TYR C 82 2.00 11.97 43.68
CA TYR C 82 2.38 12.68 44.90
C TYR C 82 2.59 14.16 44.63
N LEU C 83 2.87 14.89 45.72
CA LEU C 83 3.23 16.30 45.66
C LEU C 83 4.07 16.60 46.90
N GLN C 84 5.39 16.59 46.73
CA GLN C 84 6.29 16.91 47.84
C GLN C 84 6.43 18.43 47.90
N MET C 85 5.54 19.05 48.65
CA MET C 85 5.44 20.49 48.76
C MET C 85 6.06 20.94 50.08
N ASN C 86 7.08 21.80 49.99
CA ASN C 86 7.95 22.12 51.11
C ASN C 86 8.02 23.64 51.31
N SER C 87 8.51 24.03 52.49
CA SER C 87 8.69 25.42 52.88
C SER C 87 7.38 26.21 52.70
N LEU C 88 6.40 25.82 53.49
CA LEU C 88 5.04 26.29 53.30
C LEU C 88 4.90 27.76 53.69
N ARG C 89 3.77 28.33 53.31
CA ARG C 89 3.47 29.74 53.52
C ARG C 89 1.99 29.89 53.80
N ALA C 90 1.63 30.98 54.47
CA ALA C 90 0.22 31.24 54.77
C ALA C 90 -0.61 31.42 53.51
N GLU C 91 0.02 31.83 52.40
CA GLU C 91 -0.70 31.94 51.13
C GLU C 91 -1.02 30.57 50.54
N ASP C 92 -0.25 29.54 50.88
CA ASP C 92 -0.48 28.21 50.35
C ASP C 92 -1.73 27.54 50.91
N THR C 93 -2.34 28.11 51.95
CA THR C 93 -3.54 27.53 52.56
C THR C 93 -4.69 27.54 51.57
N ALA C 94 -5.11 26.35 51.13
CA ALA C 94 -6.18 26.21 50.14
C ALA C 94 -6.61 24.75 50.12
N ILE C 95 -7.52 24.44 49.20
CA ILE C 95 -7.96 23.07 48.94
C ILE C 95 -7.38 22.62 47.61
N TYR C 96 -6.84 21.41 47.58
CA TYR C 96 -6.07 20.93 46.44
C TYR C 96 -6.78 19.77 45.75
N PHE C 97 -6.65 19.72 44.43
CA PHE C 97 -7.30 18.71 43.60
C PHE C 97 -6.26 17.98 42.75
N CYS C 98 -6.55 16.71 42.46
CA CYS C 98 -5.79 15.92 41.51
C CYS C 98 -6.69 15.59 40.32
N ALA C 99 -6.18 15.75 39.11
CA ALA C 99 -6.97 15.55 37.91
C ALA C 99 -6.20 14.67 36.93
N ARG C 100 -6.85 14.40 35.79
CA ARG C 100 -6.34 13.49 34.77
C ARG C 100 -6.46 14.13 33.41
N SER C 101 -5.43 13.97 32.59
CA SER C 101 -5.43 14.55 31.25
C SER C 101 -4.47 13.78 30.36
N LEU C 102 -4.81 13.73 29.07
CA LEU C 102 -3.97 13.11 28.05
C LEU C 102 -3.77 14.09 26.92
N HIS C 103 -2.52 14.32 26.54
CA HIS C 103 -2.15 15.30 25.52
C HIS C 103 -1.61 14.57 24.30
N SER C 104 -2.46 14.44 23.29
CA SER C 104 -2.07 13.85 22.01
C SER C 104 -2.84 14.55 20.91
N THR C 105 -2.55 14.17 19.66
CA THR C 105 -3.27 14.73 18.53
C THR C 105 -4.68 14.15 18.41
N SER C 106 -4.89 12.94 18.94
CA SER C 106 -6.16 12.25 18.73
C SER C 106 -7.34 13.03 19.29
N GLN C 107 -7.21 13.56 20.49
CA GLN C 107 -8.32 14.24 21.15
C GLN C 107 -7.85 15.55 21.76
N PRO C 108 -8.78 16.49 21.99
CA PRO C 108 -8.39 17.77 22.61
C PRO C 108 -7.89 17.61 24.04
N SER C 109 -7.51 18.72 24.66
CA SER C 109 -6.97 18.72 26.01
C SER C 109 -8.07 19.08 27.00
N TYR C 110 -8.21 18.27 28.04
CA TYR C 110 -9.19 18.53 29.09
C TYR C 110 -8.80 17.75 30.33
N MET C 111 -9.34 18.17 31.47
CA MET C 111 -9.23 17.45 32.73
C MET C 111 -10.62 16.93 33.05
N ASP C 112 -10.81 15.61 33.00
CA ASP C 112 -12.14 15.02 33.06
C ASP C 112 -12.42 14.26 34.34
N VAL C 113 -11.46 13.50 34.87
CA VAL C 113 -11.67 12.69 36.07
C VAL C 113 -10.88 13.34 37.20
N TRP C 114 -11.60 13.81 38.22
CA TRP C 114 -11.01 14.53 39.34
C TRP C 114 -11.15 13.72 40.62
N GLY C 115 -10.26 13.99 41.57
CA GLY C 115 -10.39 13.47 42.91
C GLY C 115 -11.29 14.35 43.74
N ARG C 116 -11.26 14.11 45.05
CA ARG C 116 -12.03 14.91 45.99
C ARG C 116 -11.11 15.89 46.73
N LYS C 117 -11.74 16.79 47.48
CA LYS C 117 -11.00 17.88 48.13
C LYS C 117 -9.96 17.35 49.11
N ILE C 118 -8.80 18.00 49.12
CA ILE C 118 -7.79 17.82 50.15
C ILE C 118 -7.52 19.18 50.75
N THR C 119 -7.66 19.28 52.07
CA THR C 119 -7.54 20.56 52.77
C THR C 119 -6.13 20.72 53.35
N VAL C 120 -5.61 21.93 53.22
CA VAL C 120 -4.30 22.30 53.76
C VAL C 120 -4.44 23.65 54.44
N ILE C 121 -4.04 23.71 55.72
CA ILE C 121 -4.09 24.94 56.50
C ILE C 121 -2.68 25.24 56.98
N VAL C 122 -2.23 26.48 56.75
CA VAL C 122 -0.93 26.94 57.22
C VAL C 122 -1.14 28.23 58.01
N SER C 123 -0.62 28.26 59.23
CA SER C 123 -0.76 29.43 60.08
C SER C 123 0.38 29.53 61.08
N THR D 2 19.55 -4.31 6.29
CA THR D 2 18.52 -3.46 5.74
C THR D 2 18.99 -2.79 4.44
N PHE D 3 18.51 -3.30 3.32
CA PHE D 3 18.88 -2.74 2.02
C PHE D 3 18.20 -1.39 1.81
N THR D 4 18.95 -0.40 1.35
CA THR D 4 18.44 0.93 1.10
C THR D 4 18.73 1.32 -0.34
N TRP D 5 17.73 1.87 -1.02
CA TRP D 5 17.84 2.30 -2.41
C TRP D 5 17.56 3.78 -2.53
N THR D 6 18.24 4.43 -3.46
CA THR D 6 17.99 5.83 -3.78
C THR D 6 18.10 6.01 -5.29
N LEU D 7 17.30 6.93 -5.84
CA LEU D 7 17.47 7.27 -7.25
C LEU D 7 18.77 8.03 -7.49
N SER D 8 19.22 8.81 -6.51
CA SER D 8 20.46 9.56 -6.58
C SER D 8 21.56 8.81 -5.84
N ASP D 9 22.67 9.50 -5.58
CA ASP D 9 23.75 8.94 -4.78
C ASP D 9 23.50 9.15 -3.29
N ASN D 15 26.47 9.96 4.87
CA ASN D 15 25.62 9.06 5.63
C ASN D 15 25.68 7.64 5.07
N PRO D 16 26.59 6.83 5.63
CA PRO D 16 26.71 5.43 5.18
C PRO D 16 25.46 4.65 5.53
N GLY D 17 24.78 4.13 4.51
CA GLY D 17 23.61 3.31 4.69
C GLY D 17 22.30 4.05 4.80
N GLY D 18 22.31 5.38 4.78
CA GLY D 18 21.10 6.15 4.90
C GLY D 18 21.17 7.43 4.10
N TYR D 19 20.07 8.18 4.12
CA TYR D 19 19.99 9.42 3.38
C TYR D 19 20.48 10.59 4.24
N CYS D 20 20.94 11.64 3.57
CA CYS D 20 21.39 12.83 4.28
C CYS D 20 20.88 14.07 3.56
N LEU D 21 20.54 15.09 4.34
CA LEU D 21 19.87 16.28 3.84
C LEU D 21 20.84 17.44 3.70
N THR D 22 20.77 18.13 2.57
CA THR D 22 21.70 19.20 2.23
C THR D 22 21.21 20.54 2.79
N LYS D 23 22.07 21.56 2.70
CA LYS D 23 21.75 22.87 3.25
C LYS D 23 20.56 23.50 2.52
N TRP D 24 20.53 23.42 1.20
CA TRP D 24 19.52 24.15 0.42
C TRP D 24 18.17 23.46 0.44
N MET D 25 18.05 22.27 1.02
CA MET D 25 16.77 21.61 1.18
C MET D 25 16.24 21.65 2.61
N ILE D 26 17.08 21.96 3.59
CA ILE D 26 16.63 22.22 4.95
C ILE D 26 16.40 23.71 5.10
N LEU D 27 15.32 24.08 5.81
CA LEU D 27 14.94 25.49 5.88
C LEU D 27 15.93 26.30 6.71
N ALA D 28 16.14 25.91 7.96
CA ALA D 28 16.88 26.74 8.93
C ALA D 28 17.94 25.92 9.64
N ALA D 29 18.75 25.19 8.87
CA ALA D 29 19.89 24.49 9.43
C ALA D 29 20.89 24.23 8.32
N GLU D 30 22.09 23.80 8.72
CA GLU D 30 23.13 23.49 7.75
C GLU D 30 23.20 22.01 7.41
N LEU D 31 22.94 21.12 8.37
CA LEU D 31 22.97 19.69 8.10
C LEU D 31 22.20 18.96 9.20
N LYS D 32 21.06 18.39 8.84
CA LYS D 32 20.33 17.47 9.70
C LYS D 32 20.02 16.23 8.88
N CYS D 33 20.43 15.06 9.36
CA CYS D 33 20.12 13.84 8.64
C CYS D 33 20.25 12.63 9.56
N PHE D 34 19.78 11.50 9.05
CA PHE D 34 19.28 10.39 9.86
C PHE D 34 20.02 9.10 9.53
N GLY D 35 19.95 8.15 10.46
CA GLY D 35 20.68 6.91 10.36
C GLY D 35 20.04 5.88 9.44
N ASN D 36 20.67 4.72 9.38
CA ASN D 36 20.23 3.65 8.49
C ASN D 36 18.88 3.09 8.91
N THR D 37 18.67 2.91 10.21
CA THR D 37 17.49 2.20 10.69
C THR D 37 16.20 2.92 10.29
N ALA D 38 16.18 4.25 10.40
CA ALA D 38 14.96 5.00 10.12
C ALA D 38 14.70 5.09 8.62
N VAL D 39 15.75 5.25 7.81
CA VAL D 39 15.57 5.43 6.37
C VAL D 39 15.01 4.16 5.74
N ALA D 40 15.42 2.99 6.25
CA ALA D 40 14.94 1.73 5.67
C ALA D 40 13.41 1.62 5.76
N LYS D 41 12.83 2.13 6.84
CA LYS D 41 11.37 2.05 6.98
C LYS D 41 10.66 2.86 5.91
N CYS D 42 11.24 3.97 5.47
CA CYS D 42 10.65 4.74 4.40
C CYS D 42 10.80 4.05 3.04
N ASN D 43 11.76 3.15 2.89
CA ASN D 43 11.94 2.41 1.66
C ASN D 43 11.15 1.11 1.64
N VAL D 44 10.39 0.83 2.70
CA VAL D 44 9.54 -0.36 2.75
C VAL D 44 8.08 -0.03 3.02
N ASN D 45 7.76 1.09 3.66
CA ASN D 45 6.40 1.38 4.07
C ASN D 45 5.95 2.72 3.50
N HIS D 46 4.64 2.95 3.53
CA HIS D 46 4.03 4.14 2.96
C HIS D 46 2.96 4.72 3.89
N ASP D 47 3.11 4.52 5.20
CA ASP D 47 2.17 5.05 6.17
C ASP D 47 2.64 6.35 6.80
N GLU D 48 3.93 6.67 6.71
CA GLU D 48 4.49 7.87 7.32
C GLU D 48 4.55 8.98 6.29
N GLU D 49 4.12 10.17 6.69
CA GLU D 49 4.09 11.30 5.77
C GLU D 49 5.49 11.86 5.52
N PHE D 50 6.43 11.57 6.40
CA PHE D 50 7.81 12.01 6.21
C PHE D 50 8.44 11.33 5.00
N CYS D 51 8.12 10.05 4.80
CA CYS D 51 8.74 9.28 3.72
C CYS D 51 8.34 9.81 2.35
N ASP D 52 7.13 10.36 2.21
CA ASP D 52 6.73 10.95 0.95
C ASP D 52 7.59 12.17 0.61
N MET D 53 8.18 12.80 1.63
CA MET D 53 9.09 13.91 1.38
C MET D 53 10.44 13.42 0.86
N LEU D 54 10.97 12.34 1.43
CA LEU D 54 12.26 11.83 0.97
C LEU D 54 12.19 11.37 -0.48
N ARG D 55 11.09 10.72 -0.86
CA ARG D 55 10.92 10.30 -2.25
C ARG D 55 10.84 11.49 -3.19
N LEU D 56 10.24 12.60 -2.74
CA LEU D 56 10.21 13.80 -3.57
C LEU D 56 11.56 14.49 -3.63
N ILE D 57 12.26 14.56 -2.49
CA ILE D 57 13.61 15.12 -2.49
C ILE D 57 14.55 14.28 -3.33
N ASP D 58 14.48 12.96 -3.19
CA ASP D 58 15.37 12.07 -3.94
C ASP D 58 15.12 12.19 -5.44
N TYR D 59 13.86 12.22 -5.85
CA TYR D 59 13.54 12.34 -7.28
C TYR D 59 14.03 13.68 -7.83
N ASN D 60 13.84 14.76 -7.08
CA ASN D 60 14.23 16.08 -7.56
C ASN D 60 15.75 16.17 -7.75
N LYS D 61 16.51 15.59 -6.82
CA LYS D 61 17.96 15.66 -6.93
C LYS D 61 18.46 14.90 -8.16
N ALA D 62 17.91 13.72 -8.43
CA ALA D 62 18.31 12.95 -9.60
C ALA D 62 17.87 13.62 -10.89
N ALA D 63 16.66 14.19 -10.90
CA ALA D 63 16.15 14.79 -12.13
C ALA D 63 16.97 16.00 -12.55
N LEU D 64 17.46 16.79 -11.59
CA LEU D 64 18.20 17.99 -11.93
C LEU D 64 19.59 17.65 -12.46
N SER D 65 20.23 16.63 -11.89
CA SER D 65 21.61 16.32 -12.27
C SER D 65 21.69 15.68 -13.66
N LYS D 66 20.72 14.84 -14.00
CA LYS D 66 20.81 14.02 -15.20
C LYS D 66 20.05 14.58 -16.39
N PHE D 67 19.07 15.46 -16.17
CA PHE D 67 18.26 16.00 -17.23
C PHE D 67 18.39 17.52 -17.25
N LYS D 68 18.50 18.08 -18.45
CA LYS D 68 18.57 19.53 -18.58
C LYS D 68 17.24 20.15 -18.20
N PRO D 69 17.24 21.38 -17.70
CA PRO D 69 16.00 22.01 -17.24
C PRO D 69 14.97 22.14 -18.36
N ASP D 70 13.75 21.70 -18.07
CA ASP D 70 12.61 21.86 -18.97
C ASP D 70 11.36 21.62 -18.15
N VAL D 71 10.44 22.59 -18.14
CA VAL D 71 9.28 22.49 -17.27
C VAL D 71 8.08 21.86 -17.98
N GLU D 72 8.00 21.98 -19.30
CA GLU D 72 6.87 21.39 -20.02
C GLU D 72 6.91 19.87 -19.95
N SER D 73 8.11 19.29 -19.96
CA SER D 73 8.27 17.85 -19.89
C SER D 73 8.42 17.33 -18.47
N ALA D 74 8.91 18.16 -17.55
CA ALA D 74 8.99 17.74 -16.16
C ALA D 74 7.60 17.65 -15.53
N LEU D 75 6.71 18.55 -15.92
CA LEU D 75 5.34 18.51 -15.40
C LEU D 75 4.61 17.25 -15.86
N HIS D 76 4.76 16.90 -17.14
CA HIS D 76 4.05 15.73 -17.66
C HIS D 76 4.52 14.45 -16.99
N LEU D 77 5.83 14.29 -16.81
CA LEU D 77 6.33 13.12 -16.10
C LEU D 77 5.89 13.11 -14.65
N PHE D 78 5.63 14.29 -14.08
CA PHE D 78 5.10 14.34 -12.72
C PHE D 78 3.71 13.75 -12.65
N LYS D 79 2.83 14.16 -13.57
CA LYS D 79 1.44 13.71 -13.52
C LYS D 79 1.33 12.22 -13.77
N THR D 80 2.00 11.71 -14.80
CA THR D 80 1.87 10.30 -15.14
C THR D 80 2.63 9.40 -14.18
N THR D 81 3.84 9.81 -13.79
CA THR D 81 4.76 8.91 -13.10
C THR D 81 4.98 9.24 -11.65
N VAL D 82 5.23 10.51 -11.31
CA VAL D 82 5.73 10.83 -9.98
C VAL D 82 4.63 10.83 -8.91
N ASN D 83 3.36 10.94 -9.29
CA ASN D 83 2.28 10.85 -8.29
C ASN D 83 2.34 9.54 -7.53
N SER D 84 2.83 8.47 -8.16
CA SER D 84 2.93 7.19 -7.48
C SER D 84 3.91 7.22 -6.32
N LEU D 85 4.78 8.22 -6.26
CA LEU D 85 5.71 8.37 -5.15
C LEU D 85 5.10 9.05 -3.94
N ILE D 86 3.86 9.51 -4.04
CA ILE D 86 3.15 10.16 -2.94
C ILE D 86 2.07 9.19 -2.46
N SER D 87 2.05 8.90 -1.17
CA SER D 87 1.05 8.00 -0.60
C SER D 87 -0.34 8.59 -0.77
N ASP D 88 -1.17 7.95 -1.60
CA ASP D 88 -2.47 8.51 -1.93
C ASP D 88 -3.40 8.53 -0.72
N GLN D 89 -3.35 7.48 0.09
CA GLN D 89 -4.24 7.41 1.25
C GLN D 89 -3.94 8.52 2.25
N LEU D 90 -2.65 8.80 2.48
CA LEU D 90 -2.27 9.87 3.39
C LEU D 90 -2.69 11.23 2.86
N LEU D 91 -2.56 11.43 1.54
CA LEU D 91 -2.91 12.73 0.96
C LEU D 91 -4.39 13.03 1.15
N MET D 92 -5.25 12.04 0.94
CA MET D 92 -6.69 12.24 1.09
C MET D 92 -7.11 12.31 2.56
N ARG D 93 -6.36 11.66 3.45
CA ARG D 93 -6.68 11.73 4.87
C ARG D 93 -6.47 13.13 5.42
N ASN D 94 -5.32 13.72 5.14
CA ASN D 94 -5.02 15.06 5.64
C ASN D 94 -5.98 16.10 5.06
N HIS D 95 -6.45 15.87 3.84
CA HIS D 95 -7.49 16.73 3.29
C HIS D 95 -8.78 16.61 4.08
N LEU D 96 -9.10 15.40 4.54
CA LEU D 96 -10.29 15.20 5.36
C LEU D 96 -10.10 15.82 6.74
N ARG D 97 -8.89 15.76 7.28
CA ARG D 97 -8.64 16.39 8.58
C ARG D 97 -8.60 17.92 8.44
N ASP D 98 -8.24 18.43 7.27
CA ASP D 98 -8.26 19.86 7.05
C ASP D 98 -9.68 20.41 6.94
N LEU D 99 -10.58 19.68 6.29
CA LEU D 99 -11.94 20.15 6.10
C LEU D 99 -12.78 20.10 7.38
N MET D 100 -12.35 19.32 8.37
CA MET D 100 -13.10 19.14 9.61
C MET D 100 -12.58 20.00 10.75
N CYS D 101 -11.62 20.88 10.47
CA CYS D 101 -11.00 21.74 11.48
C CYS D 101 -10.47 20.92 12.66
N VAL D 102 -9.56 20.02 12.33
CA VAL D 102 -8.77 19.30 13.33
C VAL D 102 -7.31 19.39 12.91
N PRO D 103 -6.37 19.23 13.85
CA PRO D 103 -4.95 19.37 13.51
C PRO D 103 -4.50 18.48 12.36
N TYR D 104 -4.09 19.09 11.26
CA TYR D 104 -3.62 18.39 10.07
C TYR D 104 -2.18 18.78 9.78
N CYS D 105 -1.68 18.34 8.63
CA CYS D 105 -0.28 18.48 8.24
C CYS D 105 -0.22 18.97 6.81
N ASN D 106 0.56 20.03 6.56
CA ASN D 106 0.85 20.38 5.17
C ASN D 106 2.23 19.93 4.74
N TYR D 107 2.82 18.97 5.45
CA TYR D 107 4.03 18.25 5.04
C TYR D 107 5.30 19.07 5.24
N SER D 108 5.26 20.13 6.04
CA SER D 108 6.39 21.05 6.13
C SER D 108 7.35 20.70 7.27
N LYS D 109 6.86 20.73 8.50
CA LYS D 109 7.71 20.54 9.67
C LYS D 109 7.47 19.15 10.25
N PHE D 110 8.56 18.50 10.65
CA PHE D 110 8.51 17.16 11.23
C PHE D 110 9.37 17.16 12.48
N TRP D 111 9.02 16.26 13.41
CA TRP D 111 9.77 16.12 14.66
C TRP D 111 10.16 14.67 14.85
N TYR D 112 11.29 14.47 15.53
CA TYR D 112 11.81 13.14 15.79
C TYR D 112 12.63 13.18 17.06
N LEU D 113 13.09 12.01 17.49
CA LEU D 113 13.99 11.87 18.62
C LEU D 113 15.30 11.28 18.15
N GLU D 114 16.41 11.88 18.58
CA GLU D 114 17.74 11.40 18.24
C GLU D 114 18.42 10.93 19.51
N HIS D 115 18.99 9.72 19.47
CA HIS D 115 19.71 9.22 20.63
C HIS D 115 20.96 10.06 20.87
N ALA D 116 21.23 10.33 22.14
CA ALA D 116 22.34 11.23 22.48
C ALA D 116 23.68 10.66 22.03
N LYS D 117 23.90 9.35 22.24
CA LYS D 117 25.19 8.74 21.95
C LYS D 117 25.19 7.96 20.64
N THR D 118 24.31 6.96 20.52
CA THR D 118 24.39 6.02 19.41
C THR D 118 24.01 6.65 18.07
N GLY D 119 23.32 7.79 18.07
CA GLY D 119 22.86 8.39 16.85
C GLY D 119 21.60 7.79 16.28
N GLU D 120 20.97 6.85 16.99
CA GLU D 120 19.71 6.29 16.54
C GLU D 120 18.65 7.37 16.47
N THR D 121 17.82 7.31 15.44
CA THR D 121 16.84 8.34 15.15
C THR D 121 15.51 7.71 14.80
N SER D 122 14.44 8.19 15.43
CA SER D 122 13.10 7.72 15.12
C SER D 122 12.67 8.20 13.75
N VAL D 123 11.65 7.56 13.20
CA VAL D 123 11.07 8.03 11.95
C VAL D 123 10.36 9.34 12.25
N PRO D 124 10.75 10.45 11.61
CA PRO D 124 10.12 11.74 11.92
C PRO D 124 8.62 11.71 11.67
N LYS D 125 7.89 12.36 12.57
CA LYS D 125 6.45 12.49 12.49
C LYS D 125 6.09 13.95 12.24
N CYS D 126 5.02 14.17 11.48
CA CYS D 126 4.71 15.53 11.06
C CYS D 126 4.33 16.41 12.24
N TRP D 127 4.72 17.67 12.16
CA TRP D 127 4.29 18.68 13.11
C TRP D 127 2.98 19.28 12.61
N LEU D 128 1.96 19.22 13.44
CA LEU D 128 0.59 19.42 12.98
C LEU D 128 0.16 20.86 13.17
N VAL D 129 -0.64 21.36 12.22
CA VAL D 129 -1.05 22.76 12.20
C VAL D 129 -2.57 22.83 12.23
N THR D 130 -3.10 23.77 13.01
CA THR D 130 -4.52 24.06 13.03
C THR D 130 -4.71 25.53 13.32
N ASN D 131 -5.77 26.09 12.75
CA ASN D 131 -6.08 27.52 12.89
C ASN D 131 -4.92 28.40 12.43
N GLY D 132 -4.13 27.90 11.48
CA GLY D 132 -2.97 28.63 11.01
C GLY D 132 -1.87 28.81 12.03
N ALA D 133 -1.58 27.78 12.82
CA ALA D 133 -0.54 27.87 13.83
C ALA D 133 -0.04 26.47 14.17
N TYR D 134 1.28 26.35 14.32
CA TYR D 134 1.87 25.09 14.76
C TYR D 134 1.57 24.87 16.25
N LEU D 135 1.43 23.60 16.62
CA LEU D 135 1.23 23.23 18.00
C LEU D 135 2.55 23.26 18.75
N ASN D 136 2.53 23.72 20.00
CA ASN D 136 3.73 23.61 20.82
C ASN D 136 4.04 22.14 21.13
N GLU D 137 5.29 21.92 21.53
CA GLU D 137 5.74 20.58 21.92
C GLU D 137 4.94 20.06 23.11
N THR D 138 4.41 20.96 23.95
CA THR D 138 3.63 20.53 25.10
C THR D 138 2.23 20.05 24.72
N HIS D 139 1.77 20.37 23.52
CA HIS D 139 0.42 19.94 23.12
C HIS D 139 0.36 18.45 22.85
N PHE D 140 1.45 17.84 22.40
CA PHE D 140 1.52 16.40 22.18
C PHE D 140 2.64 15.78 23.02
N SER D 141 2.78 16.25 24.25
CA SER D 141 3.86 15.78 25.11
C SER D 141 3.74 14.30 25.43
N ASP D 142 2.52 13.83 25.71
CA ASP D 142 2.33 12.41 25.99
C ASP D 142 2.59 11.53 24.77
N GLN D 143 2.38 12.08 23.58
CA GLN D 143 2.72 11.35 22.36
C GLN D 143 4.23 11.15 22.25
N ILE D 144 5.01 12.17 22.62
CA ILE D 144 6.47 12.04 22.59
C ILE D 144 6.94 11.01 23.60
N GLU D 145 6.35 11.02 24.81
CA GLU D 145 6.70 10.02 25.81
C GLU D 145 6.42 8.61 25.32
N GLN D 146 5.39 8.45 24.50
CA GLN D 146 5.10 7.14 23.93
C GLN D 146 6.14 6.74 22.90
N GLU D 147 6.58 7.68 22.07
CA GLU D 147 7.59 7.38 21.06
C GLU D 147 8.92 7.01 21.70
N ALA D 148 9.28 7.69 22.80
CA ALA D 148 10.53 7.39 23.48
C ALA D 148 10.54 5.96 24.02
N ASP D 149 9.38 5.44 24.42
CA ASP D 149 9.31 4.06 24.87
C ASP D 149 9.37 3.06 23.73
N ASN D 150 8.95 3.46 22.52
CA ASN D 150 9.11 2.59 21.36
C ASN D 150 10.58 2.33 21.06
N MET D 151 11.43 3.36 21.16
CA MET D 151 12.86 3.16 20.96
C MET D 151 13.44 2.22 22.00
N ILE D 152 13.04 2.38 23.27
CA ILE D 152 13.65 1.60 24.34
C ILE D 152 13.44 0.12 24.11
N THR D 153 12.20 -0.28 23.80
CA THR D 153 11.93 -1.68 23.48
C THR D 153 12.64 -2.09 22.20
N GLU D 154 12.62 -1.23 21.18
CA GLU D 154 13.22 -1.58 19.89
C GLU D 154 14.73 -1.75 20.01
N MET D 155 15.40 -0.86 20.76
CA MET D 155 16.84 -0.98 20.92
C MET D 155 17.22 -2.07 21.90
N LEU D 156 16.42 -2.27 22.96
CA LEU D 156 16.73 -3.34 23.91
C LEU D 156 16.52 -4.71 23.31
N ARG D 157 15.63 -4.82 22.32
CA ARG D 157 15.44 -6.09 21.63
C ARG D 157 16.72 -6.51 20.93
N LYS D 158 17.40 -5.55 20.28
CA LYS D 158 18.67 -5.84 19.61
C LYS D 158 19.81 -5.96 20.61
N ASP D 159 19.72 -5.27 21.75
CA ASP D 159 20.82 -5.27 22.72
C ASP D 159 20.95 -6.62 23.41
N TYR D 160 19.83 -7.26 23.75
CA TYR D 160 19.88 -8.54 24.44
C TYR D 160 20.45 -9.62 23.52
N ILE D 161 19.93 -9.71 22.30
CA ILE D 161 20.35 -10.78 21.40
C ILE D 161 21.80 -10.62 20.98
N LYS D 162 22.30 -9.38 20.95
CA LYS D 162 23.68 -9.07 20.55
C LYS D 162 23.97 -9.56 19.13
N ASP E 26 -17.03 -22.02 20.22
CA ASP E 26 -16.90 -22.17 21.67
C ASP E 26 -15.62 -21.50 22.15
N ILE E 27 -14.71 -22.30 22.71
CA ILE E 27 -13.47 -21.81 23.30
C ILE E 27 -12.31 -22.56 22.69
N TYR E 28 -11.27 -21.82 22.29
CA TYR E 28 -10.09 -22.38 21.66
C TYR E 28 -8.87 -22.19 22.56
N LYS E 29 -8.09 -23.26 22.72
CA LYS E 29 -6.91 -23.28 23.57
C LYS E 29 -7.26 -23.07 25.04
N GLY E 30 -8.55 -22.98 25.33
CA GLY E 30 -9.04 -22.85 26.69
C GLY E 30 -9.17 -21.43 27.19
N VAL E 31 -8.49 -20.47 26.57
CA VAL E 31 -8.48 -19.10 27.09
C VAL E 31 -8.79 -18.09 25.99
N TYR E 32 -9.27 -18.56 24.83
CA TYR E 32 -9.81 -17.68 23.81
C TYR E 32 -11.13 -18.24 23.32
N GLN E 33 -12.07 -17.35 23.00
CA GLN E 33 -13.41 -17.73 22.59
C GLN E 33 -13.74 -17.15 21.22
N PHE E 34 -14.43 -17.95 20.41
CA PHE E 34 -14.80 -17.54 19.06
C PHE E 34 -16.05 -16.69 19.08
N LYS E 35 -15.99 -15.53 18.44
CA LYS E 35 -17.14 -14.63 18.36
C LYS E 35 -17.08 -13.86 17.05
N SER E 36 -18.22 -13.33 16.64
CA SER E 36 -18.37 -12.69 15.35
C SER E 36 -19.07 -11.36 15.47
N VAL E 37 -18.75 -10.45 14.55
CA VAL E 37 -19.37 -9.13 14.46
C VAL E 37 -19.92 -8.98 13.05
N GLU E 38 -21.17 -8.56 12.94
CA GLU E 38 -21.79 -8.30 11.64
C GLU E 38 -22.22 -6.84 11.58
N PHE E 39 -21.78 -6.13 10.55
CA PHE E 39 -22.00 -4.70 10.46
C PHE E 39 -23.36 -4.38 9.87
N ASP E 40 -24.12 -3.54 10.57
CA ASP E 40 -25.38 -3.00 10.06
C ASP E 40 -25.02 -1.75 9.28
N MET E 41 -24.78 -1.93 7.98
CA MET E 41 -24.36 -0.83 7.13
C MET E 41 -25.55 -0.13 6.46
N SER E 42 -26.70 -0.09 7.11
CA SER E 42 -27.81 0.72 6.68
C SER E 42 -27.74 2.14 7.24
N HIS E 43 -26.71 2.44 8.02
CA HIS E 43 -26.50 3.78 8.57
C HIS E 43 -25.46 4.58 7.79
N LEU E 44 -24.80 3.98 6.80
CA LEU E 44 -23.86 4.68 5.94
C LEU E 44 -24.58 5.36 4.78
N ASN E 45 -25.91 5.31 4.77
CA ASN E 45 -26.74 5.83 3.70
C ASN E 45 -26.61 7.33 3.48
N LEU E 46 -26.31 8.11 4.52
CA LEU E 46 -26.25 9.56 4.31
C LEU E 46 -24.99 9.97 3.55
N THR E 47 -23.85 9.34 3.83
CA THR E 47 -22.57 9.79 3.29
C THR E 47 -22.15 9.04 2.04
N MET E 48 -22.07 7.70 2.11
CA MET E 48 -21.61 6.93 0.96
C MET E 48 -22.76 6.17 0.32
N PRO E 49 -22.72 5.97 -1.01
CA PRO E 49 -23.87 5.36 -1.70
C PRO E 49 -24.01 3.87 -1.44
N ASN E 50 -24.97 3.24 -2.11
CA ASN E 50 -25.27 1.83 -1.89
C ASN E 50 -25.82 1.24 -3.17
N ALA E 51 -25.50 -0.03 -3.41
CA ALA E 51 -25.95 -0.76 -4.59
C ALA E 51 -26.48 -2.12 -4.17
N CYS E 52 -27.77 -2.36 -4.42
CA CYS E 52 -28.43 -3.59 -4.00
C CYS E 52 -29.03 -4.33 -5.19
N SER E 53 -29.52 -5.53 -4.90
CA SER E 53 -30.20 -6.35 -5.89
C SER E 53 -31.26 -7.17 -5.15
N ALA E 54 -32.54 -6.80 -5.33
CA ALA E 54 -33.61 -7.49 -4.63
C ALA E 54 -33.75 -8.93 -5.11
N ASN E 55 -33.84 -9.12 -6.42
CA ASN E 55 -33.90 -10.45 -7.02
C ASN E 55 -33.25 -10.37 -8.40
N ASN E 56 -33.53 -11.36 -9.25
CA ASN E 56 -32.91 -11.40 -10.56
C ASN E 56 -33.27 -10.17 -11.38
N SER E 57 -34.53 -9.75 -11.35
CA SER E 57 -34.99 -8.71 -12.26
C SER E 57 -34.73 -7.30 -11.74
N HIS E 58 -34.75 -7.08 -10.42
CA HIS E 58 -34.74 -5.75 -9.85
C HIS E 58 -33.46 -5.51 -9.06
N HIS E 59 -32.81 -4.37 -9.32
CA HIS E 59 -31.61 -3.95 -8.60
C HIS E 59 -31.73 -2.47 -8.28
N TYR E 60 -31.05 -2.05 -7.21
CA TYR E 60 -31.21 -0.71 -6.66
C TYR E 60 -29.86 -0.07 -6.36
N ILE E 61 -29.70 1.17 -6.80
CA ILE E 61 -28.58 2.02 -6.40
C ILE E 61 -29.16 3.27 -5.76
N SER E 62 -28.69 3.60 -4.54
CA SER E 62 -29.28 4.69 -3.78
C SER E 62 -28.20 5.55 -3.16
N MET E 63 -28.53 6.82 -2.94
CA MET E 63 -27.67 7.77 -2.24
C MET E 63 -28.56 8.58 -1.32
N GLY E 64 -28.43 8.37 -0.01
CA GLY E 64 -29.30 9.03 0.94
C GLY E 64 -30.71 8.51 0.85
N THR E 65 -31.62 9.34 0.32
CA THR E 65 -32.99 8.90 0.05
C THR E 65 -33.28 8.79 -1.44
N SER E 66 -32.46 9.40 -2.30
CA SER E 66 -32.62 9.26 -3.73
C SER E 66 -32.07 7.92 -4.20
N GLY E 67 -32.76 7.29 -5.15
CA GLY E 67 -32.37 5.98 -5.60
C GLY E 67 -32.66 5.80 -7.08
N LEU E 68 -32.17 4.68 -7.61
CA LEU E 68 -32.36 4.32 -9.01
C LEU E 68 -32.99 2.94 -9.10
N GLU E 69 -33.78 2.74 -10.15
CA GLU E 69 -34.49 1.48 -10.39
C GLU E 69 -33.89 0.82 -11.62
N LEU E 70 -33.28 -0.35 -11.43
CA LEU E 70 -32.64 -1.10 -12.51
C LEU E 70 -33.42 -2.40 -12.69
N THR E 71 -34.31 -2.42 -13.67
CA THR E 71 -35.16 -3.57 -13.95
C THR E 71 -34.75 -4.21 -15.26
N PHE E 72 -34.48 -5.52 -15.21
CA PHE E 72 -34.29 -6.32 -16.42
C PHE E 72 -35.64 -6.74 -16.98
N THR E 73 -36.50 -5.75 -17.20
CA THR E 73 -37.81 -6.03 -17.76
C THR E 73 -37.66 -6.58 -19.18
N ASN E 74 -38.65 -7.36 -19.60
CA ASN E 74 -38.53 -8.09 -20.86
C ASN E 74 -39.54 -7.55 -21.87
N ASP E 75 -40.05 -6.34 -21.60
CA ASP E 75 -40.93 -5.60 -22.50
C ASP E 75 -40.53 -4.14 -22.49
N SER E 76 -40.73 -3.48 -23.63
CA SER E 76 -40.24 -2.12 -23.81
C SER E 76 -41.08 -1.10 -23.05
N ILE E 77 -40.43 -0.01 -22.66
CA ILE E 77 -41.10 1.13 -22.05
C ILE E 77 -40.98 2.38 -22.91
N ILE E 78 -39.81 2.63 -23.49
CA ILE E 78 -39.56 3.77 -24.35
C ILE E 78 -39.48 3.27 -25.78
N SER E 79 -40.22 3.90 -26.69
CA SER E 79 -40.28 3.50 -28.08
C SER E 79 -39.61 4.47 -29.04
N HIS E 80 -39.62 5.77 -28.74
CA HIS E 80 -39.00 6.76 -29.61
C HIS E 80 -37.49 6.58 -29.63
N ASN E 81 -36.89 6.87 -30.78
CA ASN E 81 -35.44 6.71 -30.96
C ASN E 81 -34.76 8.08 -30.81
N PHE E 82 -34.73 8.56 -29.56
CA PHE E 82 -34.09 9.82 -29.22
C PHE E 82 -33.41 9.71 -27.87
N CYS E 83 -32.16 10.17 -27.79
CA CYS E 83 -31.45 10.37 -26.52
C CYS E 83 -30.68 11.68 -26.64
N ASN E 84 -31.27 12.78 -26.20
CA ASN E 84 -30.60 14.07 -26.18
C ASN E 84 -30.49 14.56 -24.74
N LEU E 85 -29.30 15.03 -24.37
CA LEU E 85 -29.07 15.62 -23.06
C LEU E 85 -28.85 17.13 -23.13
N THR E 86 -28.99 17.72 -24.32
CA THR E 86 -28.87 19.17 -24.44
C THR E 86 -29.98 19.88 -23.67
N SER E 87 -31.22 19.40 -23.81
CA SER E 87 -32.33 20.01 -23.11
C SER E 87 -32.39 19.60 -21.63
N ALA E 88 -31.97 18.37 -21.32
CA ALA E 88 -32.14 17.86 -19.96
C ALA E 88 -31.35 18.68 -18.95
N PHE E 89 -30.12 19.07 -19.29
CA PHE E 89 -29.28 19.81 -18.37
C PHE E 89 -29.87 21.18 -18.06
N ASN E 90 -30.45 21.84 -19.07
CA ASN E 90 -31.00 23.18 -18.90
C ASN E 90 -32.49 23.12 -18.57
N LYS E 91 -32.80 22.50 -17.44
CA LYS E 91 -34.17 22.42 -16.93
C LYS E 91 -34.17 22.74 -15.45
N LYS E 92 -35.32 23.25 -14.98
CA LYS E 92 -35.47 23.51 -13.55
C LYS E 92 -35.45 22.21 -12.75
N THR E 93 -36.15 21.19 -13.22
CA THR E 93 -36.14 19.88 -12.59
C THR E 93 -34.96 19.09 -13.15
N PHE E 94 -33.96 18.84 -12.30
CA PHE E 94 -32.79 18.09 -12.71
C PHE E 94 -32.07 17.64 -11.45
N ASP E 95 -31.96 16.33 -11.24
CA ASP E 95 -31.33 15.79 -10.04
C ASP E 95 -29.86 15.58 -10.34
N HIS E 96 -29.00 16.32 -9.63
CA HIS E 96 -27.56 16.18 -9.83
C HIS E 96 -27.00 14.93 -9.18
N THR E 97 -27.56 14.51 -8.05
CA THR E 97 -27.07 13.31 -7.39
C THR E 97 -27.30 12.08 -8.24
N LEU E 98 -28.50 11.93 -8.80
CA LEU E 98 -28.83 10.74 -9.57
C LEU E 98 -28.16 10.78 -10.94
N MET E 99 -28.16 11.94 -11.60
CA MET E 99 -27.53 12.04 -12.91
C MET E 99 -26.02 11.84 -12.83
N SER E 100 -25.41 12.07 -11.67
CA SER E 100 -24.02 11.66 -11.47
C SER E 100 -23.89 10.14 -11.52
N ILE E 101 -24.85 9.43 -10.94
CA ILE E 101 -24.80 7.97 -10.92
C ILE E 101 -25.04 7.41 -12.32
N VAL E 102 -26.02 7.95 -13.04
CA VAL E 102 -26.31 7.47 -14.39
C VAL E 102 -25.13 7.71 -15.31
N SER E 103 -24.49 8.88 -15.19
CA SER E 103 -23.32 9.17 -16.02
C SER E 103 -22.14 8.28 -15.65
N SER E 104 -22.04 7.85 -14.39
CA SER E 104 -20.97 6.94 -14.02
C SER E 104 -21.20 5.55 -14.60
N LEU E 105 -22.46 5.12 -14.67
CA LEU E 105 -22.77 3.78 -15.16
C LEU E 105 -22.66 3.71 -16.68
N HIS E 106 -23.04 4.77 -17.38
CA HIS E 106 -23.03 4.74 -18.83
C HIS E 106 -21.60 4.70 -19.38
N LEU E 107 -20.67 5.37 -18.71
CA LEU E 107 -19.28 5.39 -19.16
C LEU E 107 -18.50 4.18 -18.70
N SER E 108 -19.11 3.27 -17.94
CA SER E 108 -18.47 2.01 -17.58
C SER E 108 -18.82 0.89 -18.54
N ILE E 109 -19.62 1.16 -19.57
CA ILE E 109 -19.98 0.15 -20.56
C ILE E 109 -18.82 -0.06 -21.51
N ARG E 110 -18.42 -1.31 -21.68
CA ARG E 110 -17.26 -1.64 -22.51
C ARG E 110 -17.48 -1.19 -23.94
N GLY E 111 -16.41 -0.68 -24.56
CA GLY E 111 -16.54 -0.17 -25.90
C GLY E 111 -17.29 1.16 -25.90
N ASN E 112 -17.99 1.43 -26.99
CA ASN E 112 -18.79 2.63 -27.14
C ASN E 112 -20.26 2.25 -27.27
N SER E 113 -21.11 2.90 -26.49
CA SER E 113 -22.54 2.63 -26.54
C SER E 113 -23.13 3.22 -27.82
N ASN E 114 -23.94 2.42 -28.51
CA ASN E 114 -24.60 2.86 -29.73
C ASN E 114 -25.90 3.57 -29.38
N TYR E 115 -26.06 4.79 -29.90
CA TYR E 115 -27.32 5.50 -29.73
C TYR E 115 -28.45 4.91 -30.56
N LYS E 116 -28.14 3.96 -31.44
CA LYS E 116 -29.18 3.16 -32.07
C LYS E 116 -29.81 2.18 -31.10
N ALA E 117 -29.18 1.95 -29.95
CA ALA E 117 -29.66 0.97 -28.98
C ALA E 117 -29.91 1.54 -27.60
N VAL E 118 -29.74 2.85 -27.41
CA VAL E 118 -29.99 3.49 -26.13
C VAL E 118 -30.96 4.64 -26.37
N SER E 119 -32.12 4.57 -25.74
CA SER E 119 -33.13 5.63 -25.81
C SER E 119 -33.23 6.30 -24.44
N CYS E 120 -33.51 7.60 -24.46
CA CYS E 120 -33.49 8.42 -23.26
C CYS E 120 -34.75 9.26 -23.18
N ASP E 121 -35.17 9.57 -21.96
CA ASP E 121 -36.28 10.49 -21.76
C ASP E 121 -36.09 11.19 -20.42
N PHE E 122 -36.16 12.52 -20.43
CA PHE E 122 -35.94 13.32 -19.23
C PHE E 122 -37.04 14.36 -19.03
N ASN E 123 -38.26 14.05 -19.48
CA ASN E 123 -39.36 14.99 -19.27
C ASN E 123 -39.74 15.07 -17.79
N ASN E 124 -39.86 13.92 -17.13
CA ASN E 124 -40.22 13.86 -15.72
C ASN E 124 -39.40 12.74 -15.08
N GLY E 125 -38.27 13.11 -14.49
CA GLY E 125 -37.39 12.14 -13.88
C GLY E 125 -36.37 11.62 -14.89
N ILE E 126 -35.65 10.58 -14.45
CA ILE E 126 -34.60 9.96 -15.24
C ILE E 126 -35.11 8.61 -15.71
N THR E 127 -35.17 8.42 -17.02
CA THR E 127 -35.46 7.09 -17.58
C THR E 127 -34.67 6.93 -18.88
N ILE E 128 -33.85 5.88 -18.93
CA ILE E 128 -33.07 5.53 -20.11
C ILE E 128 -33.20 4.04 -20.33
N GLN E 129 -33.30 3.64 -21.60
CA GLN E 129 -33.59 2.26 -21.97
C GLN E 129 -32.45 1.67 -22.78
N TYR E 130 -32.01 0.49 -22.38
CA TYR E 130 -30.99 -0.28 -23.10
C TYR E 130 -31.65 -1.42 -23.86
N ASN E 131 -31.34 -1.54 -25.14
CA ASN E 131 -32.11 -2.44 -25.99
C ASN E 131 -31.68 -3.89 -25.85
N LEU E 132 -30.37 -4.16 -25.85
CA LEU E 132 -29.82 -5.47 -25.48
C LEU E 132 -30.38 -6.63 -26.30
N THR E 133 -30.92 -6.37 -27.49
CA THR E 133 -31.36 -7.43 -28.38
C THR E 133 -30.39 -7.57 -29.54
N PHE E 134 -30.12 -8.82 -29.92
CA PHE E 134 -29.02 -9.10 -30.84
C PHE E 134 -29.25 -8.48 -32.21
N SER E 135 -30.46 -8.61 -32.75
CA SER E 135 -30.80 -8.15 -34.10
C SER E 135 -29.86 -8.75 -35.14
N SER E 142 -19.78 -15.08 -29.93
CA SER E 142 -20.99 -14.49 -30.49
C SER E 142 -21.95 -14.10 -29.38
N GLN E 143 -21.60 -14.45 -28.15
CA GLN E 143 -22.46 -14.18 -26.99
C GLN E 143 -21.89 -13.10 -26.07
N CYS E 144 -20.57 -13.08 -25.85
CA CYS E 144 -19.93 -12.05 -25.06
C CYS E 144 -19.42 -10.90 -25.90
N ARG E 145 -19.54 -10.98 -27.22
CA ARG E 145 -19.09 -9.94 -28.13
C ARG E 145 -20.23 -9.03 -28.57
N THR E 146 -21.42 -9.21 -28.03
CA THR E 146 -22.58 -8.42 -28.40
C THR E 146 -22.75 -7.23 -27.46
N PHE E 147 -23.72 -6.38 -27.81
CA PHE E 147 -24.03 -5.24 -26.94
C PHE E 147 -24.57 -5.71 -25.60
N ARG E 148 -25.23 -6.86 -25.56
CA ARG E 148 -25.72 -7.41 -24.31
C ARG E 148 -24.57 -7.77 -23.37
N GLY E 149 -23.50 -8.36 -23.91
CA GLY E 149 -22.36 -8.72 -23.07
C GLY E 149 -21.64 -7.53 -22.49
N ARG E 150 -21.57 -6.42 -23.25
CA ARG E 150 -20.92 -5.22 -22.74
C ARG E 150 -21.72 -4.59 -21.61
N VAL E 151 -23.04 -4.51 -21.76
CA VAL E 151 -23.88 -3.92 -20.72
C VAL E 151 -23.82 -4.76 -19.46
N LEU E 152 -23.87 -6.09 -19.61
CA LEU E 152 -23.77 -6.97 -18.45
C LEU E 152 -22.40 -6.90 -17.78
N ASP E 153 -21.39 -6.38 -18.48
CA ASP E 153 -20.10 -6.14 -17.83
C ASP E 153 -20.19 -4.97 -16.86
N MET E 154 -20.93 -3.93 -17.22
CA MET E 154 -21.22 -2.86 -16.28
C MET E 154 -22.03 -3.38 -15.10
N PHE E 155 -23.00 -4.25 -15.37
CA PHE E 155 -23.79 -4.86 -14.32
C PHE E 155 -22.93 -5.72 -13.42
N ARG E 156 -21.96 -6.44 -13.99
CA ARG E 156 -21.15 -7.37 -13.21
C ARG E 156 -20.32 -6.63 -12.16
N THR E 157 -19.71 -5.51 -12.54
CA THR E 157 -18.86 -4.80 -11.60
C THR E 157 -19.67 -4.17 -10.47
N ALA E 158 -20.78 -3.51 -10.81
CA ALA E 158 -21.57 -2.80 -9.81
C ALA E 158 -22.22 -3.75 -8.82
N PHE E 159 -22.73 -4.88 -9.29
CA PHE E 159 -23.55 -5.77 -8.47
C PHE E 159 -22.93 -7.14 -8.23
N GLY E 160 -21.72 -7.39 -8.71
CA GLY E 160 -21.09 -8.66 -8.45
C GLY E 160 -21.68 -9.78 -9.30
N GLY E 161 -21.24 -10.99 -8.98
CA GLY E 161 -21.71 -12.17 -9.66
C GLY E 161 -22.69 -12.97 -8.84
N LYS E 162 -23.32 -12.31 -7.87
CA LYS E 162 -24.26 -12.99 -6.98
C LYS E 162 -25.42 -13.59 -7.77
N TYR E 163 -25.96 -12.82 -8.71
CA TYR E 163 -26.95 -13.30 -9.67
C TYR E 163 -26.39 -13.23 -11.08
N MET E 164 -27.04 -14.00 -11.95
CA MET E 164 -26.93 -13.90 -13.41
C MET E 164 -25.64 -14.48 -13.95
N ARG E 165 -24.99 -15.38 -13.20
CA ARG E 165 -23.76 -16.04 -13.63
C ARG E 165 -23.90 -17.54 -13.43
N SER E 166 -23.19 -18.29 -14.26
CA SER E 166 -23.11 -19.74 -14.16
C SER E 166 -21.69 -20.12 -13.75
N CYS E 167 -21.56 -20.90 -12.69
CA CYS E 167 -20.26 -21.26 -12.19
C CYS E 167 -19.60 -22.36 -13.03
N TRP E 168 -18.31 -22.54 -12.79
CA TRP E 168 -17.48 -23.43 -13.59
C TRP E 168 -17.99 -24.87 -13.55
N GLY E 169 -18.31 -25.36 -12.36
CA GLY E 169 -18.64 -26.76 -12.21
C GLY E 169 -20.12 -27.10 -12.30
N TRP E 170 -20.75 -26.80 -13.43
CA TRP E 170 -22.13 -27.16 -13.66
C TRP E 170 -22.36 -28.08 -14.85
N THR E 171 -21.48 -28.05 -15.84
CA THR E 171 -21.61 -28.84 -17.06
C THR E 171 -20.41 -29.77 -17.25
N GLY E 172 -19.99 -30.40 -16.17
CA GLY E 172 -18.85 -31.30 -16.20
C GLY E 172 -17.64 -30.70 -15.48
N SER E 173 -16.66 -31.58 -15.24
CA SER E 173 -15.43 -31.18 -14.56
C SER E 173 -14.45 -30.50 -15.50
N ASP E 174 -14.70 -30.51 -16.81
CA ASP E 174 -13.89 -29.79 -17.77
C ASP E 174 -14.70 -28.77 -18.56
N GLY E 175 -15.93 -28.49 -18.14
CA GLY E 175 -16.77 -27.52 -18.81
C GLY E 175 -16.47 -26.12 -18.31
N LYS E 176 -16.25 -25.20 -19.25
CA LYS E 176 -15.85 -23.83 -18.94
C LYS E 176 -17.02 -22.88 -19.19
N THR E 177 -16.99 -21.75 -18.50
CA THR E 177 -18.05 -20.76 -18.57
C THR E 177 -17.57 -19.51 -19.31
N THR E 178 -18.53 -18.76 -19.84
CA THR E 178 -18.20 -17.56 -20.58
C THR E 178 -17.67 -16.48 -19.64
N TRP E 179 -16.92 -15.55 -20.22
CA TRP E 179 -16.40 -14.42 -19.45
C TRP E 179 -17.53 -13.50 -18.99
N CYS E 180 -18.49 -13.24 -19.85
CA CYS E 180 -19.54 -12.27 -19.57
C CYS E 180 -20.73 -12.95 -18.89
N SER E 181 -21.46 -12.17 -18.10
CA SER E 181 -22.72 -12.63 -17.55
C SER E 181 -23.81 -12.55 -18.61
N GLN E 182 -24.68 -13.54 -18.63
CA GLN E 182 -25.69 -13.68 -19.67
C GLN E 182 -27.09 -13.48 -19.10
N THR E 183 -27.96 -12.90 -19.91
CA THR E 183 -29.35 -12.69 -19.55
C THR E 183 -30.26 -13.20 -20.65
N SER E 184 -31.40 -13.74 -20.24
CA SER E 184 -32.43 -14.14 -21.18
C SER E 184 -33.41 -13.02 -21.48
N TYR E 185 -33.37 -11.94 -20.70
CA TYR E 185 -34.27 -10.82 -20.90
C TYR E 185 -33.88 -10.04 -22.16
N GLN E 186 -34.61 -8.97 -22.42
CA GLN E 186 -34.36 -8.16 -23.60
C GLN E 186 -33.95 -6.74 -23.26
N TYR E 187 -34.68 -6.04 -22.42
CA TYR E 187 -34.41 -4.63 -22.13
C TYR E 187 -33.91 -4.46 -20.70
N LEU E 188 -33.29 -3.29 -20.47
CA LEU E 188 -32.85 -2.88 -19.14
C LEU E 188 -33.20 -1.41 -18.99
N ILE E 189 -34.04 -1.10 -18.00
CA ILE E 189 -34.58 0.24 -17.81
C ILE E 189 -33.97 0.82 -16.54
N ILE E 190 -33.57 2.09 -16.58
CA ILE E 190 -33.07 2.80 -15.42
C ILE E 190 -34.04 3.93 -15.11
N GLN E 191 -34.63 3.90 -13.91
CA GLN E 191 -35.58 4.91 -13.50
C GLN E 191 -35.28 5.32 -12.06
N ASN E 192 -35.72 6.51 -11.68
CA ASN E 192 -35.53 6.97 -10.32
C ASN E 192 -36.62 6.40 -9.42
N ARG E 193 -36.29 6.27 -8.14
CA ARG E 193 -37.21 5.65 -7.18
C ARG E 193 -36.78 6.08 -5.78
N THR E 194 -37.67 6.76 -5.06
CA THR E 194 -37.37 7.14 -3.69
C THR E 194 -37.13 5.91 -2.84
N TRP E 195 -36.08 5.94 -2.03
CA TRP E 195 -35.66 4.76 -1.30
C TRP E 195 -36.67 4.37 -0.23
N GLU E 196 -37.02 3.08 -0.18
CA GLU E 196 -37.98 2.58 0.80
C GLU E 196 -37.52 1.25 1.39
N ASN E 197 -36.22 1.09 1.59
CA ASN E 197 -35.64 -0.16 2.09
C ASN E 197 -36.08 -1.34 1.23
N HIS E 198 -35.64 -1.31 -0.02
CA HIS E 198 -35.95 -2.37 -0.98
C HIS E 198 -35.02 -3.57 -0.86
N CYS E 199 -33.94 -3.46 -0.10
CA CYS E 199 -32.93 -4.51 -0.03
C CYS E 199 -32.43 -4.59 1.40
N THR E 200 -31.32 -5.30 1.56
CA THR E 200 -30.45 -5.18 2.72
C THR E 200 -29.20 -4.43 2.28
N TYR E 201 -28.85 -3.36 2.99
CA TYR E 201 -27.82 -2.46 2.53
C TYR E 201 -26.50 -3.18 2.28
N ALA E 202 -25.89 -2.88 1.14
CA ALA E 202 -24.68 -3.55 0.70
C ALA E 202 -23.41 -2.74 0.89
N GLY E 203 -23.52 -1.43 1.08
CA GLY E 203 -22.36 -0.59 1.24
C GLY E 203 -21.98 0.14 -0.03
N PRO E 204 -20.90 0.90 0.02
CA PRO E 204 -20.47 1.69 -1.15
C PRO E 204 -19.59 0.94 -2.14
N PHE E 205 -19.24 -0.31 -1.87
CA PHE E 205 -18.33 -1.06 -2.72
C PHE E 205 -18.89 -1.32 -4.11
N GLY E 206 -20.21 -1.20 -4.29
CA GLY E 206 -20.76 -1.38 -5.62
C GLY E 206 -20.26 -0.33 -6.59
N MET E 207 -20.29 0.93 -6.19
CA MET E 207 -19.81 2.01 -7.03
C MET E 207 -18.33 2.33 -6.83
N SER E 208 -17.69 1.74 -5.82
CA SER E 208 -16.25 1.88 -5.71
C SER E 208 -15.55 1.19 -6.88
N ARG E 209 -16.06 0.03 -7.29
CA ARG E 209 -15.49 -0.66 -8.45
C ARG E 209 -15.92 0.00 -9.75
N ILE E 210 -17.07 0.69 -9.76
CA ILE E 210 -17.52 1.36 -10.98
C ILE E 210 -16.60 2.52 -11.31
N LEU E 211 -16.11 3.23 -10.29
CA LEU E 211 -15.27 4.39 -10.55
C LEU E 211 -13.98 4.01 -11.26
N LEU E 212 -13.47 2.81 -10.99
CA LEU E 212 -12.27 2.33 -11.67
C LEU E 212 -12.57 1.71 -13.02
N SER E 213 -13.84 1.52 -13.36
CA SER E 213 -14.23 1.01 -14.66
C SER E 213 -14.59 2.12 -15.64
N GLN E 214 -14.65 3.36 -15.18
CA GLN E 214 -15.22 4.45 -15.97
C GLN E 214 -14.26 4.84 -17.09
N GLU E 215 -14.73 4.73 -18.33
CA GLU E 215 -13.97 5.09 -19.53
C GLU E 215 -12.65 4.35 -19.62
N LYS E 216 -12.52 3.22 -18.91
CA LYS E 216 -11.27 2.48 -18.90
C LYS E 216 -10.95 1.89 -20.27
N THR E 217 -11.99 1.46 -20.99
CA THR E 217 -11.84 0.89 -22.32
C THR E 217 -12.50 1.76 -23.39
N LYS E 218 -12.52 3.08 -23.16
CA LYS E 218 -13.13 4.00 -24.11
C LYS E 218 -12.40 3.97 -25.44
N PHE E 219 -13.16 4.01 -26.53
CA PHE E 219 -12.58 4.00 -27.86
C PHE E 219 -12.11 5.39 -28.28
N LEU E 220 -11.35 5.43 -29.38
CA LEU E 220 -10.71 6.67 -29.79
C LEU E 220 -11.74 7.73 -30.18
N THR E 221 -12.78 7.33 -30.91
CA THR E 221 -13.84 8.24 -31.36
C THR E 221 -13.29 9.42 -32.16
N ASP F 1 -31.18 -33.85 10.26
CA ASP F 1 -29.90 -34.28 9.70
C ASP F 1 -29.94 -34.31 8.18
N ILE F 2 -28.76 -34.31 7.57
CA ILE F 2 -28.63 -34.39 6.12
C ILE F 2 -28.42 -35.83 5.72
N VAL F 3 -29.05 -36.25 4.63
CA VAL F 3 -28.90 -37.58 4.08
C VAL F 3 -28.51 -37.46 2.62
N LEU F 4 -27.49 -38.20 2.21
CA LEU F 4 -27.03 -38.22 0.83
C LEU F 4 -27.60 -39.46 0.15
N THR F 5 -28.49 -39.24 -0.81
CA THR F 5 -29.16 -40.33 -1.51
C THR F 5 -28.56 -40.49 -2.90
N GLN F 6 -28.09 -41.70 -3.21
CA GLN F 6 -27.45 -41.98 -4.47
C GLN F 6 -28.35 -42.88 -5.32
N SER F 7 -28.63 -42.44 -6.54
CA SER F 7 -29.47 -43.20 -7.44
C SER F 7 -28.84 -43.25 -8.83
N PRO F 8 -28.97 -44.37 -9.54
CA PRO F 8 -29.61 -45.63 -9.12
C PRO F 8 -28.70 -46.46 -8.22
N GLY F 9 -29.24 -47.47 -7.55
CA GLY F 9 -28.45 -48.24 -6.60
C GLY F 9 -27.32 -49.01 -7.25
N THR F 10 -27.60 -49.65 -8.39
CA THR F 10 -26.62 -50.51 -9.06
C THR F 10 -26.58 -50.17 -10.54
N LEU F 11 -25.38 -50.15 -11.10
CA LEU F 11 -25.16 -49.92 -12.51
C LEU F 11 -24.59 -51.17 -13.16
N SER F 12 -25.17 -51.57 -14.28
CA SER F 12 -24.68 -52.70 -15.07
C SER F 12 -24.59 -52.23 -16.52
N LEU F 13 -23.41 -51.77 -16.92
CA LEU F 13 -23.17 -51.27 -18.27
C LEU F 13 -21.99 -52.02 -18.88
N SER F 14 -22.01 -52.14 -20.21
CA SER F 14 -20.93 -52.80 -20.91
C SER F 14 -19.67 -51.93 -20.87
N PRO F 15 -18.49 -52.56 -20.88
CA PRO F 15 -17.24 -51.78 -20.89
C PRO F 15 -17.17 -50.85 -22.10
N GLY F 16 -16.62 -49.67 -21.88
CA GLY F 16 -16.54 -48.67 -22.93
C GLY F 16 -17.78 -47.84 -23.12
N GLU F 17 -18.64 -47.73 -22.11
CA GLU F 17 -19.86 -46.94 -22.19
C GLU F 17 -19.91 -45.97 -21.02
N ARG F 18 -20.53 -44.81 -21.26
CA ARG F 18 -20.64 -43.79 -20.24
C ARG F 18 -21.53 -44.26 -19.10
N ALA F 19 -21.13 -43.96 -17.86
CA ALA F 19 -21.91 -44.26 -16.68
C ALA F 19 -22.10 -42.97 -15.89
N THR F 20 -23.35 -42.60 -15.66
CA THR F 20 -23.69 -41.37 -14.95
C THR F 20 -24.33 -41.73 -13.62
N LEU F 21 -23.74 -41.24 -12.53
CA LEU F 21 -24.28 -41.41 -11.19
C LEU F 21 -24.98 -40.13 -10.73
N SER F 22 -25.63 -40.21 -9.58
CA SER F 22 -26.34 -39.07 -9.02
C SER F 22 -26.28 -39.11 -7.51
N CYS F 23 -26.09 -37.95 -6.90
CA CYS F 23 -26.11 -37.80 -5.44
C CYS F 23 -27.10 -36.71 -5.10
N ARG F 24 -27.98 -36.99 -4.15
CA ARG F 24 -29.03 -36.07 -3.75
C ARG F 24 -28.95 -35.80 -2.25
N ALA F 25 -29.14 -34.55 -1.87
CA ALA F 25 -29.13 -34.15 -0.48
C ALA F 25 -30.48 -33.57 -0.11
N SER F 26 -30.89 -33.81 1.14
CA SER F 26 -32.18 -33.31 1.62
C SER F 26 -32.22 -31.79 1.64
N GLN F 27 -31.14 -31.16 2.08
CA GLN F 27 -31.06 -29.72 2.24
C GLN F 27 -30.25 -29.10 1.10
N SER F 28 -30.25 -27.77 1.06
CA SER F 28 -29.39 -27.06 0.13
C SER F 28 -27.94 -27.21 0.56
N VAL F 29 -27.06 -27.43 -0.41
CA VAL F 29 -25.68 -27.82 -0.15
C VAL F 29 -24.74 -26.92 -0.93
N ILE F 30 -23.69 -26.44 -0.28
CA ILE F 30 -22.63 -25.71 -0.96
C ILE F 30 -21.84 -26.68 -1.83
N SER F 31 -21.75 -26.38 -3.13
CA SER F 31 -21.05 -27.27 -4.04
C SER F 31 -19.55 -27.29 -3.80
N TYR F 32 -19.02 -26.38 -2.99
CA TYR F 32 -17.59 -26.32 -2.75
C TYR F 32 -17.09 -27.46 -1.87
N TYR F 33 -17.99 -28.15 -1.15
CA TYR F 33 -17.60 -29.10 -0.12
C TYR F 33 -18.12 -30.50 -0.40
N VAL F 34 -18.19 -30.88 -1.67
CA VAL F 34 -18.77 -32.14 -2.10
C VAL F 34 -17.71 -32.95 -2.83
N ALA F 35 -17.47 -34.17 -2.35
CA ALA F 35 -16.41 -35.02 -2.86
C ALA F 35 -16.95 -36.39 -3.21
N TRP F 36 -16.26 -37.06 -4.14
CA TRP F 36 -16.59 -38.41 -4.56
C TRP F 36 -15.42 -39.34 -4.28
N TYR F 37 -15.71 -40.54 -3.79
CA TYR F 37 -14.69 -41.52 -3.44
C TYR F 37 -14.98 -42.83 -4.13
N GLN F 38 -13.92 -43.52 -4.56
CA GLN F 38 -14.03 -44.85 -5.16
C GLN F 38 -13.43 -45.86 -4.19
N HIS F 39 -14.24 -46.85 -3.81
CA HIS F 39 -13.82 -47.87 -2.85
C HIS F 39 -13.87 -49.23 -3.54
N LYS F 40 -12.73 -49.91 -3.59
CA LYS F 40 -12.58 -51.16 -4.32
C LYS F 40 -12.04 -52.23 -3.36
N GLY F 41 -12.95 -52.90 -2.66
CA GLY F 41 -12.62 -54.07 -1.87
C GLY F 41 -11.50 -53.88 -0.86
N GLY F 42 -10.36 -54.53 -1.12
CA GLY F 42 -9.25 -54.44 -0.19
C GLY F 42 -8.64 -53.05 -0.11
N GLN F 43 -8.60 -52.34 -1.24
CA GLN F 43 -7.99 -51.02 -1.27
C GLN F 43 -8.79 -50.04 -0.42
N ALA F 44 -8.07 -49.09 0.18
CA ALA F 44 -8.70 -48.00 0.89
C ALA F 44 -9.43 -47.09 -0.09
N PRO F 45 -10.39 -46.30 0.39
CA PRO F 45 -11.11 -45.39 -0.52
C PRO F 45 -10.16 -44.43 -1.22
N ARG F 46 -10.43 -44.18 -2.49
CA ARG F 46 -9.60 -43.35 -3.33
C ARG F 46 -10.39 -42.12 -3.76
N LEU F 47 -9.85 -40.94 -3.47
CA LEU F 47 -10.51 -39.69 -3.82
C LEU F 47 -10.47 -39.48 -5.32
N LEU F 48 -11.63 -39.17 -5.91
CA LEU F 48 -11.73 -38.87 -7.33
C LEU F 48 -11.95 -37.38 -7.58
N ILE F 49 -12.99 -36.80 -7.00
CA ILE F 49 -13.39 -35.42 -7.23
C ILE F 49 -13.52 -34.73 -5.89
N TYR F 50 -13.08 -33.46 -5.83
CA TYR F 50 -13.33 -32.62 -4.67
C TYR F 50 -13.81 -31.26 -5.16
N GLY F 51 -14.57 -30.57 -4.32
CA GLY F 51 -15.23 -29.36 -4.78
C GLY F 51 -16.30 -29.61 -5.80
N ALA F 52 -16.70 -30.86 -5.99
CA ALA F 52 -17.79 -31.31 -6.87
C ALA F 52 -17.41 -31.23 -8.35
N SER F 53 -16.27 -30.63 -8.68
CA SER F 53 -15.86 -30.56 -10.07
C SER F 53 -14.35 -30.64 -10.31
N SER F 54 -13.54 -30.84 -9.28
CA SER F 54 -12.09 -30.80 -9.43
C SER F 54 -11.52 -32.21 -9.29
N ARG F 55 -10.81 -32.66 -10.33
CA ARG F 55 -10.17 -33.95 -10.28
C ARG F 55 -8.94 -33.90 -9.37
N ALA F 56 -8.74 -34.97 -8.60
CA ALA F 56 -7.62 -35.04 -7.67
C ALA F 56 -6.36 -35.44 -8.44
N THR F 57 -5.29 -35.74 -7.70
CA THR F 57 -4.06 -36.18 -8.33
C THR F 57 -4.16 -37.63 -8.76
N GLY F 58 -3.62 -37.94 -9.93
CA GLY F 58 -3.62 -39.30 -10.41
C GLY F 58 -4.99 -39.80 -10.84
N VAL F 59 -5.94 -38.90 -11.02
CA VAL F 59 -7.29 -39.24 -11.46
C VAL F 59 -7.36 -39.04 -12.97
N PRO F 60 -7.68 -40.07 -13.75
CA PRO F 60 -7.73 -39.92 -15.20
C PRO F 60 -8.79 -38.92 -15.63
N ASP F 61 -8.71 -38.53 -16.90
CA ASP F 61 -9.67 -37.59 -17.47
C ASP F 61 -11.07 -38.18 -17.51
N ARG F 62 -11.21 -39.50 -17.42
CA ARG F 62 -12.53 -40.13 -17.52
C ARG F 62 -13.46 -39.61 -16.43
N PHE F 63 -13.02 -39.66 -15.18
CA PHE F 63 -13.82 -39.17 -14.07
C PHE F 63 -14.09 -37.68 -14.22
N SER F 64 -15.34 -37.27 -14.00
CA SER F 64 -15.73 -35.88 -14.22
C SER F 64 -16.89 -35.55 -13.29
N GLY F 65 -16.59 -34.90 -12.17
CA GLY F 65 -17.64 -34.42 -11.30
C GLY F 65 -18.36 -33.21 -11.89
N SER F 66 -19.62 -33.06 -11.52
CA SER F 66 -20.45 -31.99 -12.06
C SER F 66 -21.61 -31.75 -11.10
N GLY F 67 -22.62 -31.04 -11.57
CA GLY F 67 -23.84 -30.87 -10.81
C GLY F 67 -24.01 -29.44 -10.32
N SER F 68 -25.26 -28.99 -10.24
CA SER F 68 -25.59 -27.69 -9.70
C SER F 68 -25.56 -27.74 -8.18
N GLY F 69 -26.11 -26.72 -7.52
CA GLY F 69 -26.11 -26.69 -6.08
C GLY F 69 -27.15 -27.59 -5.41
N THR F 70 -28.03 -28.19 -6.19
CA THR F 70 -29.07 -29.07 -5.65
C THR F 70 -28.89 -30.53 -6.05
N ASP F 71 -28.65 -30.80 -7.33
CA ASP F 71 -28.48 -32.16 -7.84
C ASP F 71 -27.04 -32.35 -8.26
N PHE F 72 -26.38 -33.35 -7.67
CA PHE F 72 -25.00 -33.67 -7.96
C PHE F 72 -24.94 -34.89 -8.87
N THR F 73 -23.91 -34.94 -9.72
CA THR F 73 -23.72 -36.07 -10.62
C THR F 73 -22.26 -36.48 -10.63
N LEU F 74 -21.99 -37.54 -11.38
CA LEU F 74 -20.64 -38.02 -11.64
C LEU F 74 -20.70 -38.91 -12.88
N THR F 75 -19.90 -38.59 -13.88
CA THR F 75 -19.95 -39.30 -15.15
C THR F 75 -18.59 -39.92 -15.45
N ILE F 76 -18.62 -40.99 -16.25
CA ILE F 76 -17.42 -41.69 -16.68
C ILE F 76 -17.36 -41.58 -18.20
N SER F 77 -16.24 -41.07 -18.72
CA SER F 77 -16.15 -40.85 -20.16
C SER F 77 -16.25 -42.17 -20.92
N SER F 78 -15.46 -43.16 -20.52
CA SER F 78 -15.52 -44.50 -21.11
C SER F 78 -14.99 -45.46 -20.07
N LEU F 79 -15.90 -46.15 -19.39
CA LEU F 79 -15.52 -46.98 -18.26
C LEU F 79 -14.68 -48.16 -18.72
N GLU F 80 -13.62 -48.44 -17.97
CA GLU F 80 -12.66 -49.49 -18.24
C GLU F 80 -12.84 -50.64 -17.24
N PRO F 81 -12.24 -51.80 -17.52
CA PRO F 81 -12.43 -52.95 -16.61
C PRO F 81 -11.95 -52.71 -15.19
N GLU F 82 -11.04 -51.75 -14.95
CA GLU F 82 -10.50 -51.56 -13.61
C GLU F 82 -11.26 -50.54 -12.77
N ASP F 83 -12.29 -49.88 -13.32
CA ASP F 83 -13.06 -48.91 -12.58
C ASP F 83 -14.44 -49.44 -12.18
N PHE F 84 -14.49 -50.72 -11.82
CA PHE F 84 -15.68 -51.34 -11.25
C PHE F 84 -15.50 -51.41 -9.73
N ALA F 85 -16.24 -50.59 -9.01
CA ALA F 85 -16.12 -50.50 -7.55
C ALA F 85 -17.34 -49.74 -7.03
N LEU F 86 -17.28 -49.37 -5.75
CA LEU F 86 -18.35 -48.60 -5.11
C LEU F 86 -18.00 -47.13 -5.14
N TYR F 87 -18.94 -46.31 -5.62
CA TYR F 87 -18.75 -44.87 -5.74
C TYR F 87 -19.61 -44.18 -4.70
N TYR F 88 -18.98 -43.40 -3.83
CA TYR F 88 -19.66 -42.67 -2.77
C TYR F 88 -19.63 -41.18 -3.06
N CYS F 89 -20.65 -40.47 -2.58
CA CYS F 89 -20.66 -39.02 -2.58
C CYS F 89 -20.61 -38.53 -1.14
N GLN F 90 -19.89 -37.45 -0.91
CA GLN F 90 -19.60 -36.98 0.43
C GLN F 90 -19.87 -35.48 0.54
N TYR F 91 -20.19 -35.04 1.75
CA TYR F 91 -20.40 -33.63 2.04
C TYR F 91 -19.87 -33.31 3.42
N TYR F 92 -19.18 -32.18 3.54
CA TYR F 92 -18.63 -31.72 4.81
C TYR F 92 -19.47 -30.55 5.33
N GLY F 93 -19.66 -30.52 6.64
CA GLY F 93 -20.57 -29.58 7.26
C GLY F 93 -21.89 -30.24 7.61
N SER F 94 -22.81 -29.41 8.10
CA SER F 94 -24.13 -29.87 8.51
C SER F 94 -24.04 -30.94 9.59
N SER F 95 -25.07 -31.77 9.70
CA SER F 95 -25.14 -32.83 10.71
C SER F 95 -25.34 -34.17 10.02
N PRO F 96 -24.45 -35.15 10.22
CA PRO F 96 -23.22 -35.10 11.02
C PRO F 96 -22.12 -34.31 10.34
N LEU F 97 -20.91 -34.31 10.90
CA LEU F 97 -19.81 -33.55 10.32
C LEU F 97 -19.48 -34.04 8.92
N TRP F 98 -19.38 -35.35 8.73
CA TRP F 98 -19.08 -35.97 7.45
C TRP F 98 -20.28 -36.81 7.03
N ALA F 99 -20.81 -36.55 5.84
CA ALA F 99 -21.96 -37.28 5.33
C ALA F 99 -21.53 -38.15 4.16
N PHE F 100 -21.96 -39.42 4.18
CA PHE F 100 -21.64 -40.39 3.15
C PHE F 100 -22.92 -40.94 2.56
N GLY F 101 -22.91 -41.22 1.26
CA GLY F 101 -24.05 -41.85 0.62
C GLY F 101 -24.13 -43.33 0.89
N GLN F 102 -25.22 -43.95 0.44
CA GLN F 102 -25.39 -45.38 0.64
C GLN F 102 -24.48 -46.20 -0.25
N GLY F 103 -24.03 -45.63 -1.38
CA GLY F 103 -23.13 -46.32 -2.26
C GLY F 103 -23.80 -46.81 -3.55
N THR F 104 -23.18 -46.51 -4.68
CA THR F 104 -23.66 -46.97 -5.98
C THR F 104 -22.65 -47.96 -6.55
N LYS F 105 -23.12 -49.14 -6.93
CA LYS F 105 -22.28 -50.18 -7.48
C LYS F 105 -22.35 -50.16 -9.00
N VAL F 106 -21.19 -50.30 -9.64
CA VAL F 106 -21.09 -50.38 -11.10
C VAL F 106 -20.58 -51.78 -11.44
N GLU F 107 -21.36 -52.50 -12.25
CA GLU F 107 -21.06 -53.89 -12.57
C GLU F 107 -21.15 -54.09 -14.08
N ILE F 108 -20.86 -55.32 -14.52
CA ILE F 108 -20.88 -55.65 -15.93
C ILE F 108 -22.27 -56.10 -16.37
N VAL G 3 3.80 -39.01 1.21
CA VAL G 3 2.78 -39.01 2.25
C VAL G 3 2.30 -40.43 2.52
N GLN G 4 2.09 -40.76 3.78
CA GLN G 4 1.70 -42.10 4.17
C GLN G 4 1.15 -42.09 5.59
N LEU G 5 -0.03 -42.66 5.78
CA LEU G 5 -0.59 -42.92 7.10
C LEU G 5 -0.42 -44.40 7.41
N VAL G 6 0.24 -44.71 8.52
CA VAL G 6 0.52 -46.09 8.91
C VAL G 6 -0.44 -46.50 10.01
N GLN G 7 -1.19 -47.58 9.77
CA GLN G 7 -2.16 -48.07 10.72
C GLN G 7 -1.47 -48.84 11.86
N SER G 8 -2.26 -49.15 12.88
CA SER G 8 -1.78 -49.91 14.03
C SER G 8 -3.00 -50.40 14.81
N GLY G 9 -2.75 -50.95 16.00
CA GLY G 9 -3.83 -51.44 16.83
C GLY G 9 -4.51 -52.66 16.25
N GLY G 10 -5.81 -52.78 16.53
CA GLY G 10 -6.61 -53.86 16.01
C GLY G 10 -6.60 -55.09 16.90
N GLY G 11 -7.47 -56.04 16.54
CA GLY G 11 -7.59 -57.30 17.25
C GLY G 11 -9.04 -57.58 17.57
N LEU G 12 -9.25 -58.48 18.54
CA LEU G 12 -10.59 -58.87 18.97
C LEU G 12 -10.67 -58.82 20.48
N VAL G 13 -11.86 -58.51 20.98
CA VAL G 13 -12.09 -58.40 22.41
C VAL G 13 -13.58 -58.60 22.67
N ARG G 14 -13.90 -59.26 23.79
CA ARG G 14 -15.28 -59.44 24.18
C ARG G 14 -15.87 -58.13 24.67
N PRO G 15 -17.19 -57.96 24.60
CA PRO G 15 -17.81 -56.72 25.08
C PRO G 15 -17.52 -56.51 26.57
N GLY G 16 -17.31 -55.25 26.93
CA GLY G 16 -16.99 -54.89 28.29
C GLY G 16 -15.63 -54.23 28.43
N GLY G 17 -14.66 -54.70 27.64
CA GLY G 17 -13.35 -54.10 27.61
C GLY G 17 -12.94 -53.77 26.19
N SER G 18 -12.01 -52.84 26.01
CA SER G 18 -11.66 -52.39 24.68
C SER G 18 -10.20 -51.93 24.65
N LEU G 19 -9.68 -51.79 23.44
CA LEU G 19 -8.31 -51.35 23.21
C LEU G 19 -8.31 -50.19 22.22
N ARG G 20 -7.31 -49.33 22.35
CA ARG G 20 -7.23 -48.14 21.50
C ARG G 20 -6.68 -48.51 20.12
N LEU G 21 -7.01 -47.66 19.15
CA LEU G 21 -6.47 -47.73 17.81
C LEU G 21 -5.42 -46.64 17.62
N SER G 22 -4.52 -46.84 16.67
CA SER G 22 -3.47 -45.87 16.40
C SER G 22 -3.19 -45.80 14.91
N CYS G 23 -3.03 -44.58 14.39
CA CYS G 23 -2.65 -44.35 13.00
C CYS G 23 -1.51 -43.34 13.00
N ALA G 24 -0.29 -43.83 13.25
CA ALA G 24 0.89 -42.98 13.42
C ALA G 24 1.41 -42.59 12.05
N ALA G 25 0.83 -41.53 11.49
CA ALA G 25 1.23 -41.05 10.17
C ALA G 25 2.65 -40.49 10.21
N ALA G 26 3.35 -40.61 9.10
CA ALA G 26 4.71 -40.11 8.99
C ALA G 26 4.98 -39.73 7.54
N GLY G 27 5.95 -38.82 7.36
CA GLY G 27 6.29 -38.32 6.04
C GLY G 27 5.75 -36.96 5.70
N PHE G 28 5.10 -36.28 6.64
CA PHE G 28 4.56 -34.94 6.40
C PHE G 28 4.39 -34.25 7.75
N THR G 29 3.80 -33.06 7.72
CA THR G 29 3.58 -32.28 8.94
C THR G 29 2.31 -32.73 9.63
N PHE G 30 2.44 -33.26 10.85
CA PHE G 30 1.28 -33.77 11.56
C PHE G 30 0.40 -32.64 12.09
N LYS G 31 1.00 -31.60 12.67
CA LYS G 31 0.25 -30.62 13.44
C LYS G 31 -0.61 -29.71 12.58
N ARG G 32 -0.47 -29.74 11.26
CA ARG G 32 -1.22 -28.82 10.42
C ARG G 32 -2.56 -29.41 9.99
N TYR G 33 -2.66 -30.74 9.89
CA TYR G 33 -3.81 -31.39 9.29
C TYR G 33 -4.76 -31.93 10.35
N SER G 34 -6.06 -31.86 10.06
CA SER G 34 -7.09 -32.45 10.91
C SER G 34 -7.38 -33.86 10.42
N MET G 35 -7.44 -34.81 11.34
CA MET G 35 -7.57 -36.22 10.98
C MET G 35 -8.85 -36.81 11.54
N ASN G 36 -9.41 -37.74 10.77
CA ASN G 36 -10.73 -38.32 11.02
C ASN G 36 -10.61 -39.83 11.21
N TRP G 37 -11.73 -40.45 11.57
CA TRP G 37 -11.85 -41.89 11.68
C TRP G 37 -13.09 -42.33 10.91
N VAL G 38 -12.93 -43.32 10.04
CA VAL G 38 -14.01 -43.83 9.21
C VAL G 38 -14.03 -45.35 9.32
N ARG G 39 -15.22 -45.91 9.50
CA ARG G 39 -15.38 -47.36 9.56
C ARG G 39 -16.41 -47.80 8.53
N GLN G 40 -16.51 -49.12 8.35
CA GLN G 40 -17.46 -49.69 7.40
C GLN G 40 -17.88 -51.05 7.93
N ALA G 41 -19.14 -51.16 8.36
CA ALA G 41 -19.65 -52.43 8.85
C ALA G 41 -19.80 -53.43 7.71
N PRO G 42 -19.63 -54.72 7.98
CA PRO G 42 -19.77 -55.73 6.92
C PRO G 42 -21.17 -55.70 6.33
N GLY G 43 -21.24 -55.54 5.01
CA GLY G 43 -22.50 -55.38 4.33
C GLY G 43 -23.07 -53.98 4.36
N ARG G 44 -22.36 -53.03 4.99
CA ARG G 44 -22.82 -51.66 5.09
C ARG G 44 -21.83 -50.74 4.39
N GLY G 45 -22.26 -49.51 4.14
CA GLY G 45 -21.44 -48.52 3.49
C GLY G 45 -20.53 -47.79 4.47
N LEU G 46 -19.78 -46.84 3.93
CA LEU G 46 -18.86 -46.05 4.74
C LEU G 46 -19.63 -45.13 5.69
N GLU G 47 -19.10 -44.98 6.90
CA GLU G 47 -19.69 -44.09 7.89
C GLU G 47 -18.59 -43.38 8.66
N TRP G 48 -18.88 -42.16 9.09
CA TRP G 48 -17.93 -41.36 9.85
C TRP G 48 -18.01 -41.71 11.32
N VAL G 49 -16.87 -41.67 12.01
CA VAL G 49 -16.78 -42.08 13.40
C VAL G 49 -16.40 -40.91 14.28
N SER G 50 -15.24 -40.31 14.03
CA SER G 50 -14.74 -39.22 14.84
C SER G 50 -13.86 -38.32 13.98
N SER G 51 -13.58 -37.12 14.50
CA SER G 51 -12.75 -36.17 13.78
C SER G 51 -12.20 -35.15 14.77
N ILE G 52 -10.88 -35.00 14.81
CA ILE G 52 -10.22 -34.04 15.67
C ILE G 52 -9.49 -33.03 14.80
N THR G 53 -9.54 -31.76 15.22
CA THR G 53 -8.89 -30.69 14.47
C THR G 53 -7.40 -30.70 14.78
N SER G 54 -6.69 -29.70 14.28
CA SER G 54 -5.23 -29.65 14.33
C SER G 54 -4.75 -28.58 15.29
N ARG G 55 -3.43 -28.51 15.44
CA ARG G 55 -2.78 -27.45 16.22
C ARG G 55 -3.30 -27.38 17.65
N GLY G 56 -3.54 -28.54 18.25
CA GLY G 56 -3.98 -28.58 19.63
C GLY G 56 -5.16 -29.50 19.87
N GLY G 57 -5.97 -29.73 18.85
CA GLY G 57 -7.12 -30.60 18.99
C GLY G 57 -8.14 -30.09 19.98
N SER G 58 -8.44 -28.79 19.93
CA SER G 58 -9.41 -28.23 20.87
C SER G 58 -10.82 -28.76 20.60
N LYS G 59 -11.19 -28.88 19.33
CA LYS G 59 -12.56 -29.25 18.95
C LYS G 59 -12.56 -30.70 18.46
N THR G 60 -13.38 -31.54 19.09
CA THR G 60 -13.54 -32.93 18.71
C THR G 60 -15.02 -33.23 18.51
N TYR G 61 -15.36 -33.78 17.34
CA TYR G 61 -16.73 -34.11 17.00
C TYR G 61 -16.86 -35.62 16.85
N TYR G 62 -17.93 -36.18 17.42
CA TYR G 62 -18.22 -37.60 17.35
C TYR G 62 -19.59 -37.82 16.70
N ALA G 63 -19.73 -38.96 16.04
CA ALA G 63 -21.04 -39.37 15.55
C ALA G 63 -21.93 -39.75 16.72
N ASP G 64 -23.21 -39.35 16.65
CA ASP G 64 -24.11 -39.58 17.77
C ASP G 64 -24.33 -41.05 18.05
N VAL G 65 -24.09 -41.92 17.06
CA VAL G 65 -24.25 -43.36 17.28
C VAL G 65 -23.24 -43.85 18.30
N VAL G 66 -22.02 -43.30 18.27
CA VAL G 66 -20.94 -43.73 19.14
C VAL G 66 -20.52 -42.64 20.11
N LYS G 67 -21.26 -41.54 20.17
CA LYS G 67 -20.89 -40.42 21.04
C LYS G 67 -21.08 -40.83 22.51
N GLY G 68 -20.06 -40.55 23.32
CA GLY G 68 -20.08 -40.82 24.74
C GLY G 68 -19.07 -41.85 25.19
N ARG G 69 -18.85 -42.90 24.41
CA ARG G 69 -17.93 -43.97 24.77
C ARG G 69 -16.65 -43.98 23.94
N PHE G 70 -16.67 -43.43 22.72
CA PHE G 70 -15.46 -43.28 21.94
C PHE G 70 -14.69 -42.05 22.40
N THR G 71 -13.43 -41.97 21.99
CA THR G 71 -12.56 -40.85 22.35
C THR G 71 -11.48 -40.70 21.29
N VAL G 72 -11.47 -39.58 20.58
CA VAL G 72 -10.47 -39.30 19.58
C VAL G 72 -9.47 -38.29 20.14
N SER G 73 -8.18 -38.59 19.99
CA SER G 73 -7.13 -37.74 20.53
C SER G 73 -5.92 -37.82 19.60
N ARG G 74 -5.12 -36.76 19.63
CA ARG G 74 -3.94 -36.68 18.79
C ARG G 74 -2.79 -36.11 19.61
N ASP G 75 -1.56 -36.44 19.20
CA ASP G 75 -0.35 -35.93 19.82
C ASP G 75 0.59 -35.50 18.70
N ASN G 76 0.66 -34.19 18.46
CA ASN G 76 1.50 -33.69 17.37
C ASN G 76 2.98 -33.91 17.62
N ALA G 77 3.37 -34.21 18.86
CA ALA G 77 4.78 -34.40 19.17
C ALA G 77 5.32 -35.67 18.52
N LYS G 78 4.61 -36.79 18.67
CA LYS G 78 5.05 -38.07 18.12
C LYS G 78 4.40 -38.40 16.79
N GLN G 79 3.55 -37.53 16.27
CA GLN G 79 2.88 -37.73 14.97
C GLN G 79 2.10 -39.04 14.96
N SER G 80 1.07 -39.09 15.80
CA SER G 80 0.23 -40.29 15.90
C SER G 80 -1.18 -39.88 16.31
N LEU G 81 -2.18 -40.58 15.75
CA LEU G 81 -3.58 -40.34 16.02
C LEU G 81 -4.20 -41.58 16.64
N TYR G 82 -4.96 -41.39 17.73
CA TYR G 82 -5.52 -42.48 18.51
C TYR G 82 -7.04 -42.49 18.43
N LEU G 83 -7.61 -43.56 18.99
CA LEU G 83 -9.05 -43.67 19.19
C LEU G 83 -9.26 -44.60 20.39
N GLN G 84 -9.57 -44.03 21.54
CA GLN G 84 -9.70 -44.78 22.78
C GLN G 84 -11.14 -45.28 22.88
N MET G 85 -11.38 -46.49 22.37
CA MET G 85 -12.70 -47.10 22.45
C MET G 85 -12.95 -47.64 23.85
N ASN G 86 -14.16 -47.43 24.36
CA ASN G 86 -14.57 -47.94 25.65
C ASN G 86 -15.96 -48.57 25.53
N SER G 87 -16.14 -49.70 26.21
CA SER G 87 -17.41 -50.42 26.27
C SER G 87 -17.92 -50.74 24.87
N LEU G 88 -17.14 -51.56 24.16
CA LEU G 88 -17.48 -51.92 22.79
C LEU G 88 -18.76 -52.75 22.75
N ARG G 89 -19.44 -52.67 21.61
CA ARG G 89 -20.72 -53.34 21.40
C ARG G 89 -20.63 -54.16 20.11
N ALA G 90 -21.38 -55.26 20.07
CA ALA G 90 -21.33 -56.17 18.93
C ALA G 90 -21.69 -55.49 17.61
N GLU G 91 -22.43 -54.36 17.66
CA GLU G 91 -22.72 -53.60 16.46
C GLU G 91 -21.49 -52.91 15.89
N ASP G 92 -20.43 -52.75 16.69
CA ASP G 92 -19.25 -52.00 16.28
C ASP G 92 -18.25 -52.83 15.48
N THR G 93 -18.54 -54.10 15.22
CA THR G 93 -17.64 -54.94 14.42
C THR G 93 -17.57 -54.40 13.00
N ALA G 94 -16.40 -53.90 12.61
CA ALA G 94 -16.21 -53.30 11.29
C ALA G 94 -14.72 -53.14 11.04
N ILE G 95 -14.38 -52.61 9.87
CA ILE G 95 -13.02 -52.24 9.53
C ILE G 95 -12.90 -50.73 9.63
N TYR G 96 -11.82 -50.24 10.27
CA TYR G 96 -11.67 -48.84 10.59
C TYR G 96 -10.53 -48.23 9.80
N PHE G 97 -10.72 -46.98 9.37
CA PHE G 97 -9.77 -46.26 8.55
C PHE G 97 -9.38 -44.95 9.24
N CYS G 98 -8.19 -44.45 8.88
CA CYS G 98 -7.74 -43.13 9.28
C CYS G 98 -7.46 -42.30 8.04
N ALA G 99 -7.88 -41.04 8.07
CA ALA G 99 -7.77 -40.16 6.92
C ALA G 99 -7.11 -38.85 7.32
N ARG G 100 -6.85 -38.02 6.31
CA ARG G 100 -6.22 -36.71 6.51
C ARG G 100 -7.01 -35.66 5.76
N SER G 101 -7.24 -34.52 6.41
CA SER G 101 -7.99 -33.45 5.79
C SER G 101 -7.52 -32.11 6.37
N LEU G 102 -7.75 -31.05 5.60
CA LEU G 102 -7.42 -29.69 6.02
C LEU G 102 -8.58 -28.79 5.66
N HIS G 103 -9.06 -28.03 6.65
CA HIS G 103 -10.24 -27.19 6.49
C HIS G 103 -9.81 -25.73 6.56
N SER G 104 -9.81 -25.06 5.41
CA SER G 104 -9.46 -23.66 5.33
C SER G 104 -10.19 -23.05 4.15
N THR G 105 -9.94 -21.76 3.92
CA THR G 105 -10.53 -21.08 2.77
C THR G 105 -9.88 -21.51 1.46
N SER G 106 -8.55 -21.68 1.47
CA SER G 106 -7.84 -22.02 0.25
C SER G 106 -8.26 -23.37 -0.31
N GLN G 107 -8.40 -24.37 0.56
CA GLN G 107 -8.67 -25.72 0.05
C GLN G 107 -10.13 -26.10 0.27
N PRO G 108 -10.74 -26.79 -0.69
CA PRO G 108 -12.04 -27.41 -0.43
C PRO G 108 -11.92 -28.55 0.57
N SER G 109 -13.03 -29.19 0.90
CA SER G 109 -13.02 -30.27 1.88
C SER G 109 -12.92 -31.62 1.18
N TYR G 110 -11.96 -32.43 1.60
CA TYR G 110 -11.77 -33.76 1.05
C TYR G 110 -10.75 -34.50 1.92
N MET G 111 -10.95 -35.81 2.04
CA MET G 111 -9.97 -36.69 2.66
C MET G 111 -9.00 -37.16 1.59
N ASP G 112 -7.70 -37.02 1.86
CA ASP G 112 -6.68 -37.16 0.84
C ASP G 112 -5.84 -38.42 1.00
N VAL G 113 -5.20 -38.61 2.15
CA VAL G 113 -4.29 -39.72 2.36
C VAL G 113 -4.87 -40.63 3.42
N TRP G 114 -5.08 -41.90 3.08
CA TRP G 114 -5.71 -42.86 3.95
C TRP G 114 -4.70 -43.92 4.40
N GLY G 115 -4.95 -44.50 5.57
CA GLY G 115 -4.23 -45.66 6.03
C GLY G 115 -4.83 -46.92 5.43
N ARG G 116 -4.35 -48.06 5.93
CA ARG G 116 -4.86 -49.35 5.49
C ARG G 116 -5.86 -49.89 6.50
N LYS G 117 -6.53 -50.98 6.12
CA LYS G 117 -7.61 -51.53 6.93
C LYS G 117 -7.12 -51.94 8.31
N ILE G 118 -7.94 -51.64 9.31
CA ILE G 118 -7.76 -52.12 10.68
C ILE G 118 -8.99 -52.92 11.05
N THR G 119 -8.78 -54.16 11.50
CA THR G 119 -9.88 -55.08 11.78
C THR G 119 -10.18 -55.10 13.27
N VAL G 120 -11.46 -54.93 13.60
CA VAL G 120 -11.93 -54.98 14.98
C VAL G 120 -13.05 -56.01 15.05
N ILE G 121 -12.91 -56.98 15.95
CA ILE G 121 -13.89 -58.04 16.13
C ILE G 121 -14.35 -58.01 17.58
N VAL G 122 -15.67 -58.00 17.77
CA VAL G 122 -16.26 -58.05 19.11
C VAL G 122 -17.45 -59.00 19.07
N SER G 123 -17.56 -59.84 20.09
CA SER G 123 -18.63 -60.83 20.16
C SER G 123 -18.86 -61.29 21.59
N THR H 2 1.36 2.14 20.64
CA THR H 2 1.28 2.57 19.26
C THR H 2 0.23 3.66 19.10
N PHE H 3 0.60 4.73 18.37
CA PHE H 3 -0.30 5.87 18.20
C PHE H 3 -1.50 5.45 17.35
N THR H 4 -2.68 5.90 17.76
CA THR H 4 -3.93 5.59 17.07
C THR H 4 -4.65 6.89 16.72
N TRP H 5 -5.08 7.00 15.47
CA TRP H 5 -5.77 8.19 14.98
C TRP H 5 -7.18 7.85 14.56
N THR H 6 -8.09 8.81 14.73
CA THR H 6 -9.45 8.73 14.23
C THR H 6 -9.88 10.10 13.75
N LEU H 7 -10.77 10.13 12.75
CA LEU H 7 -11.37 11.40 12.34
C LEU H 7 -12.32 11.93 13.40
N SER H 8 -12.97 11.04 14.13
CA SER H 8 -13.83 11.41 15.24
C SER H 8 -13.03 11.35 16.54
N ASP H 9 -13.72 11.37 17.68
CA ASP H 9 -13.06 11.28 18.98
C ASP H 9 -13.44 9.99 19.72
N ASN H 15 -13.90 2.73 24.92
CA ASN H 15 -12.68 2.03 24.54
C ASN H 15 -11.46 2.93 24.63
N PRO H 16 -10.83 2.98 25.80
CA PRO H 16 -9.59 3.76 25.94
C PRO H 16 -8.47 3.19 25.08
N GLY H 17 -7.93 4.04 24.20
CA GLY H 17 -6.83 3.66 23.34
C GLY H 17 -7.22 2.93 22.08
N GLY H 18 -8.51 2.67 21.87
CA GLY H 18 -8.98 1.95 20.69
C GLY H 18 -10.27 2.56 20.19
N TYR H 19 -10.95 1.80 19.35
CA TYR H 19 -12.22 2.23 18.76
C TYR H 19 -13.34 1.33 19.27
N CYS H 20 -14.53 1.90 19.39
CA CYS H 20 -15.66 1.13 19.89
C CYS H 20 -16.87 1.31 18.99
N LEU H 21 -17.71 0.27 18.95
CA LEU H 21 -18.83 0.18 18.02
C LEU H 21 -20.15 0.33 18.77
N THR H 22 -21.10 1.02 18.16
CA THR H 22 -22.33 1.44 18.80
C THR H 22 -23.46 0.46 18.49
N LYS H 23 -24.54 0.55 19.29
CA LYS H 23 -25.67 -0.36 19.14
C LYS H 23 -26.34 -0.22 17.78
N TRP H 24 -26.60 1.02 17.35
CA TRP H 24 -27.27 1.26 16.08
C TRP H 24 -26.34 1.12 14.89
N MET H 25 -25.21 0.50 15.20
CA MET H 25 -24.08 0.41 14.28
C MET H 25 -23.65 -1.03 14.03
N ILE H 26 -23.92 -1.94 14.95
CA ILE H 26 -23.80 -3.38 14.74
C ILE H 26 -25.20 -3.94 14.51
N LEU H 27 -25.30 -5.08 13.84
CA LEU H 27 -26.60 -5.64 13.51
C LEU H 27 -27.38 -6.05 14.75
N ALA H 28 -26.85 -7.01 15.51
CA ALA H 28 -27.58 -7.64 16.60
C ALA H 28 -26.74 -7.70 17.86
N ALA H 29 -26.18 -6.57 18.26
CA ALA H 29 -25.41 -6.52 19.49
C ALA H 29 -25.50 -5.12 20.08
N GLU H 30 -25.54 -5.05 21.41
CA GLU H 30 -25.63 -3.75 22.07
C GLU H 30 -24.28 -3.03 22.08
N LEU H 31 -23.19 -3.76 22.24
CA LEU H 31 -21.87 -3.14 22.28
C LEU H 31 -20.81 -4.21 22.09
N LYS H 32 -19.99 -4.05 21.06
CA LYS H 32 -18.81 -4.89 20.85
C LYS H 32 -17.67 -3.99 20.40
N CYS H 33 -16.49 -4.15 20.99
CA CYS H 33 -15.32 -3.45 20.48
C CYS H 33 -14.05 -4.10 21.02
N PHE H 34 -12.91 -3.53 20.61
CA PHE H 34 -11.65 -4.24 20.52
C PHE H 34 -10.55 -3.42 21.18
N GLY H 35 -9.48 -4.13 21.58
CA GLY H 35 -8.41 -3.53 22.32
C GLY H 35 -7.52 -2.62 21.49
N ASN H 36 -6.53 -2.03 22.16
CA ASN H 36 -5.61 -1.11 21.51
C ASN H 36 -4.72 -1.84 20.51
N THR H 37 -4.27 -3.05 20.85
CA THR H 37 -3.29 -3.74 20.02
C THR H 37 -3.84 -4.03 18.63
N ALA H 38 -5.09 -4.48 18.55
CA ALA H 38 -5.66 -4.85 17.26
C ALA H 38 -6.01 -3.63 16.42
N VAL H 39 -6.53 -2.58 17.06
CA VAL H 39 -6.98 -1.41 16.32
C VAL H 39 -5.80 -0.69 15.66
N ALA H 40 -4.65 -0.64 16.33
CA ALA H 40 -3.50 0.05 15.78
C ALA H 40 -3.07 -0.54 14.43
N LYS H 41 -3.25 -1.85 14.25
CA LYS H 41 -2.86 -2.48 12.99
C LYS H 41 -3.67 -1.93 11.82
N CYS H 42 -4.95 -1.67 12.03
CA CYS H 42 -5.77 -1.07 10.99
C CYS H 42 -5.35 0.35 10.66
N ASN H 43 -4.77 1.06 11.63
CA ASN H 43 -4.31 2.43 11.40
C ASN H 43 -2.91 2.48 10.79
N VAL H 44 -2.29 1.32 10.55
CA VAL H 44 -1.00 1.27 9.88
C VAL H 44 -1.00 0.35 8.66
N ASN H 45 -1.91 -0.62 8.56
CA ASN H 45 -1.91 -1.59 7.47
C ASN H 45 -3.20 -1.46 6.66
N HIS H 46 -3.17 -2.09 5.48
CA HIS H 46 -4.32 -2.05 4.57
C HIS H 46 -4.56 -3.39 3.90
N ASP H 47 -4.01 -4.48 4.44
CA ASP H 47 -4.20 -5.81 3.87
C ASP H 47 -5.42 -6.53 4.44
N GLU H 48 -6.04 -5.98 5.48
CA GLU H 48 -7.20 -6.59 6.10
C GLU H 48 -8.46 -5.84 5.71
N GLU H 49 -9.51 -6.59 5.37
CA GLU H 49 -10.75 -5.98 4.92
C GLU H 49 -11.54 -5.38 6.07
N PHE H 50 -11.31 -5.85 7.30
CA PHE H 50 -11.99 -5.26 8.45
C PHE H 50 -11.59 -3.81 8.65
N CYS H 51 -10.36 -3.46 8.29
CA CYS H 51 -9.88 -2.10 8.48
C CYS H 51 -10.53 -1.12 7.51
N ASP H 52 -10.96 -1.59 6.34
CA ASP H 52 -11.71 -0.74 5.44
C ASP H 52 -13.08 -0.39 6.00
N MET H 53 -13.68 -1.31 6.77
CA MET H 53 -14.90 -0.99 7.50
C MET H 53 -14.68 0.10 8.53
N LEU H 54 -13.58 0.03 9.28
CA LEU H 54 -13.33 1.02 10.32
C LEU H 54 -13.19 2.43 9.75
N ARG H 55 -12.46 2.56 8.64
CA ARG H 55 -12.30 3.88 8.03
C ARG H 55 -13.62 4.42 7.52
N LEU H 56 -14.42 3.59 6.86
CA LEU H 56 -15.74 4.02 6.42
C LEU H 56 -16.64 4.33 7.61
N ILE H 57 -16.58 3.50 8.65
CA ILE H 57 -17.34 3.77 9.87
C ILE H 57 -16.87 5.07 10.52
N ASP H 58 -15.55 5.23 10.66
CA ASP H 58 -15.02 6.40 11.35
C ASP H 58 -15.29 7.69 10.57
N TYR H 59 -15.15 7.65 9.24
CA TYR H 59 -15.42 8.84 8.44
C TYR H 59 -16.89 9.22 8.49
N ASN H 60 -17.78 8.24 8.45
CA ASN H 60 -19.21 8.54 8.44
C ASN H 60 -19.64 9.21 9.75
N LYS H 61 -19.11 8.75 10.88
CA LYS H 61 -19.48 9.33 12.16
C LYS H 61 -19.07 10.80 12.24
N ALA H 62 -17.85 11.11 11.79
CA ALA H 62 -17.38 12.49 11.82
C ALA H 62 -18.15 13.37 10.85
N ALA H 63 -18.47 12.85 9.66
CA ALA H 63 -19.15 13.66 8.66
C ALA H 63 -20.55 14.05 9.11
N LEU H 64 -21.26 13.14 9.78
CA LEU H 64 -22.61 13.43 10.23
C LEU H 64 -22.62 14.51 11.31
N SER H 65 -21.65 14.48 12.22
CA SER H 65 -21.67 15.40 13.36
C SER H 65 -21.29 16.81 12.95
N LYS H 66 -20.39 16.96 11.98
CA LYS H 66 -19.84 18.28 11.66
C LYS H 66 -20.49 18.94 10.45
N PHE H 67 -20.94 18.17 9.47
CA PHE H 67 -21.48 18.71 8.24
C PHE H 67 -22.98 18.45 8.18
N LYS H 68 -23.74 19.48 7.84
CA LYS H 68 -25.18 19.32 7.72
C LYS H 68 -25.50 18.37 6.57
N PRO H 69 -26.61 17.64 6.65
CA PRO H 69 -26.92 16.63 5.63
C PRO H 69 -27.03 17.24 4.24
N ASP H 70 -26.42 16.55 3.28
CA ASP H 70 -26.48 16.90 1.87
C ASP H 70 -25.92 15.73 1.06
N VAL H 71 -26.64 15.28 0.04
CA VAL H 71 -26.25 14.05 -0.64
C VAL H 71 -25.41 14.32 -1.90
N GLU H 72 -25.68 15.41 -2.62
CA GLU H 72 -24.90 15.66 -3.83
C GLU H 72 -23.49 16.11 -3.50
N SER H 73 -23.31 16.76 -2.35
CA SER H 73 -21.97 17.14 -1.91
C SER H 73 -21.25 16.02 -1.18
N ALA H 74 -22.00 15.12 -0.53
CA ALA H 74 -21.38 13.97 0.12
C ALA H 74 -20.95 12.91 -0.89
N LEU H 75 -21.71 12.77 -1.98
CA LEU H 75 -21.33 11.82 -3.03
C LEU H 75 -20.08 12.28 -3.75
N HIS H 76 -19.98 13.57 -4.07
CA HIS H 76 -18.81 14.08 -4.76
C HIS H 76 -17.55 13.92 -3.91
N LEU H 77 -17.64 14.19 -2.61
CA LEU H 77 -16.50 13.98 -1.74
C LEU H 77 -16.17 12.50 -1.60
N PHE H 78 -17.15 11.63 -1.81
CA PHE H 78 -16.87 10.20 -1.75
C PHE H 78 -16.08 9.74 -2.98
N LYS H 79 -16.48 10.20 -4.17
CA LYS H 79 -15.79 9.78 -5.37
C LYS H 79 -14.38 10.36 -5.44
N THR H 80 -14.23 11.65 -5.17
CA THR H 80 -12.94 12.31 -5.31
C THR H 80 -12.00 11.94 -4.16
N THR H 81 -12.52 11.94 -2.94
CA THR H 81 -11.67 11.90 -1.75
C THR H 81 -11.84 10.62 -0.94
N VAL H 82 -13.06 10.29 -0.52
CA VAL H 82 -13.26 9.21 0.44
C VAL H 82 -13.00 7.84 -0.19
N ASN H 83 -13.12 7.73 -1.52
CA ASN H 83 -12.90 6.45 -2.17
C ASN H 83 -11.50 5.92 -1.91
N SER H 84 -10.53 6.82 -1.67
CA SER H 84 -9.16 6.41 -1.41
C SER H 84 -8.99 5.70 -0.08
N LEU H 85 -10.00 5.72 0.80
CA LEU H 85 -9.90 5.03 2.08
C LEU H 85 -10.18 3.53 1.97
N ILE H 86 -10.63 3.05 0.82
CA ILE H 86 -10.91 1.64 0.60
C ILE H 86 -9.72 1.02 -0.11
N SER H 87 -9.21 -0.08 0.43
CA SER H 87 -8.07 -0.77 -0.18
C SER H 87 -8.46 -1.29 -1.56
N ASP H 88 -7.75 -0.81 -2.59
CA ASP H 88 -8.10 -1.15 -3.96
C ASP H 88 -7.76 -2.59 -4.29
N GLN H 89 -6.65 -3.11 -3.76
CA GLN H 89 -6.28 -4.48 -4.04
C GLN H 89 -7.26 -5.46 -3.41
N LEU H 90 -7.67 -5.22 -2.17
CA LEU H 90 -8.63 -6.09 -1.50
C LEU H 90 -9.99 -6.03 -2.18
N LEU H 91 -10.43 -4.83 -2.55
CA LEU H 91 -11.74 -4.69 -3.16
C LEU H 91 -11.82 -5.43 -4.48
N MET H 92 -10.77 -5.35 -5.29
CA MET H 92 -10.77 -5.93 -6.63
C MET H 92 -10.20 -7.33 -6.66
N ARG H 93 -9.76 -7.86 -5.51
CA ARG H 93 -9.46 -9.29 -5.44
C ARG H 93 -10.71 -10.09 -5.14
N ASN H 94 -11.52 -9.64 -4.18
CA ASN H 94 -12.77 -10.31 -3.84
C ASN H 94 -13.74 -10.30 -5.01
N HIS H 95 -13.64 -9.31 -5.91
CA HIS H 95 -14.43 -9.35 -7.13
C HIS H 95 -13.97 -10.48 -8.03
N LEU H 96 -12.66 -10.78 -8.05
CA LEU H 96 -12.17 -11.92 -8.81
C LEU H 96 -12.60 -13.24 -8.17
N ARG H 97 -12.57 -13.31 -6.84
CA ARG H 97 -13.04 -14.51 -6.16
C ARG H 97 -14.54 -14.71 -6.30
N ASP H 98 -15.29 -13.63 -6.52
CA ASP H 98 -16.73 -13.76 -6.74
C ASP H 98 -17.05 -14.24 -8.15
N LEU H 99 -16.26 -13.82 -9.14
CA LEU H 99 -16.51 -14.22 -10.53
C LEU H 99 -16.10 -15.65 -10.80
N MET H 100 -15.24 -16.23 -9.96
CA MET H 100 -14.77 -17.60 -10.14
C MET H 100 -15.59 -18.60 -9.33
N CYS H 101 -16.63 -18.15 -8.66
CA CYS H 101 -17.47 -18.99 -7.80
C CYS H 101 -16.61 -19.76 -6.79
N VAL H 102 -15.87 -18.99 -6.00
CA VAL H 102 -15.13 -19.51 -4.86
C VAL H 102 -15.45 -18.62 -3.67
N PRO H 103 -15.27 -19.12 -2.42
CA PRO H 103 -15.62 -18.32 -1.24
C PRO H 103 -15.00 -16.93 -1.22
N TYR H 104 -15.84 -15.90 -1.21
CA TYR H 104 -15.40 -14.51 -1.20
C TYR H 104 -16.05 -13.80 -0.02
N CYS H 105 -15.74 -12.51 0.11
CA CYS H 105 -16.23 -11.68 1.21
C CYS H 105 -17.07 -10.54 0.65
N ASN H 106 -18.29 -10.38 1.17
CA ASN H 106 -19.11 -9.24 0.80
C ASN H 106 -19.19 -8.22 1.92
N TYR H 107 -18.25 -8.26 2.87
CA TYR H 107 -18.00 -7.19 3.84
C TYR H 107 -19.10 -7.08 4.89
N SER H 108 -19.67 -8.20 5.33
CA SER H 108 -20.78 -8.15 6.28
C SER H 108 -20.40 -8.70 7.65
N LYS H 109 -19.96 -9.95 7.71
CA LYS H 109 -19.68 -10.61 8.98
C LYS H 109 -18.19 -10.86 9.10
N PHE H 110 -17.66 -10.58 10.29
CA PHE H 110 -16.25 -10.77 10.58
C PHE H 110 -16.13 -11.59 11.85
N TRP H 111 -15.19 -12.52 11.86
CA TRP H 111 -14.98 -13.38 13.03
C TRP H 111 -13.61 -13.08 13.63
N TYR H 112 -13.53 -13.21 14.95
CA TYR H 112 -12.30 -12.90 15.66
C TYR H 112 -12.27 -13.69 16.96
N LEU H 113 -11.08 -13.80 17.53
CA LEU H 113 -10.88 -14.45 18.82
C LEU H 113 -10.60 -13.37 19.87
N GLU H 114 -11.25 -13.50 21.03
CA GLU H 114 -11.08 -12.56 22.12
C GLU H 114 -10.64 -13.32 23.36
N HIS H 115 -9.62 -12.81 24.04
CA HIS H 115 -9.11 -13.47 25.23
C HIS H 115 -10.17 -13.49 26.33
N ALA H 116 -10.19 -14.57 27.10
CA ALA H 116 -11.23 -14.74 28.10
C ALA H 116 -11.19 -13.66 29.18
N LYS H 117 -9.99 -13.29 29.62
CA LYS H 117 -9.85 -12.37 30.74
C LYS H 117 -9.21 -11.05 30.36
N THR H 118 -8.04 -11.08 29.69
CA THR H 118 -7.29 -9.86 29.44
C THR H 118 -7.96 -8.93 28.44
N GLY H 119 -8.98 -9.40 27.71
CA GLY H 119 -9.59 -8.59 26.68
C GLY H 119 -8.78 -8.51 25.41
N GLU H 120 -7.70 -9.27 25.30
CA GLU H 120 -6.88 -9.26 24.09
C GLU H 120 -7.71 -9.79 22.91
N THR H 121 -7.59 -9.10 21.78
CA THR H 121 -8.44 -9.36 20.62
C THR H 121 -7.59 -9.41 19.37
N SER H 122 -7.91 -10.37 18.49
CA SER H 122 -7.22 -10.50 17.21
C SER H 122 -7.74 -9.45 16.23
N VAL H 123 -7.15 -9.43 15.05
CA VAL H 123 -7.69 -8.61 13.96
C VAL H 123 -8.81 -9.43 13.33
N PRO H 124 -10.05 -8.93 13.34
CA PRO H 124 -11.15 -9.71 12.77
C PRO H 124 -10.92 -10.01 11.30
N LYS H 125 -11.28 -11.23 10.90
CA LYS H 125 -11.19 -11.68 9.52
C LYS H 125 -12.60 -11.89 8.98
N CYS H 126 -12.76 -11.67 7.68
CA CYS H 126 -14.09 -11.70 7.10
C CYS H 126 -14.67 -13.11 7.11
N TRP H 127 -15.97 -13.18 7.31
CA TRP H 127 -16.71 -14.43 7.22
C TRP H 127 -17.16 -14.60 5.77
N LEU H 128 -16.52 -15.52 5.06
CA LEU H 128 -16.71 -15.62 3.62
C LEU H 128 -18.06 -16.22 3.28
N VAL H 129 -18.55 -15.90 2.08
CA VAL H 129 -19.83 -16.40 1.60
C VAL H 129 -19.63 -17.03 0.24
N THR H 130 -20.49 -17.99 -0.07
CA THR H 130 -20.52 -18.63 -1.38
C THR H 130 -21.87 -19.29 -1.56
N ASN H 131 -22.35 -19.30 -2.80
CA ASN H 131 -23.68 -19.81 -3.13
C ASN H 131 -24.76 -19.10 -2.33
N GLY H 132 -24.51 -17.87 -1.92
CA GLY H 132 -25.44 -17.11 -1.10
C GLY H 132 -25.65 -17.68 0.29
N ALA H 133 -24.59 -18.16 0.92
CA ALA H 133 -24.69 -18.70 2.26
C ALA H 133 -23.34 -18.59 2.96
N TYR H 134 -23.38 -18.24 4.24
CA TYR H 134 -22.14 -18.15 5.01
C TYR H 134 -21.58 -19.54 5.28
N LEU H 135 -20.27 -19.59 5.50
CA LEU H 135 -19.59 -20.83 5.82
C LEU H 135 -19.74 -21.12 7.31
N ASN H 136 -20.04 -22.37 7.64
CA ASN H 136 -20.12 -22.74 9.05
C ASN H 136 -18.77 -22.61 9.72
N GLU H 137 -18.80 -22.42 11.05
CA GLU H 137 -17.56 -22.30 11.81
C GLU H 137 -16.67 -23.52 11.64
N THR H 138 -17.25 -24.68 11.39
CA THR H 138 -16.47 -25.90 11.17
C THR H 138 -15.83 -25.95 9.79
N HIS H 139 -16.30 -25.14 8.84
CA HIS H 139 -15.74 -25.18 7.50
C HIS H 139 -14.31 -24.66 7.46
N PHE H 140 -13.94 -23.77 8.37
CA PHE H 140 -12.58 -23.24 8.43
C PHE H 140 -12.01 -23.38 9.83
N SER H 141 -12.27 -24.52 10.46
CA SER H 141 -11.85 -24.72 11.85
C SER H 141 -10.33 -24.68 11.98
N ASP H 142 -9.61 -25.31 11.05
CA ASP H 142 -8.15 -25.30 11.11
C ASP H 142 -7.59 -23.90 10.88
N GLN H 143 -8.30 -23.06 10.10
CA GLN H 143 -7.88 -21.67 9.96
C GLN H 143 -7.99 -20.92 11.28
N ILE H 144 -9.04 -21.19 12.06
CA ILE H 144 -9.16 -20.59 13.38
C ILE H 144 -8.02 -21.04 14.28
N GLU H 145 -7.62 -22.30 14.14
CA GLU H 145 -6.53 -22.83 14.97
C GLU H 145 -5.20 -22.15 14.65
N GLN H 146 -5.02 -21.62 13.44
CA GLN H 146 -3.83 -20.82 13.17
C GLN H 146 -3.83 -19.55 14.01
N GLU H 147 -4.96 -18.85 14.05
CA GLU H 147 -5.02 -17.59 14.76
C GLU H 147 -4.78 -17.78 16.26
N ALA H 148 -5.30 -18.86 16.82
CA ALA H 148 -5.10 -19.12 18.24
C ALA H 148 -3.62 -19.30 18.57
N ASP H 149 -2.89 -20.05 17.74
CA ASP H 149 -1.46 -20.23 17.99
C ASP H 149 -0.64 -19.01 17.60
N ASN H 150 -1.12 -18.20 16.64
CA ASN H 150 -0.44 -16.94 16.36
C ASN H 150 -0.44 -16.04 17.58
N MET H 151 -1.57 -15.96 18.28
CA MET H 151 -1.68 -15.08 19.43
C MET H 151 -0.96 -15.62 20.66
N ILE H 152 -0.74 -16.94 20.74
CA ILE H 152 0.10 -17.48 21.80
C ILE H 152 1.51 -16.91 21.70
N THR H 153 2.10 -16.97 20.50
CA THR H 153 3.44 -16.43 20.31
C THR H 153 3.45 -14.92 20.47
N GLU H 154 2.43 -14.24 19.93
CA GLU H 154 2.37 -12.79 20.01
C GLU H 154 2.25 -12.31 21.45
N MET H 155 1.43 -12.98 22.26
CA MET H 155 1.30 -12.60 23.65
C MET H 155 2.50 -13.07 24.48
N LEU H 156 3.06 -14.24 24.15
CA LEU H 156 4.24 -14.71 24.86
C LEU H 156 5.46 -13.87 24.53
N ARG H 157 5.50 -13.29 23.33
CA ARG H 157 6.59 -12.38 22.98
C ARG H 157 6.63 -11.18 23.93
N LYS H 158 5.47 -10.54 24.13
CA LYS H 158 5.41 -9.35 24.98
C LYS H 158 5.44 -9.72 26.46
N ASP H 159 4.95 -10.91 26.83
CA ASP H 159 4.91 -11.28 28.23
C ASP H 159 6.29 -11.65 28.75
N TYR H 160 7.08 -12.37 27.96
CA TYR H 160 8.42 -12.75 28.40
C TYR H 160 9.35 -11.53 28.46
N ILE H 161 9.27 -10.67 27.45
CA ILE H 161 10.18 -9.52 27.40
C ILE H 161 9.93 -8.57 28.57
N LYS H 162 8.70 -8.52 29.07
CA LYS H 162 8.32 -7.68 30.20
C LYS H 162 8.64 -6.20 29.94
N ASP I 26 27.69 -19.63 -5.45
CA ASP I 26 27.96 -20.94 -4.90
C ASP I 26 27.20 -21.12 -3.59
N ILE I 27 27.91 -21.05 -2.46
CA ILE I 27 27.33 -21.23 -1.15
C ILE I 27 27.74 -20.06 -0.26
N TYR I 28 26.77 -19.45 0.41
CA TYR I 28 26.99 -18.31 1.29
C TYR I 28 26.71 -18.71 2.73
N LYS I 29 27.61 -18.31 3.63
CA LYS I 29 27.55 -18.61 5.06
C LYS I 29 27.60 -20.09 5.36
N GLY I 30 27.91 -20.92 4.37
CA GLY I 30 28.03 -22.35 4.58
C GLY I 30 26.74 -23.12 4.40
N VAL I 31 25.65 -22.61 4.97
CA VAL I 31 24.38 -23.33 5.01
C VAL I 31 23.32 -22.69 4.13
N TYR I 32 23.71 -21.79 3.24
CA TYR I 32 22.79 -21.26 2.23
C TYR I 32 23.49 -21.24 0.88
N GLN I 33 22.70 -21.34 -0.18
CA GLN I 33 23.23 -21.39 -1.54
C GLN I 33 22.47 -20.43 -2.43
N PHE I 34 23.18 -19.90 -3.43
CA PHE I 34 22.66 -18.88 -4.32
C PHE I 34 22.08 -19.54 -5.57
N LYS I 35 20.83 -19.20 -5.90
CA LYS I 35 20.17 -19.72 -7.08
C LYS I 35 19.20 -18.69 -7.61
N SER I 36 18.83 -18.84 -8.88
CA SER I 36 18.02 -17.85 -9.58
C SER I 36 16.85 -18.51 -10.28
N VAL I 37 15.77 -17.76 -10.42
CA VAL I 37 14.58 -18.17 -11.15
C VAL I 37 14.29 -17.14 -12.22
N GLU I 38 14.07 -17.60 -13.45
CA GLU I 38 13.75 -16.71 -14.56
C GLU I 38 12.39 -17.10 -15.13
N PHE I 39 11.45 -16.16 -15.11
CA PHE I 39 10.10 -16.43 -15.57
C PHE I 39 10.00 -16.37 -17.08
N ASP I 40 9.25 -17.30 -17.66
CA ASP I 40 8.90 -17.28 -19.08
C ASP I 40 7.49 -16.75 -19.20
N MET I 41 7.34 -15.61 -19.87
CA MET I 41 6.06 -14.91 -19.92
C MET I 41 5.33 -15.11 -21.24
N SER I 42 5.66 -16.17 -21.99
CA SER I 42 4.92 -16.47 -23.20
C SER I 42 3.61 -17.19 -22.91
N HIS I 43 3.45 -17.73 -21.70
CA HIS I 43 2.23 -18.43 -21.31
C HIS I 43 1.17 -17.49 -20.76
N LEU I 44 1.49 -16.22 -20.56
CA LEU I 44 0.55 -15.21 -20.11
C LEU I 44 -0.17 -14.54 -21.27
N ASN I 45 0.06 -15.02 -22.49
CA ASN I 45 -0.44 -14.34 -23.69
C ASN I 45 -1.96 -14.31 -23.75
N LEU I 46 -2.64 -15.30 -23.19
CA LEU I 46 -4.08 -15.38 -23.34
C LEU I 46 -4.83 -14.40 -22.44
N THR I 47 -4.30 -14.11 -21.25
CA THR I 47 -5.03 -13.32 -20.27
C THR I 47 -4.58 -11.86 -20.19
N MET I 48 -3.29 -11.58 -20.35
CA MET I 48 -2.79 -10.22 -20.25
C MET I 48 -1.96 -9.86 -21.47
N PRO I 49 -1.96 -8.59 -21.89
CA PRO I 49 -1.27 -8.22 -23.13
C PRO I 49 0.24 -8.23 -23.03
N ASN I 50 0.92 -7.86 -24.11
CA ASN I 50 2.37 -7.91 -24.20
C ASN I 50 2.87 -6.71 -24.98
N ALA I 51 4.08 -6.28 -24.66
CA ALA I 51 4.72 -5.16 -25.35
C ALA I 51 6.17 -5.52 -25.66
N CYS I 52 6.60 -5.23 -26.89
CA CYS I 52 7.94 -5.56 -27.34
C CYS I 52 8.44 -4.58 -28.39
N SER I 53 9.76 -4.60 -28.56
CA SER I 53 10.45 -3.98 -29.68
C SER I 53 11.25 -5.07 -30.40
N ALA I 54 11.17 -5.10 -31.72
CA ALA I 54 11.81 -6.18 -32.47
C ALA I 54 13.31 -5.97 -32.62
N ASN I 55 13.72 -4.92 -33.35
CA ASN I 55 15.15 -4.65 -33.51
C ASN I 55 15.53 -3.34 -32.83
N ASN I 56 15.14 -2.21 -33.41
CA ASN I 56 15.20 -0.89 -32.80
C ASN I 56 14.03 -0.07 -33.31
N SER I 57 13.43 -0.53 -34.41
CA SER I 57 12.44 0.22 -35.15
C SER I 57 11.11 -0.49 -35.31
N HIS I 58 11.04 -1.80 -35.08
CA HIS I 58 9.79 -2.54 -35.13
C HIS I 58 9.38 -2.89 -33.70
N HIS I 59 8.15 -2.55 -33.33
CA HIS I 59 7.63 -2.80 -32.00
C HIS I 59 6.26 -3.46 -32.11
N TYR I 60 5.98 -4.37 -31.18
CA TYR I 60 4.78 -5.19 -31.24
C TYR I 60 4.05 -5.19 -29.91
N ILE I 61 2.75 -4.91 -29.96
CA ILE I 61 1.84 -5.10 -28.84
C ILE I 61 0.84 -6.18 -29.23
N SER I 62 0.71 -7.21 -28.40
CA SER I 62 -0.10 -8.37 -28.74
C SER I 62 -1.04 -8.73 -27.61
N MET I 63 -2.21 -9.24 -27.96
CA MET I 63 -3.16 -9.82 -27.03
C MET I 63 -3.59 -11.17 -27.56
N GLY I 64 -3.17 -12.25 -26.88
CA GLY I 64 -3.45 -13.58 -27.37
C GLY I 64 -2.71 -13.87 -28.66
N THR I 65 -3.46 -13.93 -29.77
CA THR I 65 -2.85 -14.05 -31.08
C THR I 65 -2.98 -12.78 -31.91
N SER I 66 -3.86 -11.86 -31.54
CA SER I 66 -3.97 -10.58 -32.22
C SER I 66 -2.84 -9.65 -31.77
N GLY I 67 -2.29 -8.89 -32.71
CA GLY I 67 -1.15 -8.06 -32.40
C GLY I 67 -1.12 -6.80 -33.24
N LEU I 68 -0.20 -5.91 -32.88
CA LEU I 68 0.00 -4.65 -33.56
C LEU I 68 1.46 -4.51 -33.96
N GLU I 69 1.71 -3.78 -35.05
CA GLU I 69 3.05 -3.54 -35.54
C GLU I 69 3.31 -2.04 -35.57
N LEU I 70 4.31 -1.60 -34.80
CA LEU I 70 4.71 -0.20 -34.75
C LEU I 70 6.08 -0.07 -35.42
N THR I 71 6.13 0.67 -36.51
CA THR I 71 7.33 0.80 -37.33
C THR I 71 7.75 2.25 -37.45
N PHE I 72 9.03 2.52 -37.19
CA PHE I 72 9.62 3.84 -37.37
C PHE I 72 10.32 3.84 -38.73
N THR I 73 9.72 4.52 -39.71
CA THR I 73 10.23 4.50 -41.06
C THR I 73 10.24 5.90 -41.64
N ASN I 74 11.13 6.10 -42.62
CA ASN I 74 11.05 7.27 -43.50
C ASN I 74 10.09 7.05 -44.67
N ASP I 75 9.47 5.88 -44.77
CA ASP I 75 8.57 5.55 -45.86
C ASP I 75 7.13 5.83 -45.45
N SER I 76 6.44 6.65 -46.24
CA SER I 76 5.05 7.03 -45.94
C SER I 76 4.10 6.04 -46.60
N ILE I 77 3.19 5.48 -45.79
CA ILE I 77 2.22 4.53 -46.30
C ILE I 77 0.92 5.22 -46.67
N ILE I 78 0.44 6.15 -45.84
CA ILE I 78 -0.82 6.85 -46.07
C ILE I 78 -0.50 8.26 -46.56
N SER I 79 -1.17 8.68 -47.63
CA SER I 79 -0.97 10.01 -48.19
C SER I 79 -2.19 10.92 -48.06
N HIS I 80 -3.40 10.36 -48.02
CA HIS I 80 -4.60 11.17 -47.88
C HIS I 80 -4.66 11.81 -46.51
N ASN I 81 -5.32 12.97 -46.44
CA ASN I 81 -5.42 13.75 -45.21
C ASN I 81 -6.76 13.49 -44.53
N PHE I 82 -6.88 12.29 -43.97
CA PHE I 82 -8.12 11.85 -43.32
C PHE I 82 -7.81 10.90 -42.18
N CYS I 83 -8.43 11.15 -41.02
CA CYS I 83 -8.50 10.18 -39.93
C CYS I 83 -9.94 10.22 -39.43
N ASN I 84 -10.79 9.40 -40.03
CA ASN I 84 -12.23 9.41 -39.77
C ASN I 84 -12.67 8.08 -39.16
N LEU I 85 -13.41 8.18 -38.05
CA LEU I 85 -13.89 7.01 -37.33
C LEU I 85 -15.41 6.93 -37.29
N THR I 86 -16.12 7.82 -37.98
CA THR I 86 -17.57 7.78 -37.99
C THR I 86 -18.06 6.49 -38.64
N SER I 87 -17.42 6.06 -39.71
CA SER I 87 -17.79 4.82 -40.38
C SER I 87 -16.99 3.62 -39.92
N ALA I 88 -15.83 3.84 -39.31
CA ALA I 88 -14.97 2.72 -38.93
C ALA I 88 -15.64 1.82 -37.91
N PHE I 89 -16.32 2.40 -36.93
CA PHE I 89 -16.98 1.61 -35.90
C PHE I 89 -18.10 0.76 -36.48
N ASN I 90 -18.84 1.30 -37.45
CA ASN I 90 -19.98 0.60 -38.06
C ASN I 90 -19.54 -0.01 -39.40
N LYS I 91 -18.84 -1.13 -39.29
CA LYS I 91 -18.39 -1.88 -40.46
C LYS I 91 -18.66 -3.37 -40.26
N LYS I 92 -18.56 -4.12 -41.35
CA LYS I 92 -18.78 -5.56 -41.29
C LYS I 92 -17.75 -6.23 -40.41
N THR I 93 -16.48 -5.84 -40.53
CA THR I 93 -15.41 -6.33 -39.67
C THR I 93 -14.90 -5.18 -38.81
N PHE I 94 -14.62 -5.49 -37.54
CA PHE I 94 -14.10 -4.49 -36.62
C PHE I 94 -13.52 -5.22 -35.42
N ASP I 95 -12.21 -5.10 -35.21
CA ASP I 95 -11.54 -5.80 -34.12
C ASP I 95 -11.65 -4.94 -32.87
N HIS I 96 -12.39 -5.41 -31.87
CA HIS I 96 -12.56 -4.65 -30.64
C HIS I 96 -11.33 -4.74 -29.74
N THR I 97 -10.65 -5.88 -29.74
CA THR I 97 -9.46 -6.02 -28.90
C THR I 97 -8.35 -5.10 -29.37
N LEU I 98 -8.13 -5.01 -30.69
CA LEU I 98 -7.06 -4.18 -31.21
C LEU I 98 -7.40 -2.70 -31.18
N MET I 99 -8.67 -2.36 -31.45
CA MET I 99 -9.06 -0.96 -31.39
C MET I 99 -9.01 -0.42 -29.96
N SER I 100 -9.11 -1.31 -28.97
CA SER I 100 -8.89 -0.89 -27.59
C SER I 100 -7.47 -0.44 -27.36
N ILE I 101 -6.50 -1.14 -27.95
CA ILE I 101 -5.09 -0.79 -27.76
C ILE I 101 -4.76 0.51 -28.49
N VAL I 102 -5.26 0.65 -29.73
CA VAL I 102 -4.99 1.86 -30.50
C VAL I 102 -5.57 3.08 -29.81
N SER I 103 -6.79 2.94 -29.27
CA SER I 103 -7.41 4.05 -28.55
C SER I 103 -6.63 4.39 -27.28
N SER I 104 -6.12 3.37 -26.58
CA SER I 104 -5.34 3.62 -25.38
C SER I 104 -4.03 4.34 -25.71
N LEU I 105 -3.37 3.95 -26.80
CA LEU I 105 -2.10 4.57 -27.15
C LEU I 105 -2.29 6.01 -27.63
N HIS I 106 -3.30 6.24 -28.48
CA HIS I 106 -3.53 7.58 -29.01
C HIS I 106 -3.90 8.58 -27.93
N LEU I 107 -4.44 8.11 -26.82
CA LEU I 107 -4.85 9.00 -25.72
C LEU I 107 -3.75 9.23 -24.70
N SER I 108 -2.56 8.69 -24.93
CA SER I 108 -1.41 8.94 -24.06
C SER I 108 -0.44 9.95 -24.65
N ILE I 109 -0.85 10.67 -25.69
CA ILE I 109 -0.02 11.69 -26.32
C ILE I 109 -0.31 13.03 -25.68
N ARG I 110 0.75 13.77 -25.33
CA ARG I 110 0.61 15.04 -24.63
C ARG I 110 -0.27 16.01 -25.43
N GLY I 111 -1.12 16.73 -24.70
CA GLY I 111 -1.95 17.73 -25.33
C GLY I 111 -2.98 17.11 -26.25
N ASN I 112 -3.25 17.80 -27.35
CA ASN I 112 -4.19 17.34 -28.36
C ASN I 112 -3.43 16.92 -29.60
N SER I 113 -3.77 15.76 -30.13
CA SER I 113 -3.14 15.29 -31.36
C SER I 113 -3.59 16.14 -32.54
N ASN I 114 -2.64 16.58 -33.36
CA ASN I 114 -2.93 17.38 -34.53
C ASN I 114 -3.45 16.48 -35.63
N TYR I 115 -4.72 16.65 -36.01
CA TYR I 115 -5.25 15.88 -37.13
C TYR I 115 -4.67 16.32 -38.47
N LYS I 116 -3.93 17.43 -38.49
CA LYS I 116 -3.09 17.76 -39.63
C LYS I 116 -1.87 16.85 -39.72
N ALA I 117 -1.57 16.09 -38.67
CA ALA I 117 -0.39 15.26 -38.60
C ALA I 117 -0.67 13.79 -38.36
N VAL I 118 -1.94 13.40 -38.21
CA VAL I 118 -2.31 12.01 -38.00
C VAL I 118 -3.31 11.62 -39.08
N SER I 119 -2.98 10.58 -39.84
CA SER I 119 -3.87 10.03 -40.84
C SER I 119 -4.22 8.59 -40.48
N CYS I 120 -5.43 8.18 -40.85
CA CYS I 120 -5.96 6.88 -40.48
C CYS I 120 -6.60 6.22 -41.68
N ASP I 121 -6.62 4.89 -41.69
CA ASP I 121 -7.27 4.14 -42.75
C ASP I 121 -7.77 2.83 -42.16
N PHE I 122 -9.09 2.64 -42.14
CA PHE I 122 -9.73 1.48 -41.56
C PHE I 122 -10.50 0.67 -42.59
N ASN I 123 -10.08 0.74 -43.85
CA ASN I 123 -10.75 -0.04 -44.89
C ASN I 123 -10.59 -1.53 -44.67
N ASN I 124 -9.35 -1.97 -44.41
CA ASN I 124 -9.05 -3.39 -44.15
C ASN I 124 -7.96 -3.49 -43.08
N GLY I 125 -8.40 -3.58 -41.83
CA GLY I 125 -7.48 -3.60 -40.70
C GLY I 125 -7.23 -2.22 -40.16
N ILE I 126 -6.41 -2.18 -39.11
CA ILE I 126 -6.06 -0.93 -38.45
C ILE I 126 -4.77 -0.39 -39.05
N THR I 127 -4.78 0.88 -39.45
CA THR I 127 -3.60 1.53 -39.99
C THR I 127 -3.71 3.02 -39.70
N ILE I 128 -2.85 3.52 -38.81
CA ILE I 128 -2.81 4.92 -38.45
C ILE I 128 -1.38 5.42 -38.62
N GLN I 129 -1.24 6.60 -39.21
CA GLN I 129 0.06 7.17 -39.54
C GLN I 129 0.32 8.41 -38.71
N TYR I 130 1.45 8.43 -38.01
CA TYR I 130 1.88 9.58 -37.22
C TYR I 130 3.02 10.26 -37.98
N ASN I 131 2.85 11.55 -38.27
CA ASN I 131 3.72 12.17 -39.27
C ASN I 131 5.08 12.56 -38.70
N LEU I 132 5.10 13.26 -37.57
CA LEU I 132 6.32 13.50 -36.79
C LEU I 132 7.42 14.21 -37.60
N THR I 133 7.06 15.05 -38.55
CA THR I 133 8.03 15.85 -39.28
C THR I 133 8.08 17.24 -38.67
N PHE I 134 9.30 17.76 -38.49
CA PHE I 134 9.49 18.96 -37.68
C PHE I 134 8.75 20.17 -38.25
N SER I 135 8.83 20.35 -39.57
CA SER I 135 8.22 21.49 -40.24
C SER I 135 8.71 22.82 -39.67
N SER I 142 13.08 23.16 -28.26
CA SER I 142 12.63 22.82 -29.60
C SER I 142 12.76 21.33 -29.87
N GLN I 143 13.66 20.69 -29.12
CA GLN I 143 13.89 19.25 -29.32
C GLN I 143 12.77 18.42 -28.69
N CYS I 144 12.21 18.89 -27.57
CA CYS I 144 11.17 18.15 -26.86
C CYS I 144 9.82 18.85 -26.86
N ARG I 145 9.70 20.00 -27.50
CA ARG I 145 8.46 20.77 -27.52
C ARG I 145 7.69 20.60 -28.82
N THR I 146 8.12 19.68 -29.68
CA THR I 146 7.46 19.44 -30.96
C THR I 146 6.54 18.24 -30.86
N PHE I 147 5.82 17.98 -31.96
CA PHE I 147 4.91 16.83 -31.99
C PHE I 147 5.66 15.52 -31.89
N ARG I 148 6.89 15.47 -32.39
CA ARG I 148 7.71 14.27 -32.25
C ARG I 148 8.01 13.96 -30.79
N GLY I 149 8.31 14.99 -30.00
CA GLY I 149 8.60 14.76 -28.59
C GLY I 149 7.41 14.27 -27.80
N ARG I 150 6.20 14.67 -28.20
CA ARG I 150 5.01 14.19 -27.51
C ARG I 150 4.72 12.73 -27.85
N VAL I 151 4.84 12.35 -29.13
CA VAL I 151 4.59 10.98 -29.53
C VAL I 151 5.62 10.05 -28.90
N LEU I 152 6.89 10.46 -28.89
CA LEU I 152 7.93 9.65 -28.28
C LEU I 152 7.77 9.52 -26.77
N ASP I 153 6.92 10.34 -26.14
CA ASP I 153 6.59 10.13 -24.75
C ASP I 153 5.62 8.97 -24.57
N MET I 154 4.68 8.81 -25.50
CA MET I 154 3.83 7.62 -25.52
C MET I 154 4.68 6.37 -25.76
N PHE I 155 5.64 6.45 -26.67
CA PHE I 155 6.52 5.32 -26.93
C PHE I 155 7.35 4.98 -25.71
N ARG I 156 7.84 5.99 -24.99
CA ARG I 156 8.72 5.75 -23.86
C ARG I 156 8.03 4.97 -22.75
N THR I 157 6.76 5.30 -22.47
CA THR I 157 6.06 4.65 -21.37
C THR I 157 5.76 3.19 -21.69
N ALA I 158 5.21 2.92 -22.89
CA ALA I 158 4.81 1.57 -23.23
C ALA I 158 6.01 0.66 -23.46
N PHE I 159 6.98 1.13 -24.24
CA PHE I 159 8.08 0.28 -24.68
C PHE I 159 9.37 0.54 -23.93
N GLY I 160 9.32 1.30 -22.84
CA GLY I 160 10.50 1.51 -22.03
C GLY I 160 11.49 2.47 -22.67
N GLY I 161 12.66 2.55 -22.04
CA GLY I 161 13.70 3.43 -22.52
C GLY I 161 14.90 2.71 -23.08
N LYS I 162 14.71 1.44 -23.46
CA LYS I 162 15.82 0.65 -23.98
C LYS I 162 16.36 1.23 -25.29
N TYR I 163 15.46 1.68 -26.16
CA TYR I 163 15.85 2.25 -27.44
C TYR I 163 15.43 3.71 -27.52
N MET I 164 16.04 4.42 -28.46
CA MET I 164 15.66 5.78 -28.81
C MET I 164 16.02 6.78 -27.71
N ARG I 165 17.00 6.45 -26.87
CA ARG I 165 17.41 7.34 -25.79
C ARG I 165 18.93 7.43 -25.72
N SER I 166 19.41 8.54 -25.19
CA SER I 166 20.82 8.77 -24.92
C SER I 166 21.00 8.99 -23.42
N CYS I 167 21.94 8.28 -22.82
CA CYS I 167 22.11 8.33 -21.38
C CYS I 167 22.88 9.58 -20.96
N TRP I 168 22.89 9.80 -19.65
CA TRP I 168 23.42 11.04 -19.08
C TRP I 168 24.91 11.20 -19.37
N GLY I 169 25.70 10.18 -19.05
CA GLY I 169 27.14 10.30 -19.14
C GLY I 169 27.74 9.85 -20.45
N TRP I 170 27.36 10.50 -21.55
CA TRP I 170 27.94 10.22 -22.85
C TRP I 170 28.67 11.40 -23.46
N THR I 171 28.34 12.64 -23.07
CA THR I 171 28.97 13.83 -23.61
C THR I 171 29.63 14.64 -22.49
N GLY I 172 30.36 13.97 -21.61
CA GLY I 172 31.02 14.60 -20.50
C GLY I 172 30.34 14.29 -19.18
N SER I 173 31.08 14.53 -18.10
CA SER I 173 30.55 14.29 -16.76
C SER I 173 29.56 15.35 -16.31
N ASP I 174 29.52 16.50 -16.98
CA ASP I 174 28.55 17.54 -16.70
C ASP I 174 27.50 17.69 -17.79
N GLY I 175 27.60 16.92 -18.87
CA GLY I 175 26.59 16.99 -19.91
C GLY I 175 25.30 16.31 -19.51
N LYS I 176 24.19 16.91 -19.90
CA LYS I 176 22.87 16.42 -19.53
C LYS I 176 22.08 16.02 -20.77
N THR I 177 21.21 15.04 -20.60
CA THR I 177 20.37 14.53 -21.68
C THR I 177 18.99 15.17 -21.62
N THR I 178 18.30 15.14 -22.76
CA THR I 178 16.98 15.74 -22.84
C THR I 178 15.96 14.89 -22.09
N TRP I 179 14.80 15.49 -21.85
CA TRP I 179 13.71 14.77 -21.18
C TRP I 179 13.07 13.75 -22.13
N CYS I 180 12.83 14.14 -23.37
CA CYS I 180 12.11 13.29 -24.31
C CYS I 180 13.07 12.38 -25.06
N SER I 181 12.58 11.21 -25.43
CA SER I 181 13.31 10.34 -26.34
C SER I 181 13.24 10.91 -27.75
N GLN I 182 14.36 10.84 -28.47
CA GLN I 182 14.46 11.44 -29.79
C GLN I 182 14.71 10.38 -30.84
N THR I 183 14.20 10.62 -32.04
CA THR I 183 14.37 9.72 -33.17
C THR I 183 14.80 10.50 -34.40
N SER I 184 15.52 9.82 -35.28
CA SER I 184 15.89 10.38 -36.57
C SER I 184 14.84 10.08 -37.64
N TYR I 185 14.07 9.01 -37.47
CA TYR I 185 13.02 8.66 -38.43
C TYR I 185 11.96 9.75 -38.48
N GLN I 186 11.17 9.72 -39.55
CA GLN I 186 10.11 10.70 -39.74
C GLN I 186 8.74 10.14 -39.37
N TYR I 187 8.35 9.02 -39.95
CA TYR I 187 6.99 8.51 -39.82
C TYR I 187 6.92 7.40 -38.78
N LEU I 188 5.75 7.27 -38.17
CA LEU I 188 5.44 6.16 -37.28
C LEU I 188 4.14 5.52 -37.75
N ILE I 189 4.19 4.22 -38.03
CA ILE I 189 3.05 3.49 -38.58
C ILE I 189 2.63 2.44 -37.57
N ILE I 190 1.32 2.35 -37.32
CA ILE I 190 0.74 1.28 -36.50
C ILE I 190 -0.20 0.48 -37.39
N GLN I 191 0.10 -0.82 -37.54
CA GLN I 191 -0.70 -1.71 -38.36
C GLN I 191 -0.94 -3.00 -37.62
N ASN I 192 -2.08 -3.62 -37.90
CA ASN I 192 -2.39 -4.92 -37.31
C ASN I 192 -1.53 -6.02 -37.94
N ARG I 193 -1.19 -7.01 -37.13
CA ARG I 193 -0.29 -8.09 -37.55
C ARG I 193 -0.51 -9.26 -36.61
N THR I 194 -0.85 -10.42 -37.16
CA THR I 194 -1.07 -11.60 -36.33
C THR I 194 0.24 -12.01 -35.65
N TRP I 195 0.14 -12.32 -34.37
CA TRP I 195 1.34 -12.63 -33.60
C TRP I 195 1.95 -13.94 -34.07
N GLU I 196 3.25 -13.91 -34.35
CA GLU I 196 3.97 -15.07 -34.87
C GLU I 196 5.33 -15.17 -34.19
N ASN I 197 5.37 -14.82 -32.90
CA ASN I 197 6.59 -14.88 -32.09
C ASN I 197 7.70 -14.02 -32.70
N HIS I 198 7.46 -12.72 -32.70
CA HIS I 198 8.44 -11.73 -33.14
C HIS I 198 9.32 -11.24 -31.99
N CYS I 199 9.17 -11.81 -30.80
CA CYS I 199 9.74 -11.23 -29.60
C CYS I 199 9.88 -12.28 -28.51
N THR I 200 10.62 -11.91 -27.48
CA THR I 200 10.70 -12.64 -26.23
C THR I 200 9.80 -11.94 -25.22
N TYR I 201 8.73 -12.61 -24.81
CA TYR I 201 7.64 -11.96 -24.09
C TYR I 201 8.15 -11.19 -22.88
N ALA I 202 7.66 -9.97 -22.71
CA ALA I 202 8.09 -9.08 -21.65
C ALA I 202 7.09 -8.91 -20.52
N GLY I 203 5.82 -9.21 -20.75
CA GLY I 203 4.81 -9.08 -19.73
C GLY I 203 3.80 -8.00 -20.06
N PRO I 204 2.82 -7.82 -19.17
CA PRO I 204 1.78 -6.80 -19.40
C PRO I 204 2.12 -5.40 -18.88
N PHE I 205 3.37 -5.15 -18.51
CA PHE I 205 3.73 -3.89 -17.88
C PHE I 205 3.76 -2.72 -18.84
N GLY I 206 3.97 -2.97 -20.14
CA GLY I 206 3.92 -1.89 -21.10
C GLY I 206 2.56 -1.24 -21.17
N MET I 207 1.50 -2.05 -21.24
CA MET I 207 0.16 -1.51 -21.22
C MET I 207 -0.26 -1.04 -19.83
N SER I 208 0.35 -1.61 -18.79
CA SER I 208 0.04 -1.18 -17.43
C SER I 208 0.48 0.26 -17.20
N ARG I 209 1.66 0.63 -17.71
CA ARG I 209 2.13 2.00 -17.57
C ARG I 209 1.35 2.97 -18.47
N ILE I 210 0.78 2.48 -19.57
CA ILE I 210 0.00 3.34 -20.45
C ILE I 210 -1.30 3.77 -19.78
N LEU I 211 -1.94 2.84 -19.08
CA LEU I 211 -3.23 3.15 -18.46
C LEU I 211 -3.11 4.17 -17.34
N LEU I 212 -1.91 4.30 -16.75
CA LEU I 212 -1.69 5.34 -15.76
C LEU I 212 -1.59 6.71 -16.40
N SER I 213 -1.10 6.79 -17.63
CA SER I 213 -0.86 8.07 -18.29
C SER I 213 -1.93 8.43 -19.31
N GLN I 214 -3.02 7.68 -19.36
CA GLN I 214 -4.05 7.94 -20.35
C GLN I 214 -4.84 9.19 -19.98
N GLU I 215 -4.77 10.21 -20.83
CA GLU I 215 -5.48 11.48 -20.64
C GLU I 215 -5.09 12.16 -19.33
N LYS I 216 -3.86 11.98 -18.88
CA LYS I 216 -3.39 12.70 -17.71
C LYS I 216 -3.12 14.17 -18.02
N THR I 217 -2.81 14.49 -19.27
CA THR I 217 -2.50 15.85 -19.69
C THR I 217 -3.40 16.29 -20.85
N LYS I 218 -4.56 15.67 -20.99
CA LYS I 218 -5.47 16.02 -22.07
C LYS I 218 -6.01 17.44 -21.87
N PHE I 219 -6.03 18.20 -22.95
CA PHE I 219 -6.31 19.63 -22.89
C PHE I 219 -7.82 19.90 -22.81
N LEU I 220 -8.14 21.16 -22.50
CA LEU I 220 -9.52 21.53 -22.21
C LEU I 220 -10.41 21.38 -23.44
N THR I 221 -9.90 21.77 -24.61
CA THR I 221 -10.67 21.76 -25.86
C THR I 221 -12.03 22.43 -25.72
N ASP J 1 40.05 -13.31 -21.11
CA ASP J 1 40.11 -12.23 -20.13
C ASP J 1 39.80 -10.89 -20.76
N ILE J 2 39.62 -9.88 -19.92
CA ILE J 2 39.37 -8.52 -20.36
C ILE J 2 40.64 -7.70 -20.17
N VAL J 3 41.00 -6.92 -21.17
CA VAL J 3 42.18 -6.07 -21.13
C VAL J 3 41.75 -4.64 -21.40
N LEU J 4 42.22 -3.71 -20.57
CA LEU J 4 41.93 -2.30 -20.72
C LEU J 4 43.12 -1.62 -21.38
N THR J 5 42.91 -1.08 -22.57
CA THR J 5 43.98 -0.46 -23.35
C THR J 5 43.85 1.06 -23.27
N GLN J 6 44.91 1.71 -22.79
CA GLN J 6 44.93 3.15 -22.61
C GLN J 6 45.77 3.78 -23.71
N SER J 7 45.18 4.69 -24.46
CA SER J 7 45.87 5.39 -25.53
C SER J 7 45.55 6.87 -25.47
N PRO J 8 46.53 7.74 -25.76
CA PRO J 8 47.93 7.44 -26.09
C PRO J 8 48.74 7.08 -24.84
N GLY J 9 49.93 6.50 -25.02
CA GLY J 9 50.70 6.06 -23.87
C GLY J 9 51.14 7.22 -22.99
N THR J 10 51.57 8.32 -23.60
CA THR J 10 52.03 9.47 -22.84
C THR J 10 51.52 10.75 -23.50
N LEU J 11 51.36 11.79 -22.69
CA LEU J 11 50.95 13.11 -23.15
C LEU J 11 51.96 14.14 -22.70
N SER J 12 52.40 14.99 -23.63
CA SER J 12 53.28 16.11 -23.34
C SER J 12 52.53 17.38 -23.72
N LEU J 13 51.94 18.04 -22.73
CA LEU J 13 51.16 19.25 -22.95
C LEU J 13 51.58 20.32 -21.95
N SER J 14 51.47 21.57 -22.39
CA SER J 14 51.80 22.72 -21.55
C SER J 14 50.68 23.00 -20.56
N PRO J 15 51.00 23.63 -19.42
CA PRO J 15 49.94 23.97 -18.46
C PRO J 15 48.88 24.87 -19.10
N GLY J 16 47.64 24.68 -18.68
CA GLY J 16 46.52 25.39 -19.24
C GLY J 16 45.91 24.79 -20.48
N GLU J 17 46.47 23.70 -21.00
CA GLU J 17 45.95 23.02 -22.16
C GLU J 17 44.87 22.01 -21.76
N ARG J 18 44.11 21.57 -22.74
CA ARG J 18 43.03 20.61 -22.53
C ARG J 18 43.46 19.24 -23.06
N ALA J 19 43.33 18.22 -22.22
CA ALA J 19 43.77 16.87 -22.55
C ALA J 19 42.59 15.92 -22.60
N THR J 20 42.70 14.90 -23.44
CA THR J 20 41.69 13.85 -23.56
C THR J 20 42.38 12.50 -23.58
N LEU J 21 42.11 11.67 -22.57
CA LEU J 21 42.61 10.31 -22.51
C LEU J 21 41.57 9.36 -23.10
N SER J 22 41.94 8.08 -23.18
CA SER J 22 41.04 7.07 -23.73
C SER J 22 41.33 5.73 -23.09
N CYS J 23 40.27 4.99 -22.78
CA CYS J 23 40.36 3.63 -22.28
C CYS J 23 39.49 2.74 -23.14
N ARG J 24 40.05 1.62 -23.59
CA ARG J 24 39.35 0.71 -24.48
C ARG J 24 39.35 -0.69 -23.88
N ALA J 25 38.19 -1.34 -23.88
CA ALA J 25 38.04 -2.69 -23.37
C ALA J 25 37.78 -3.66 -24.52
N SER J 26 38.29 -4.87 -24.37
CA SER J 26 38.12 -5.89 -25.40
C SER J 26 36.65 -6.25 -25.60
N GLN J 27 35.90 -6.38 -24.51
CA GLN J 27 34.52 -6.82 -24.56
C GLN J 27 33.58 -5.62 -24.64
N SER J 28 32.29 -5.87 -24.45
CA SER J 28 31.31 -4.81 -24.24
C SER J 28 31.10 -4.67 -22.74
N VAL J 29 31.24 -3.45 -22.23
CA VAL J 29 31.39 -3.20 -20.81
C VAL J 29 30.22 -2.38 -20.31
N ILE J 30 29.66 -2.77 -19.16
CA ILE J 30 28.66 -1.97 -18.48
C ILE J 30 29.32 -0.70 -17.96
N SER J 31 28.88 0.46 -18.45
CA SER J 31 29.52 1.72 -18.10
C SER J 31 29.32 2.10 -16.64
N TYR J 32 28.44 1.41 -15.91
CA TYR J 32 28.18 1.72 -14.52
C TYR J 32 29.36 1.39 -13.61
N TYR J 33 30.34 0.63 -14.09
CA TYR J 33 31.38 0.07 -13.23
C TYR J 33 32.77 0.45 -13.70
N VAL J 34 32.91 1.64 -14.30
CA VAL J 34 34.18 2.10 -14.87
C VAL J 34 34.66 3.29 -14.07
N ALA J 35 35.86 3.18 -13.51
CA ALA J 35 36.41 4.21 -12.63
C ALA J 35 37.79 4.63 -13.13
N TRP J 36 38.15 5.87 -12.81
CA TRP J 36 39.46 6.44 -13.14
C TRP J 36 40.19 6.82 -11.86
N TYR J 37 41.48 6.47 -11.80
CA TYR J 37 42.30 6.75 -10.64
C TYR J 37 43.53 7.54 -11.05
N GLN J 38 43.90 8.52 -10.25
CA GLN J 38 45.11 9.31 -10.46
C GLN J 38 46.16 8.89 -9.44
N HIS J 39 47.29 8.41 -9.92
CA HIS J 39 48.38 7.98 -9.07
C HIS J 39 49.56 8.91 -9.25
N LYS J 40 50.03 9.50 -8.16
CA LYS J 40 51.09 10.51 -8.19
C LYS J 40 52.18 10.11 -7.19
N GLY J 41 53.14 9.30 -7.64
CA GLY J 41 54.31 8.98 -6.87
C GLY J 41 54.05 8.44 -5.47
N GLY J 42 54.37 9.26 -4.47
CA GLY J 42 54.17 8.83 -3.08
C GLY J 42 52.71 8.68 -2.72
N GLN J 43 51.85 9.57 -3.22
CA GLN J 43 50.44 9.51 -2.87
C GLN J 43 49.79 8.24 -3.39
N ALA J 44 48.91 7.67 -2.58
CA ALA J 44 48.13 6.52 -2.99
C ALA J 44 47.18 6.91 -4.12
N PRO J 45 46.71 5.94 -4.90
CA PRO J 45 45.80 6.27 -6.01
C PRO J 45 44.58 7.02 -5.51
N ARG J 46 44.21 8.06 -6.26
CA ARG J 46 43.10 8.93 -5.91
C ARG J 46 41.97 8.74 -6.90
N LEU J 47 40.80 8.35 -6.40
CA LEU J 47 39.64 8.15 -7.27
C LEU J 47 39.18 9.49 -7.83
N LEU J 48 38.87 9.51 -9.12
CA LEU J 48 38.40 10.72 -9.78
C LEU J 48 36.96 10.59 -10.28
N ILE J 49 36.70 9.62 -11.16
CA ILE J 49 35.42 9.53 -11.86
C ILE J 49 34.91 8.10 -11.72
N TYR J 50 34.03 7.88 -10.75
CA TYR J 50 33.38 6.59 -10.62
C TYR J 50 32.08 6.59 -11.39
N GLY J 51 31.68 5.41 -11.87
CA GLY J 51 30.51 5.32 -12.72
C GLY J 51 30.73 5.85 -14.12
N ALA J 52 31.98 6.15 -14.47
CA ALA J 52 32.40 6.59 -15.80
C ALA J 52 31.96 8.02 -16.12
N SER J 53 31.12 8.62 -15.26
CA SER J 53 30.70 9.99 -15.51
C SER J 53 30.48 10.82 -14.25
N SER J 54 30.76 10.29 -13.07
CA SER J 54 30.45 11.00 -11.82
C SER J 54 31.75 11.29 -11.08
N ARG J 55 31.98 12.57 -10.77
CA ARG J 55 33.15 12.96 -10.01
C ARG J 55 33.05 12.50 -8.56
N ALA J 56 34.20 12.19 -7.98
CA ALA J 56 34.26 11.74 -6.60
C ALA J 56 34.18 12.95 -5.66
N THR J 57 34.42 12.73 -4.37
CA THR J 57 34.43 13.81 -3.42
C THR J 57 35.74 14.59 -3.51
N GLY J 58 35.63 15.91 -3.43
CA GLY J 58 36.82 16.75 -3.49
C GLY J 58 37.57 16.67 -4.81
N VAL J 59 36.85 16.48 -5.91
CA VAL J 59 37.43 16.43 -7.24
C VAL J 59 37.00 17.70 -7.98
N PRO J 60 37.93 18.48 -8.52
CA PRO J 60 37.55 19.74 -9.18
C PRO J 60 36.71 19.50 -10.41
N ASP J 61 36.19 20.60 -10.96
CA ASP J 61 35.38 20.53 -12.17
C ASP J 61 36.21 20.04 -13.35
N ARG J 62 37.54 20.26 -13.30
CA ARG J 62 38.40 19.92 -14.43
C ARG J 62 38.25 18.45 -14.82
N PHE J 63 38.38 17.55 -13.84
CA PHE J 63 38.23 16.13 -14.11
C PHE J 63 36.78 15.84 -14.48
N SER J 64 36.57 15.19 -15.63
CA SER J 64 35.21 14.88 -16.08
C SER J 64 35.28 13.67 -17.01
N GLY J 65 34.90 12.50 -16.48
CA GLY J 65 34.83 11.32 -17.30
C GLY J 65 33.64 11.34 -18.25
N SER J 66 33.73 10.53 -19.29
CA SER J 66 32.72 10.49 -20.34
C SER J 66 32.79 9.14 -21.04
N GLY J 67 32.17 9.05 -22.19
CA GLY J 67 32.33 7.89 -23.05
C GLY J 67 31.05 7.09 -23.18
N SER J 68 30.92 6.43 -24.32
CA SER J 68 29.78 5.55 -24.60
C SER J 68 30.02 4.21 -23.91
N GLY J 69 29.25 3.20 -24.31
CA GLY J 69 29.39 1.88 -23.72
C GLY J 69 30.60 1.09 -24.15
N THR J 70 31.35 1.57 -25.14
CA THR J 70 32.56 0.89 -25.62
C THR J 70 33.82 1.70 -25.38
N ASP J 71 33.80 2.99 -25.68
CA ASP J 71 34.95 3.86 -25.48
C ASP J 71 34.77 4.65 -24.19
N PHE J 72 35.83 4.72 -23.39
CA PHE J 72 35.81 5.32 -22.06
C PHE J 72 36.89 6.40 -22.01
N THR J 73 36.51 7.63 -22.30
CA THR J 73 37.45 8.74 -22.33
C THR J 73 37.47 9.47 -20.98
N LEU J 74 38.57 10.17 -20.74
CA LEU J 74 38.70 11.10 -19.63
C LEU J 74 39.32 12.38 -20.15
N THR J 75 38.73 13.51 -19.83
CA THR J 75 39.19 14.79 -20.34
C THR J 75 39.43 15.76 -19.19
N ILE J 76 40.31 16.72 -19.42
CA ILE J 76 40.69 17.71 -18.43
C ILE J 76 40.32 19.08 -18.98
N SER J 77 39.56 19.86 -18.20
CA SER J 77 39.10 21.15 -18.69
C SER J 77 40.27 22.08 -19.00
N SER J 78 41.21 22.20 -18.07
CA SER J 78 42.42 22.99 -18.30
C SER J 78 43.48 22.43 -17.36
N LEU J 79 44.39 21.62 -17.91
CA LEU J 79 45.37 20.94 -17.08
C LEU J 79 46.30 21.94 -16.41
N GLU J 80 46.59 21.70 -15.14
CA GLU J 80 47.38 22.58 -14.29
C GLU J 80 48.66 21.88 -13.84
N PRO J 81 49.64 22.63 -13.35
CA PRO J 81 50.88 21.99 -12.88
C PRO J 81 50.67 21.01 -11.74
N GLU J 82 49.54 21.08 -11.04
CA GLU J 82 49.29 20.19 -9.91
C GLU J 82 48.75 18.83 -10.31
N ASP J 83 48.33 18.65 -11.56
CA ASP J 83 47.71 17.40 -12.00
C ASP J 83 48.54 16.69 -13.07
N PHE J 84 49.86 16.61 -12.85
CA PHE J 84 50.75 15.80 -13.68
C PHE J 84 51.04 14.52 -12.92
N ALA J 85 50.49 13.40 -13.41
CA ALA J 85 50.62 12.12 -12.74
C ALA J 85 50.20 11.03 -13.71
N LEU J 86 50.03 9.81 -13.20
CA LEU J 86 49.59 8.67 -13.99
C LEU J 86 48.10 8.47 -13.82
N TYR J 87 47.39 8.32 -14.94
CA TYR J 87 45.95 8.15 -14.96
C TYR J 87 45.60 6.73 -15.38
N TYR J 88 44.82 6.05 -14.56
CA TYR J 88 44.42 4.67 -14.80
C TYR J 88 42.92 4.60 -15.05
N CYS J 89 42.52 3.63 -15.86
CA CYS J 89 41.11 3.29 -16.03
C CYS J 89 40.87 1.90 -15.49
N GLN J 90 39.75 1.72 -14.80
CA GLN J 90 39.46 0.49 -14.09
C GLN J 90 38.07 0.00 -14.45
N TYR J 91 37.92 -1.33 -14.51
CA TYR J 91 36.63 -1.98 -14.69
C TYR J 91 36.47 -3.05 -13.62
N TYR J 92 35.23 -3.21 -13.15
CA TYR J 92 34.90 -4.24 -12.16
C TYR J 92 33.98 -5.27 -12.79
N GLY J 93 34.20 -6.54 -12.45
CA GLY J 93 33.52 -7.64 -13.10
C GLY J 93 34.42 -8.30 -14.12
N SER J 94 33.85 -9.29 -14.82
CA SER J 94 34.57 -10.09 -15.80
C SER J 94 35.79 -10.76 -15.18
N SER J 95 36.78 -11.08 -16.00
CA SER J 95 37.99 -11.76 -15.56
C SER J 95 39.21 -10.91 -15.89
N PRO J 96 40.03 -10.53 -14.91
CA PRO J 96 39.92 -10.80 -13.48
C PRO J 96 38.84 -9.96 -12.81
N LEU J 97 38.75 -10.01 -11.48
CA LEU J 97 37.73 -9.25 -10.78
C LEU J 97 37.90 -7.76 -10.99
N TRP J 98 39.13 -7.26 -10.87
CA TRP J 98 39.45 -5.85 -11.05
C TRP J 98 40.43 -5.73 -12.21
N ALA J 99 40.04 -5.00 -13.24
CA ALA J 99 40.89 -4.80 -14.41
C ALA J 99 41.47 -3.39 -14.40
N PHE J 100 42.77 -3.29 -14.60
CA PHE J 100 43.49 -2.03 -14.62
C PHE J 100 44.15 -1.84 -15.98
N GLY J 101 44.21 -0.59 -16.44
CA GLY J 101 44.91 -0.29 -17.66
C GLY J 101 46.41 -0.23 -17.46
N GLN J 102 47.13 -0.07 -18.57
CA GLN J 102 48.59 0.02 -18.51
C GLN J 102 49.08 1.36 -18.00
N GLY J 103 48.21 2.34 -17.88
CA GLY J 103 48.60 3.65 -17.37
C GLY J 103 48.88 4.63 -18.48
N THR J 104 48.64 5.91 -18.19
CA THR J 104 48.93 6.99 -19.11
C THR J 104 49.60 8.11 -18.33
N LYS J 105 50.74 8.58 -18.84
CA LYS J 105 51.53 9.61 -18.18
C LYS J 105 51.32 10.95 -18.87
N VAL J 106 51.11 11.99 -18.06
CA VAL J 106 50.97 13.36 -18.55
C VAL J 106 52.15 14.15 -18.02
N GLU J 107 52.92 14.75 -18.93
CA GLU J 107 54.15 15.45 -18.58
C GLU J 107 54.19 16.81 -19.28
N ILE J 108 54.93 17.73 -18.69
CA ILE J 108 55.08 19.07 -19.24
C ILE J 108 55.72 19.02 -20.62
N VAL K 3 37.37 8.54 8.07
CA VAL K 3 37.72 7.31 7.36
C VAL K 3 39.23 7.23 7.15
N GLN K 4 39.81 6.06 7.40
CA GLN K 4 41.25 5.88 7.30
C GLN K 4 41.57 4.39 7.35
N LEU K 5 42.40 3.93 6.41
CA LEU K 5 42.99 2.61 6.45
C LEU K 5 44.45 2.77 6.85
N VAL K 6 44.87 2.03 7.87
CA VAL K 6 46.22 2.13 8.40
C VAL K 6 47.02 0.91 7.97
N GLN K 7 48.17 1.15 7.33
CA GLN K 7 49.01 0.08 6.85
C GLN K 7 49.75 -0.60 8.00
N SER K 8 50.34 -1.76 7.71
CA SER K 8 51.13 -2.51 8.67
C SER K 8 51.90 -3.57 7.91
N GLY K 9 52.75 -4.30 8.63
CA GLY K 9 53.53 -5.37 8.03
C GLY K 9 54.64 -4.85 7.13
N GLY K 10 55.07 -5.73 6.23
CA GLY K 10 56.12 -5.40 5.28
C GLY K 10 57.51 -5.75 5.79
N GLY K 11 58.44 -5.77 4.86
CA GLY K 11 59.82 -6.05 5.19
C GLY K 11 60.52 -6.75 4.03
N LEU K 12 61.63 -7.41 4.37
CA LEU K 12 62.46 -8.11 3.40
C LEU K 12 62.59 -9.57 3.82
N VAL K 13 62.41 -10.47 2.87
CA VAL K 13 62.49 -11.91 3.14
C VAL K 13 62.87 -12.63 1.85
N ARG K 14 63.72 -13.64 1.97
CA ARG K 14 64.15 -14.44 0.84
C ARG K 14 63.06 -15.44 0.46
N PRO K 15 63.09 -15.94 -0.78
CA PRO K 15 62.09 -16.93 -1.19
C PRO K 15 62.13 -18.18 -0.33
N GLY K 16 60.96 -18.75 -0.07
CA GLY K 16 60.85 -19.93 0.77
C GLY K 16 60.02 -19.68 2.01
N GLY K 17 60.18 -18.52 2.62
CA GLY K 17 59.39 -18.13 3.77
C GLY K 17 58.76 -16.78 3.56
N SER K 18 57.66 -16.48 4.27
CA SER K 18 56.95 -15.24 4.05
C SER K 18 56.27 -14.80 5.33
N LEU K 19 55.84 -13.54 5.34
CA LEU K 19 55.14 -12.95 6.47
C LEU K 19 53.85 -12.29 5.98
N ARG K 20 52.86 -12.27 6.86
CA ARG K 20 51.55 -11.72 6.51
C ARG K 20 51.56 -10.20 6.59
N LEU K 21 50.74 -9.59 5.74
CA LEU K 21 50.49 -8.15 5.77
C LEU K 21 49.24 -7.86 6.58
N SER K 22 49.08 -6.59 6.95
CA SER K 22 47.91 -6.18 7.72
C SER K 22 47.54 -4.75 7.38
N CYS K 23 46.24 -4.50 7.23
CA CYS K 23 45.70 -3.15 7.00
C CYS K 23 44.53 -2.98 7.96
N ALA K 24 44.84 -2.66 9.22
CA ALA K 24 43.84 -2.59 10.29
C ALA K 24 43.12 -1.25 10.19
N ALA K 25 42.11 -1.20 9.34
CA ALA K 25 41.32 0.01 9.15
C ALA K 25 40.49 0.32 10.39
N ALA K 26 40.30 1.61 10.64
CA ALA K 26 39.51 2.05 11.78
C ALA K 26 38.86 3.38 11.44
N GLY K 27 37.79 3.69 12.17
CA GLY K 27 37.04 4.91 11.96
C GLY K 27 35.75 4.76 11.19
N PHE K 28 35.35 3.54 10.85
CA PHE K 28 34.13 3.30 10.09
C PHE K 28 33.69 1.87 10.33
N THR K 29 32.53 1.52 9.77
CA THR K 29 31.97 0.17 9.91
C THR K 29 32.74 -0.77 8.99
N PHE K 30 33.59 -1.60 9.58
CA PHE K 30 34.45 -2.48 8.79
C PHE K 30 33.63 -3.57 8.08
N LYS K 31 32.68 -4.17 8.79
CA LYS K 31 31.98 -5.33 8.25
C LYS K 31 31.04 -4.98 7.09
N ARG K 32 30.80 -3.69 6.83
CA ARG K 32 29.88 -3.30 5.78
C ARG K 32 30.56 -3.09 4.44
N TYR K 33 31.88 -3.20 4.36
CA TYR K 33 32.62 -2.93 3.13
C TYR K 33 33.48 -4.12 2.75
N SER K 34 33.61 -4.35 1.45
CA SER K 34 34.52 -5.38 0.94
C SER K 34 35.92 -4.82 0.78
N MET K 35 36.90 -5.63 1.17
CA MET K 35 38.30 -5.21 1.17
C MET K 35 39.01 -5.71 -0.07
N ASN K 36 40.10 -5.04 -0.42
CA ASN K 36 40.89 -5.39 -1.59
C ASN K 36 42.37 -5.29 -1.27
N TRP K 37 43.18 -5.87 -2.15
CA TRP K 37 44.64 -5.74 -2.09
C TRP K 37 45.15 -5.41 -3.48
N VAL K 38 45.94 -4.35 -3.59
CA VAL K 38 46.49 -3.90 -4.86
C VAL K 38 47.98 -3.68 -4.69
N ARG K 39 48.76 -4.11 -5.67
CA ARG K 39 50.20 -3.93 -5.65
C ARG K 39 50.66 -3.30 -6.96
N GLN K 40 51.90 -2.84 -6.97
CA GLN K 40 52.50 -2.24 -8.16
C GLN K 40 53.97 -2.64 -8.20
N ALA K 41 54.34 -3.44 -9.20
CA ALA K 41 55.73 -3.84 -9.35
C ALA K 41 56.58 -2.65 -9.80
N PRO K 42 57.85 -2.61 -9.39
CA PRO K 42 58.72 -1.49 -9.79
C PRO K 42 58.86 -1.43 -11.30
N GLY K 43 58.46 -0.31 -11.88
CA GLY K 43 58.41 -0.15 -13.32
C GLY K 43 57.14 -0.62 -13.97
N ARG K 44 56.22 -1.22 -13.22
CA ARG K 44 54.97 -1.73 -13.74
C ARG K 44 53.80 -0.94 -13.17
N GLY K 45 52.64 -1.10 -13.79
CA GLY K 45 51.44 -0.42 -13.37
C GLY K 45 50.71 -1.14 -12.25
N LEU K 46 49.57 -0.58 -11.86
CA LEU K 46 48.76 -1.15 -10.80
C LEU K 46 48.16 -2.49 -11.24
N GLU K 47 48.15 -3.44 -10.32
CA GLU K 47 47.55 -4.75 -10.58
C GLU K 47 46.77 -5.18 -9.35
N TRP K 48 45.71 -5.96 -9.59
CA TRP K 48 44.89 -6.47 -8.51
C TRP K 48 45.48 -7.76 -7.96
N VAL K 49 45.34 -7.95 -6.65
CA VAL K 49 45.95 -9.09 -5.97
C VAL K 49 44.89 -10.01 -5.37
N SER K 50 44.03 -9.45 -4.52
CA SER K 50 43.03 -10.25 -3.83
C SER K 50 41.81 -9.39 -3.54
N SER K 51 40.77 -10.04 -2.99
CA SER K 51 39.56 -9.34 -2.59
C SER K 51 38.72 -10.29 -1.74
N ILE K 52 38.11 -9.76 -0.68
CA ILE K 52 37.23 -10.51 0.20
C ILE K 52 35.97 -9.69 0.45
N THR K 53 34.82 -10.34 0.42
CA THR K 53 33.55 -9.65 0.51
C THR K 53 33.25 -9.24 1.96
N SER K 54 32.20 -8.45 2.11
CA SER K 54 31.81 -7.89 3.40
C SER K 54 31.18 -8.97 4.28
N ARG K 55 30.77 -8.55 5.48
CA ARG K 55 30.13 -9.42 6.46
C ARG K 55 30.96 -10.67 6.74
N GLY K 56 30.44 -11.84 6.34
CA GLY K 56 31.12 -13.08 6.66
C GLY K 56 32.38 -13.33 5.86
N GLY K 57 32.54 -12.68 4.72
CA GLY K 57 33.70 -12.91 3.90
C GLY K 57 33.77 -14.32 3.34
N SER K 58 32.64 -14.86 2.89
CA SER K 58 32.62 -16.21 2.35
C SER K 58 33.36 -16.30 1.03
N LYS K 59 33.24 -15.27 0.18
CA LYS K 59 33.81 -15.30 -1.16
C LYS K 59 35.13 -14.53 -1.16
N THR K 60 36.22 -15.23 -1.45
CA THR K 60 37.53 -14.62 -1.59
C THR K 60 38.05 -14.88 -2.99
N TYR K 61 38.45 -13.82 -3.68
CA TYR K 61 38.87 -13.88 -5.08
C TYR K 61 40.35 -13.55 -5.19
N TYR K 62 41.07 -14.34 -5.98
CA TYR K 62 42.50 -14.16 -6.18
C TYR K 62 42.81 -14.00 -7.66
N ALA K 63 43.90 -13.28 -7.94
CA ALA K 63 44.43 -13.22 -9.29
C ALA K 63 45.10 -14.55 -9.64
N ASP K 64 44.98 -14.95 -10.90
CA ASP K 64 45.51 -16.24 -11.33
C ASP K 64 47.03 -16.29 -11.17
N VAL K 65 47.70 -15.14 -11.24
CA VAL K 65 49.15 -15.13 -11.13
C VAL K 65 49.59 -15.60 -9.75
N VAL K 66 48.91 -15.14 -8.70
CA VAL K 66 49.31 -15.42 -7.33
C VAL K 66 48.36 -16.38 -6.64
N LYS K 67 47.47 -17.03 -7.39
CA LYS K 67 46.50 -17.94 -6.80
C LYS K 67 47.20 -19.20 -6.28
N GLY K 68 46.77 -19.66 -5.10
CA GLY K 68 47.25 -20.89 -4.52
C GLY K 68 48.28 -20.71 -3.43
N ARG K 69 48.94 -19.56 -3.36
CA ARG K 69 49.90 -19.28 -2.31
C ARG K 69 49.59 -18.03 -1.50
N PHE K 70 48.73 -17.15 -2.01
CA PHE K 70 48.24 -16.01 -1.24
C PHE K 70 46.95 -16.38 -0.54
N THR K 71 46.67 -15.66 0.56
CA THR K 71 45.46 -15.93 1.34
C THR K 71 44.96 -14.61 1.92
N VAL K 72 43.80 -14.16 1.46
CA VAL K 72 43.19 -12.94 1.96
C VAL K 72 42.13 -13.31 2.98
N SER K 73 42.17 -12.64 4.14
CA SER K 73 41.23 -12.92 5.22
C SER K 73 40.98 -11.63 5.98
N ARG K 74 39.86 -11.59 6.69
CA ARG K 74 39.49 -10.41 7.46
C ARG K 74 38.81 -10.84 8.75
N ASP K 75 38.81 -9.94 9.72
CA ASP K 75 38.23 -10.17 11.03
C ASP K 75 37.42 -8.93 11.41
N ASN K 76 36.12 -8.96 11.12
CA ASN K 76 35.25 -7.83 11.42
C ASN K 76 35.13 -7.57 12.92
N ALA K 77 35.52 -8.52 13.77
CA ALA K 77 35.39 -8.33 15.21
C ALA K 77 36.28 -7.19 15.70
N LYS K 78 37.50 -7.08 15.17
CA LYS K 78 38.44 -6.06 15.62
C LYS K 78 38.95 -5.20 14.47
N GLN K 79 38.29 -5.25 13.31
CA GLN K 79 38.54 -4.33 12.20
C GLN K 79 40.00 -4.40 11.74
N SER K 80 40.35 -5.58 11.20
CA SER K 80 41.68 -5.81 10.68
C SER K 80 41.60 -6.63 9.40
N LEU K 81 42.43 -6.28 8.42
CA LEU K 81 42.53 -6.98 7.15
C LEU K 81 43.92 -7.61 7.04
N TYR K 82 43.97 -8.86 6.61
CA TYR K 82 45.22 -9.60 6.50
C TYR K 82 45.51 -10.01 5.06
N LEU K 83 46.73 -10.51 4.86
CA LEU K 83 47.12 -11.17 3.63
C LEU K 83 48.27 -12.11 3.99
N GLN K 84 47.95 -13.40 4.12
CA GLN K 84 48.95 -14.40 4.49
C GLN K 84 49.65 -14.87 3.23
N MET K 85 50.90 -14.45 3.06
CA MET K 85 51.70 -14.83 1.91
C MET K 85 52.50 -16.09 2.22
N ASN K 86 52.58 -16.99 1.24
CA ASN K 86 53.38 -18.20 1.37
C ASN K 86 54.23 -18.36 0.12
N SER K 87 55.47 -18.79 0.32
CA SER K 87 56.41 -19.09 -0.76
C SER K 87 56.56 -17.90 -1.70
N LEU K 88 57.10 -16.81 -1.15
CA LEU K 88 57.30 -15.60 -1.93
C LEU K 88 58.35 -15.83 -3.02
N ARG K 89 58.30 -14.98 -4.04
CA ARG K 89 59.16 -15.08 -5.20
C ARG K 89 59.71 -13.70 -5.54
N ALA K 90 60.84 -13.68 -6.24
CA ALA K 90 61.46 -12.40 -6.62
C ALA K 90 60.55 -11.55 -7.49
N GLU K 91 59.58 -12.16 -8.18
CA GLU K 91 58.61 -11.39 -8.95
C GLU K 91 57.61 -10.69 -8.06
N ASP K 92 57.39 -11.19 -6.84
CA ASP K 92 56.41 -10.60 -5.92
C ASP K 92 56.91 -9.32 -5.28
N THR K 93 58.18 -8.95 -5.46
CA THR K 93 58.72 -7.73 -4.87
C THR K 93 58.04 -6.50 -5.44
N ALA K 94 57.29 -5.78 -4.61
CA ALA K 94 56.53 -4.61 -5.05
C ALA K 94 56.02 -3.89 -3.80
N ILE K 95 55.29 -2.81 -4.03
CA ILE K 95 54.61 -2.06 -2.97
C ILE K 95 53.13 -2.42 -3.01
N TYR K 96 52.55 -2.70 -1.84
CA TYR K 96 51.21 -3.22 -1.74
C TYR K 96 50.28 -2.22 -1.07
N PHE K 97 49.05 -2.14 -1.56
CA PHE K 97 48.05 -1.21 -1.08
C PHE K 97 46.83 -1.99 -0.57
N CYS K 98 46.08 -1.37 0.33
CA CYS K 98 44.80 -1.89 0.79
C CYS K 98 43.72 -0.85 0.49
N ALA K 99 42.61 -1.31 -0.06
CA ALA K 99 41.55 -0.42 -0.52
C ALA K 99 40.22 -0.81 0.13
N ARG K 100 39.20 -0.02 -0.16
CA ARG K 100 37.85 -0.23 0.37
C ARG K 100 36.84 -0.10 -0.76
N SER K 101 35.89 -1.02 -0.81
CA SER K 101 34.89 -1.00 -1.85
C SER K 101 33.60 -1.64 -1.34
N LEU K 102 32.48 -1.24 -1.95
CA LEU K 102 31.17 -1.77 -1.64
C LEU K 102 30.44 -2.07 -2.93
N HIS K 103 29.92 -3.28 -3.06
CA HIS K 103 29.26 -3.73 -4.28
C HIS K 103 27.78 -3.96 -4.00
N SER K 104 26.94 -3.08 -4.54
CA SER K 104 25.51 -3.19 -4.40
C SER K 104 24.85 -2.45 -5.57
N THR K 105 23.52 -2.37 -5.54
CA THR K 105 22.78 -1.64 -6.56
C THR K 105 22.90 -0.14 -6.38
N SER K 106 22.86 0.34 -5.14
CA SER K 106 22.88 1.77 -4.89
C SER K 106 24.18 2.41 -5.34
N GLN K 107 25.32 1.75 -5.09
CA GLN K 107 26.61 2.34 -5.34
C GLN K 107 27.29 1.69 -6.54
N PRO K 108 27.81 2.47 -7.48
CA PRO K 108 28.69 1.91 -8.50
C PRO K 108 30.00 1.42 -7.88
N SER K 109 30.68 0.56 -8.61
CA SER K 109 31.93 -0.02 -8.11
C SER K 109 33.06 0.99 -8.16
N TYR K 110 33.78 1.11 -7.05
CA TYR K 110 34.99 1.93 -6.98
C TYR K 110 35.74 1.58 -5.70
N MET K 111 37.02 1.89 -5.70
CA MET K 111 37.84 1.82 -4.49
C MET K 111 37.99 3.24 -3.96
N ASP K 112 37.52 3.47 -2.73
CA ASP K 112 37.34 4.82 -2.21
C ASP K 112 38.49 5.26 -1.31
N VAL K 113 38.71 4.55 -0.21
CA VAL K 113 39.65 4.97 0.82
C VAL K 113 40.82 4.00 0.83
N TRP K 114 42.00 4.49 0.46
CA TRP K 114 43.20 3.68 0.37
C TRP K 114 44.06 3.91 1.62
N GLY K 115 44.97 2.97 1.85
CA GLY K 115 45.99 3.13 2.86
C GLY K 115 47.27 3.69 2.28
N ARG K 116 48.35 3.52 3.02
CA ARG K 116 49.68 3.91 2.56
C ARG K 116 50.46 2.68 2.13
N LYS K 117 51.56 2.91 1.40
CA LYS K 117 52.30 1.81 0.81
C LYS K 117 52.88 0.89 1.88
N ILE K 118 52.92 -0.39 1.56
CA ILE K 118 53.63 -1.40 2.33
C ILE K 118 54.69 -1.99 1.42
N THR K 119 55.95 -1.96 1.86
CA THR K 119 57.07 -2.40 1.04
C THR K 119 57.39 -3.86 1.31
N VAL K 120 57.64 -4.59 0.23
CA VAL K 120 58.00 -6.01 0.31
C VAL K 120 59.12 -6.26 -0.70
N ILE K 121 60.29 -6.63 -0.21
CA ILE K 121 61.44 -6.94 -1.03
C ILE K 121 61.75 -8.42 -0.86
N VAL K 122 61.87 -9.14 -1.98
CA VAL K 122 62.21 -10.55 -1.98
C VAL K 122 63.40 -10.76 -2.90
N SER K 123 64.45 -11.39 -2.37
CA SER K 123 65.65 -11.65 -3.15
C SER K 123 66.41 -12.87 -2.62
N THR L 2 0.51 -18.65 9.48
CA THR L 2 0.50 -17.79 8.31
C THR L 2 -0.55 -18.24 7.31
N PHE L 3 -1.60 -17.43 7.15
CA PHE L 3 -2.67 -17.75 6.20
C PHE L 3 -2.16 -17.62 4.77
N THR L 4 -2.71 -18.47 3.90
CA THR L 4 -2.30 -18.52 2.50
C THR L 4 -3.43 -18.00 1.60
N TRP L 5 -3.03 -17.52 0.43
CA TRP L 5 -3.94 -16.91 -0.53
C TRP L 5 -3.70 -17.52 -1.90
N THR L 6 -4.77 -17.97 -2.55
CA THR L 6 -4.71 -18.46 -3.91
C THR L 6 -6.02 -18.15 -4.62
N LEU L 7 -5.93 -17.90 -5.92
CA LEU L 7 -7.10 -17.95 -6.80
C LEU L 7 -7.26 -19.31 -7.46
N SER L 8 -6.37 -20.26 -7.13
CA SER L 8 -6.36 -21.58 -7.75
C SER L 8 -6.08 -22.60 -6.66
N ASP L 9 -5.67 -23.80 -7.06
CA ASP L 9 -5.28 -24.84 -6.12
C ASP L 9 -3.82 -24.70 -5.73
N ASN L 15 3.22 -27.87 -3.31
CA ASN L 15 3.97 -27.33 -2.19
C ASN L 15 3.07 -27.06 -0.99
N PRO L 16 3.29 -27.81 0.09
CA PRO L 16 2.48 -27.60 1.31
C PRO L 16 2.69 -26.23 1.94
N GLY L 17 1.65 -25.40 1.93
CA GLY L 17 1.69 -24.10 2.58
C GLY L 17 2.14 -22.95 1.71
N GLY L 18 2.61 -23.21 0.48
CA GLY L 18 3.07 -22.16 -0.38
C GLY L 18 2.84 -22.50 -1.84
N TYR L 19 3.13 -21.53 -2.70
CA TYR L 19 2.93 -21.70 -4.13
C TYR L 19 4.08 -22.51 -4.73
N CYS L 20 3.80 -23.14 -5.88
CA CYS L 20 4.83 -23.87 -6.59
C CYS L 20 4.72 -23.59 -8.08
N LEU L 21 5.87 -23.59 -8.76
CA LEU L 21 5.98 -23.15 -10.15
C LEU L 21 6.13 -24.35 -11.07
N THR L 22 5.32 -24.39 -12.12
CA THR L 22 5.27 -25.50 -13.05
C THR L 22 6.37 -25.36 -14.11
N LYS L 23 6.54 -26.41 -14.92
CA LYS L 23 7.57 -26.41 -15.95
C LYS L 23 7.35 -25.31 -16.98
N TRP L 24 6.11 -25.11 -17.41
CA TRP L 24 5.82 -24.16 -18.47
C TRP L 24 5.70 -22.72 -17.99
N MET L 25 6.07 -22.44 -16.74
CA MET L 25 6.16 -21.08 -16.25
C MET L 25 7.55 -20.76 -15.70
N ILE L 26 8.56 -21.56 -16.03
CA ILE L 26 9.95 -21.30 -15.69
C ILE L 26 10.78 -21.56 -16.94
N LEU L 27 11.72 -20.65 -17.23
CA LEU L 27 12.42 -20.69 -18.51
C LEU L 27 13.30 -21.93 -18.65
N ALA L 28 14.14 -22.22 -17.65
CA ALA L 28 15.16 -23.25 -17.78
C ALA L 28 15.25 -24.10 -16.53
N ALA L 29 14.11 -24.58 -16.04
CA ALA L 29 14.11 -25.50 -14.92
C ALA L 29 12.85 -26.34 -14.98
N GLU L 30 12.96 -27.59 -14.53
CA GLU L 30 11.80 -28.48 -14.53
C GLU L 30 10.84 -28.17 -13.39
N LEU L 31 11.36 -27.75 -12.24
CA LEU L 31 10.52 -27.46 -11.09
C LEU L 31 11.32 -26.66 -10.08
N LYS L 32 10.79 -25.51 -9.67
CA LYS L 32 11.40 -24.68 -8.63
C LYS L 32 10.29 -24.01 -7.85
N CYS L 33 10.32 -24.13 -6.52
CA CYS L 33 9.39 -23.39 -5.70
C CYS L 33 9.88 -23.32 -4.25
N PHE L 34 9.07 -22.67 -3.42
CA PHE L 34 9.55 -22.01 -2.21
C PHE L 34 8.72 -22.43 -1.01
N GLY L 35 9.25 -22.15 0.18
CA GLY L 35 8.61 -22.57 1.41
C GLY L 35 7.43 -21.69 1.79
N ASN L 36 6.82 -22.06 2.92
CA ASN L 36 5.64 -21.34 3.40
C ASN L 36 5.97 -19.91 3.80
N THR L 37 7.11 -19.71 4.47
CA THR L 37 7.41 -18.41 5.05
C THR L 37 7.53 -17.33 3.97
N ALA L 38 8.21 -17.64 2.87
CA ALA L 38 8.43 -16.64 1.83
C ALA L 38 7.13 -16.25 1.12
N VAL L 39 6.30 -17.23 0.79
CA VAL L 39 5.07 -16.95 0.04
C VAL L 39 4.11 -16.12 0.88
N ALA L 40 4.08 -16.37 2.20
CA ALA L 40 3.16 -15.62 3.06
C ALA L 40 3.45 -14.13 3.05
N LYS L 41 4.70 -13.74 2.82
CA LYS L 41 5.05 -12.32 2.80
C LYS L 41 4.37 -11.60 1.65
N CYS L 42 4.25 -12.26 0.50
CA CYS L 42 3.61 -11.64 -0.65
C CYS L 42 2.13 -11.35 -0.41
N ASN L 43 1.51 -11.99 0.59
CA ASN L 43 0.14 -11.65 0.94
C ASN L 43 0.06 -10.26 1.52
N VAL L 44 0.94 -9.94 2.48
CA VAL L 44 0.91 -8.66 3.16
C VAL L 44 1.74 -7.61 2.44
N ASN L 45 2.90 -7.99 1.92
CA ASN L 45 3.84 -7.04 1.35
C ASN L 45 3.49 -6.72 -0.11
N HIS L 46 3.88 -5.52 -0.53
CA HIS L 46 3.64 -5.08 -1.90
C HIS L 46 4.84 -4.29 -2.46
N ASP L 47 6.00 -4.39 -1.83
CA ASP L 47 7.18 -3.66 -2.26
C ASP L 47 8.14 -4.52 -3.08
N GLU L 48 7.83 -5.79 -3.29
CA GLU L 48 8.70 -6.71 -3.99
C GLU L 48 8.14 -6.98 -5.38
N GLU L 49 8.98 -6.84 -6.40
CA GLU L 49 8.54 -7.13 -7.76
C GLU L 49 8.24 -8.60 -7.97
N PHE L 50 8.78 -9.48 -7.11
CA PHE L 50 8.56 -10.91 -7.25
C PHE L 50 7.09 -11.25 -6.96
N CYS L 51 6.49 -10.58 -5.98
CA CYS L 51 5.11 -10.87 -5.63
C CYS L 51 4.14 -10.49 -6.73
N ASP L 52 4.48 -9.51 -7.56
CA ASP L 52 3.65 -9.18 -8.71
C ASP L 52 3.63 -10.32 -9.71
N MET L 53 4.75 -11.05 -9.86
CA MET L 53 4.76 -12.27 -10.65
C MET L 53 3.83 -13.32 -10.05
N LEU L 54 3.86 -13.49 -8.73
CA LEU L 54 3.02 -14.51 -8.11
C LEU L 54 1.54 -14.22 -8.34
N ARG L 55 1.13 -12.97 -8.24
CA ARG L 55 -0.26 -12.62 -8.47
C ARG L 55 -0.64 -12.82 -9.94
N LEU L 56 0.25 -12.42 -10.86
CA LEU L 56 -0.06 -12.59 -12.28
C LEU L 56 -0.06 -14.05 -12.67
N ILE L 57 0.87 -14.85 -12.14
CA ILE L 57 0.88 -16.28 -12.41
C ILE L 57 -0.38 -16.93 -11.85
N ASP L 58 -0.74 -16.57 -10.62
CA ASP L 58 -1.90 -17.17 -9.98
C ASP L 58 -3.19 -16.82 -10.72
N TYR L 59 -3.33 -15.57 -11.14
CA TYR L 59 -4.54 -15.17 -11.86
C TYR L 59 -4.65 -15.87 -13.21
N ASN L 60 -3.53 -16.00 -13.92
CA ASN L 60 -3.56 -16.63 -15.24
C ASN L 60 -3.94 -18.10 -15.13
N LYS L 61 -3.42 -18.79 -14.11
CA LYS L 61 -3.77 -20.19 -13.92
C LYS L 61 -5.26 -20.36 -13.66
N ALA L 62 -5.84 -19.50 -12.82
CA ALA L 62 -7.27 -19.59 -12.52
C ALA L 62 -8.13 -19.25 -13.72
N ALA L 63 -7.77 -18.20 -14.46
CA ALA L 63 -8.59 -17.76 -15.58
C ALA L 63 -8.61 -18.78 -16.70
N LEU L 64 -7.47 -19.44 -16.94
CA LEU L 64 -7.41 -20.42 -18.02
C LEU L 64 -8.26 -21.64 -17.72
N SER L 65 -8.28 -22.09 -16.47
CA SER L 65 -8.98 -23.32 -16.11
C SER L 65 -10.49 -23.11 -16.03
N LYS L 66 -10.95 -21.94 -15.60
CA LYS L 66 -12.37 -21.73 -15.32
C LYS L 66 -13.11 -21.03 -16.44
N PHE L 67 -12.46 -20.15 -17.19
CA PHE L 67 -13.12 -19.39 -18.25
C PHE L 67 -12.57 -19.82 -19.60
N LYS L 68 -13.48 -20.00 -20.57
CA LYS L 68 -13.06 -20.38 -21.90
C LYS L 68 -12.28 -19.23 -22.55
N PRO L 69 -11.36 -19.55 -23.46
CA PRO L 69 -10.52 -18.50 -24.06
C PRO L 69 -11.34 -17.44 -24.78
N ASP L 70 -10.97 -16.18 -24.55
CA ASP L 70 -11.56 -15.03 -25.21
C ASP L 70 -10.68 -13.82 -24.91
N VAL L 71 -10.29 -13.07 -25.94
CA VAL L 71 -9.31 -12.00 -25.75
C VAL L 71 -9.95 -10.65 -25.50
N GLU L 72 -11.11 -10.37 -26.11
CA GLU L 72 -11.74 -9.07 -25.89
C GLU L 72 -12.19 -8.91 -24.44
N SER L 73 -12.73 -9.97 -23.85
CA SER L 73 -13.21 -9.91 -22.47
C SER L 73 -12.10 -10.12 -21.46
N ALA L 74 -11.01 -10.81 -21.83
CA ALA L 74 -9.88 -10.94 -20.92
C ALA L 74 -9.07 -9.65 -20.84
N LEU L 75 -8.94 -8.94 -21.96
CA LEU L 75 -8.25 -7.66 -21.94
C LEU L 75 -9.01 -6.62 -21.14
N HIS L 76 -10.34 -6.57 -21.31
CA HIS L 76 -11.13 -5.56 -20.62
C HIS L 76 -11.14 -5.81 -19.11
N LEU L 77 -11.11 -7.07 -18.69
CA LEU L 77 -11.00 -7.36 -17.26
C LEU L 77 -9.61 -7.04 -16.75
N PHE L 78 -8.59 -7.06 -17.62
CA PHE L 78 -7.25 -6.69 -17.19
C PHE L 78 -7.14 -5.21 -16.94
N LYS L 79 -7.67 -4.39 -17.85
CA LYS L 79 -7.59 -2.94 -17.68
C LYS L 79 -8.39 -2.49 -16.47
N THR L 80 -9.49 -3.16 -16.17
CA THR L 80 -10.36 -2.77 -15.06
C THR L 80 -9.91 -3.39 -13.75
N THR L 81 -9.75 -4.72 -13.72
CA THR L 81 -9.63 -5.49 -12.51
C THR L 81 -8.21 -5.90 -12.17
N VAL L 82 -7.46 -6.43 -13.15
CA VAL L 82 -6.20 -7.08 -12.83
C VAL L 82 -5.09 -6.08 -12.55
N ASN L 83 -5.21 -4.83 -13.01
CA ASN L 83 -4.18 -3.84 -12.77
C ASN L 83 -3.94 -3.62 -11.27
N SER L 84 -4.97 -3.81 -10.45
CA SER L 84 -4.81 -3.65 -9.02
C SER L 84 -3.91 -4.70 -8.40
N LEU L 85 -3.59 -5.77 -9.13
CA LEU L 85 -2.68 -6.80 -8.63
C LEU L 85 -1.21 -6.45 -8.83
N ILE L 86 -0.92 -5.40 -9.60
CA ILE L 86 0.45 -4.93 -9.82
C ILE L 86 0.70 -3.73 -8.93
N SER L 87 1.79 -3.76 -8.18
CA SER L 87 2.13 -2.64 -7.30
C SER L 87 2.37 -1.39 -8.13
N ASP L 88 1.61 -0.34 -7.83
CA ASP L 88 1.66 0.86 -8.65
C ASP L 88 2.96 1.64 -8.42
N GLN L 89 3.46 1.66 -7.20
CA GLN L 89 4.68 2.39 -6.91
C GLN L 89 5.90 1.71 -7.52
N LEU L 90 5.94 0.38 -7.47
CA LEU L 90 7.07 -0.34 -8.06
C LEU L 90 7.14 -0.15 -9.56
N LEU L 91 5.99 -0.15 -10.22
CA LEU L 91 5.97 -0.03 -11.67
C LEU L 91 6.55 1.30 -12.12
N MET L 92 6.22 2.39 -11.42
CA MET L 92 6.70 3.71 -11.80
C MET L 92 8.11 4.00 -11.29
N ARG L 93 8.53 3.35 -10.21
CA ARG L 93 9.91 3.50 -9.75
C ARG L 93 10.89 2.93 -10.75
N ASN L 94 10.66 1.69 -11.18
CA ASN L 94 11.55 1.05 -12.15
C ASN L 94 11.50 1.74 -13.51
N HIS L 95 10.44 2.47 -13.80
CA HIS L 95 10.43 3.28 -15.01
C HIS L 95 11.32 4.51 -14.86
N LEU L 96 11.40 5.06 -13.64
CA LEU L 96 12.30 6.18 -13.38
C LEU L 96 13.75 5.72 -13.38
N ARG L 97 14.02 4.54 -12.83
CA ARG L 97 15.37 3.98 -12.87
C ARG L 97 15.79 3.63 -14.29
N ASP L 98 14.84 3.38 -15.18
CA ASP L 98 15.17 3.13 -16.58
C ASP L 98 15.57 4.43 -17.29
N LEU L 99 14.84 5.52 -17.03
CA LEU L 99 15.08 6.76 -17.75
C LEU L 99 16.39 7.41 -17.35
N MET L 100 16.89 7.14 -16.14
CA MET L 100 18.13 7.70 -15.67
C MET L 100 19.34 6.82 -15.95
N CYS L 101 19.15 5.69 -16.64
CA CYS L 101 20.21 4.73 -16.91
C CYS L 101 20.95 4.32 -15.64
N VAL L 102 20.19 3.72 -14.73
CA VAL L 102 20.75 3.06 -13.57
C VAL L 102 20.16 1.65 -13.55
N PRO L 103 20.82 0.67 -12.92
CA PRO L 103 20.30 -0.71 -12.94
C PRO L 103 18.86 -0.81 -12.47
N TYR L 104 17.97 -1.21 -13.38
CA TYR L 104 16.55 -1.35 -13.11
C TYR L 104 16.12 -2.80 -13.28
N CYS L 105 14.87 -3.07 -12.94
CA CYS L 105 14.30 -4.41 -12.99
C CYS L 105 13.30 -4.49 -14.14
N ASN L 106 13.55 -5.40 -15.09
CA ASN L 106 12.60 -5.65 -16.16
C ASN L 106 11.79 -6.93 -15.95
N TYR L 107 11.77 -7.42 -14.71
CA TYR L 107 10.77 -8.35 -14.18
C TYR L 107 11.02 -9.80 -14.57
N SER L 108 12.10 -10.10 -15.27
CA SER L 108 12.30 -11.44 -15.82
C SER L 108 12.98 -12.38 -14.82
N LYS L 109 14.18 -12.04 -14.39
CA LYS L 109 14.99 -12.93 -13.58
C LYS L 109 15.03 -12.44 -12.14
N PHE L 110 15.00 -13.38 -11.20
CA PHE L 110 15.04 -13.09 -9.78
C PHE L 110 16.06 -14.03 -9.13
N TRP L 111 16.63 -13.58 -8.02
CA TRP L 111 17.61 -14.39 -7.30
C TRP L 111 17.19 -14.50 -5.84
N TYR L 112 17.58 -15.61 -5.22
CA TYR L 112 17.20 -15.88 -3.83
C TYR L 112 18.18 -16.89 -3.25
N LEU L 113 18.12 -17.03 -1.94
CA LEU L 113 18.94 -17.99 -1.21
C LEU L 113 18.05 -19.11 -0.68
N GLU L 114 18.52 -20.34 -0.81
CA GLU L 114 17.82 -21.53 -0.32
C GLU L 114 18.67 -22.19 0.75
N HIS L 115 18.07 -22.48 1.90
CA HIS L 115 18.80 -23.19 2.94
C HIS L 115 19.16 -24.60 2.46
N ALA L 116 20.33 -25.08 2.89
CA ALA L 116 20.84 -26.34 2.38
C ALA L 116 19.93 -27.51 2.76
N LYS L 117 19.43 -27.52 3.99
CA LYS L 117 18.64 -28.65 4.49
C LYS L 117 17.19 -28.29 4.75
N THR L 118 16.94 -27.26 5.56
CA THR L 118 15.58 -26.97 6.03
C THR L 118 14.65 -26.55 4.90
N GLY L 119 15.19 -26.12 3.76
CA GLY L 119 14.36 -25.65 2.67
C GLY L 119 13.88 -24.22 2.80
N GLU L 120 14.29 -23.52 3.86
CA GLU L 120 13.92 -22.12 4.02
C GLU L 120 14.46 -21.30 2.85
N THR L 121 13.65 -20.36 2.39
CA THR L 121 13.94 -19.61 1.17
C THR L 121 13.61 -18.14 1.40
N SER L 122 14.54 -17.27 1.00
CA SER L 122 14.29 -15.83 1.10
C SER L 122 13.26 -15.40 0.08
N VAL L 123 12.75 -14.19 0.25
CA VAL L 123 11.88 -13.61 -0.77
C VAL L 123 12.77 -13.25 -1.95
N PRO L 124 12.53 -13.83 -3.13
CA PRO L 124 13.42 -13.55 -4.27
C PRO L 124 13.44 -12.07 -4.60
N LYS L 125 14.63 -11.57 -4.88
CA LYS L 125 14.84 -10.18 -5.29
C LYS L 125 15.18 -10.14 -6.77
N CYS L 126 14.81 -9.04 -7.42
CA CYS L 126 14.95 -8.96 -8.86
C CYS L 126 16.41 -8.89 -9.27
N TRP L 127 16.71 -9.52 -10.40
CA TRP L 127 18.03 -9.49 -11.01
C TRP L 127 18.04 -8.30 -11.97
N LEU L 128 18.77 -7.26 -11.60
CA LEU L 128 18.66 -5.99 -12.30
C LEU L 128 19.41 -6.02 -13.62
N VAL L 129 18.96 -5.20 -14.56
CA VAL L 129 19.56 -5.13 -15.89
C VAL L 129 19.92 -3.69 -16.21
N THR L 130 20.96 -3.53 -17.01
CA THR L 130 21.37 -2.23 -17.52
C THR L 130 22.19 -2.46 -18.78
N ASN L 131 22.15 -1.49 -19.68
CA ASN L 131 22.88 -1.56 -20.95
C ASN L 131 22.50 -2.80 -21.75
N GLY L 132 21.29 -3.32 -21.53
CA GLY L 132 20.87 -4.56 -22.14
C GLY L 132 21.65 -5.77 -21.66
N ALA L 133 22.00 -5.81 -20.38
CA ALA L 133 22.76 -6.93 -19.83
C ALA L 133 22.48 -7.03 -18.35
N TYR L 134 22.31 -8.26 -17.87
CA TYR L 134 22.05 -8.48 -16.45
C TYR L 134 23.27 -8.11 -15.63
N LEU L 135 23.04 -7.51 -14.47
CA LEU L 135 24.14 -7.29 -13.53
C LEU L 135 24.76 -8.64 -13.17
N ASN L 136 26.08 -8.69 -13.24
CA ASN L 136 26.75 -9.97 -13.19
C ASN L 136 26.84 -10.41 -11.74
N GLU L 137 26.95 -11.72 -11.52
CA GLU L 137 26.66 -12.29 -10.21
C GLU L 137 27.45 -11.59 -9.10
N THR L 138 28.69 -11.19 -9.40
CA THR L 138 29.56 -10.57 -8.40
C THR L 138 29.37 -9.07 -8.29
N HIS L 139 28.51 -8.46 -9.11
CA HIS L 139 28.33 -7.02 -9.02
C HIS L 139 27.55 -6.60 -7.78
N PHE L 140 26.74 -7.49 -7.21
CA PHE L 140 26.02 -7.22 -5.97
C PHE L 140 26.36 -8.25 -4.91
N SER L 141 27.65 -8.61 -4.83
CA SER L 141 28.08 -9.65 -3.90
C SER L 141 27.85 -9.24 -2.46
N ASP L 142 28.16 -7.98 -2.11
CA ASP L 142 27.91 -7.52 -0.75
C ASP L 142 26.43 -7.41 -0.43
N GLN L 143 25.58 -7.29 -1.44
CA GLN L 143 24.14 -7.29 -1.22
C GLN L 143 23.64 -8.68 -0.84
N ILE L 144 24.24 -9.72 -1.43
CA ILE L 144 23.86 -11.08 -1.06
C ILE L 144 24.29 -11.39 0.36
N GLU L 145 25.45 -10.88 0.77
CA GLU L 145 25.99 -11.20 2.09
C GLU L 145 25.07 -10.71 3.21
N GLN L 146 24.50 -9.51 3.07
CA GLN L 146 23.60 -9.01 4.10
C GLN L 146 22.29 -9.78 4.10
N GLU L 147 21.85 -10.24 2.93
CA GLU L 147 20.65 -11.07 2.86
C GLU L 147 20.86 -12.39 3.59
N ALA L 148 22.04 -12.99 3.44
CA ALA L 148 22.35 -14.21 4.18
C ALA L 148 22.37 -13.95 5.67
N ASP L 149 22.92 -12.81 6.10
CA ASP L 149 22.93 -12.47 7.51
C ASP L 149 21.56 -12.08 8.02
N ASN L 150 20.70 -11.55 7.14
CA ASN L 150 19.33 -11.24 7.55
C ASN L 150 18.57 -12.50 7.95
N MET L 151 18.73 -13.57 7.17
CA MET L 151 18.03 -14.82 7.47
C MET L 151 18.64 -15.57 8.64
N ILE L 152 19.92 -15.35 8.95
CA ILE L 152 20.52 -16.00 10.11
C ILE L 152 19.79 -15.56 11.38
N THR L 153 19.56 -14.25 11.53
CA THR L 153 18.83 -13.76 12.68
C THR L 153 17.37 -14.20 12.65
N GLU L 154 16.76 -14.21 11.46
CA GLU L 154 15.33 -14.52 11.34
C GLU L 154 15.04 -15.95 11.78
N MET L 155 15.87 -16.91 11.36
CA MET L 155 15.66 -18.29 11.79
C MET L 155 16.14 -18.53 13.21
N LEU L 156 17.22 -17.86 13.64
CA LEU L 156 17.73 -18.04 14.99
C LEU L 156 16.72 -17.55 16.02
N ARG L 157 15.99 -16.47 15.72
CA ARG L 157 14.97 -15.98 16.64
C ARG L 157 13.88 -17.03 16.85
N LYS L 158 13.45 -17.67 15.76
CA LYS L 158 12.45 -18.73 15.89
C LYS L 158 13.04 -19.98 16.53
N ASP L 159 14.30 -20.27 16.25
CA ASP L 159 14.91 -21.51 16.74
C ASP L 159 15.13 -21.46 18.25
N TYR L 160 15.60 -20.33 18.77
CA TYR L 160 15.87 -20.23 20.20
C TYR L 160 14.60 -20.32 21.03
N ILE L 161 13.53 -19.64 20.61
CA ILE L 161 12.31 -19.63 21.40
C ILE L 161 11.58 -20.96 21.32
N LYS L 162 11.85 -21.77 20.29
CA LYS L 162 11.23 -23.08 20.11
C LYS L 162 9.71 -22.98 20.05
C1 NAG M . 14.33 27.21 -8.18
C2 NAG M . 14.93 28.35 -7.36
C3 NAG M . 16.44 28.44 -7.62
C4 NAG M . 17.17 27.10 -7.59
C5 NAG M . 16.34 26.01 -8.29
C6 NAG M . 16.85 24.59 -8.10
C7 NAG M . 13.36 30.17 -6.86
C8 NAG M . 12.78 31.46 -7.39
N2 NAG M . 14.26 29.58 -7.66
O3 NAG M . 16.97 29.32 -6.66
O4 NAG M . 18.38 27.33 -8.27
O5 NAG M . 15.03 26.06 -7.78
O6 NAG M . 16.13 23.95 -7.08
O7 NAG M . 13.02 29.73 -5.77
C1 NAG M . 19.50 26.80 -7.54
C2 NAG M . 20.69 26.78 -8.52
C3 NAG M . 21.97 26.37 -7.81
C4 NAG M . 22.18 27.23 -6.57
C5 NAG M . 20.94 27.14 -5.69
C6 NAG M . 21.02 27.95 -4.41
C7 NAG M . 20.24 24.59 -9.66
C8 NAG M . 19.96 24.00 -11.02
N2 NAG M . 20.41 25.93 -9.65
O3 NAG M . 23.02 26.51 -8.72
O4 NAG M . 23.33 26.76 -5.91
O5 NAG M . 19.82 27.60 -6.42
O6 NAG M . 20.63 29.27 -4.67
O7 NAG M . 20.29 23.89 -8.66
C1 BMA M . 24.39 27.74 -6.03
C2 BMA M . 25.01 27.95 -4.66
C3 BMA M . 26.11 29.02 -4.79
C4 BMA M . 27.11 28.74 -5.93
C5 BMA M . 26.48 28.17 -7.19
C6 BMA M . 27.48 27.46 -8.11
O2 BMA M . 25.51 26.72 -4.21
O3 BMA M . 26.71 29.13 -3.52
O4 BMA M . 27.76 29.97 -6.19
O5 BMA M . 25.38 27.31 -6.94
O6 BMA M . 26.75 26.66 -9.00
C1 NAG N . -3.29 40.55 -1.39
C2 NAG N . -3.72 42.02 -1.25
C3 NAG N . -3.37 42.82 -2.50
C4 NAG N . -1.94 42.56 -2.93
C5 NAG N . -1.83 41.07 -3.20
C6 NAG N . -0.51 40.57 -3.77
C7 NAG N . -5.74 42.26 0.18
C8 NAG N . -4.83 42.38 1.37
N2 NAG N . -5.14 42.09 -1.02
O3 NAG N . -3.60 44.18 -2.22
O4 NAG N . -1.70 43.33 -4.08
O5 NAG N . -2.02 40.42 -1.96
O6 NAG N . -0.05 39.48 -3.02
O7 NAG N . -6.96 42.31 0.30
C1 NAG N . -0.47 44.08 -3.90
C2 NAG N . 0.04 44.48 -5.29
C3 NAG N . 1.28 45.36 -5.15
C4 NAG N . 1.01 46.52 -4.20
C5 NAG N . 0.50 45.96 -2.87
C6 NAG N . 0.19 47.02 -1.83
C7 NAG N . -0.58 42.59 -6.75
C8 NAG N . -0.03 41.42 -7.52
N2 NAG N . 0.33 43.33 -6.09
O3 NAG N . 1.66 45.80 -6.42
O4 NAG N . 2.21 47.23 -4.04
O5 NAG N . -0.68 45.23 -3.12
O6 NAG N . -1.13 46.86 -1.38
O7 NAG N . -1.78 42.83 -6.72
C1 NAG O . -17.71 41.95 -3.13
C2 NAG O . -17.27 42.59 -1.81
C3 NAG O . -17.84 41.72 -0.69
C4 NAG O . -19.35 41.73 -0.79
C5 NAG O . -19.77 41.26 -2.18
C6 NAG O . -21.26 41.37 -2.43
C7 NAG O . -15.16 43.79 -2.11
C8 NAG O . -13.66 43.72 -1.92
N2 NAG O . -15.85 42.70 -1.71
O3 NAG O . -17.37 42.24 0.53
O4 NAG O . -19.85 40.86 0.21
O5 NAG O . -19.11 42.01 -3.19
O6 NAG O . -21.50 41.99 -3.67
O7 NAG O . -15.70 44.78 -2.59
C1 NAG O . -20.48 41.63 1.24
C2 NAG O . -21.79 40.93 1.64
C3 NAG O . -22.43 41.65 2.83
C4 NAG O . -21.41 41.81 3.96
C5 NAG O . -20.18 42.52 3.40
C6 NAG O . -19.10 42.78 4.44
C7 NAG O . -23.68 39.98 0.36
C8 NAG O . -24.52 40.16 -0.88
N2 NAG O . -22.71 40.91 0.53
O3 NAG O . -23.56 40.91 3.24
O4 NAG O . -22.04 42.56 4.97
O5 NAG O . -19.64 41.73 2.36
O6 NAG O . -19.48 43.84 5.27
O7 NAG O . -23.87 39.05 1.12
C1 NAG P . -22.07 37.68 -15.18
C2 NAG P . -22.64 37.93 -16.59
C3 NAG P . -24.04 37.34 -16.73
C4 NAG P . -24.97 37.87 -15.64
C5 NAG P . -24.35 37.68 -14.24
C6 NAG P . -24.53 36.29 -13.67
C7 NAG P . -21.53 40.02 -17.21
C8 NAG P . -21.75 41.48 -17.50
N2 NAG P . -22.63 39.33 -16.90
O3 NAG P . -23.94 35.94 -16.72
O4 NAG P . -25.22 39.23 -15.92
O5 NAG P . -22.99 38.08 -14.17
O6 NAG P . -25.76 35.76 -14.12
O7 NAG P . -20.42 39.52 -17.26
C1 NAG P . -26.33 39.66 -15.10
C2 NAG P . -26.29 41.19 -14.98
C3 NAG P . -27.40 41.62 -14.02
C4 NAG P . -28.75 41.10 -14.52
C5 NAG P . -28.66 39.59 -14.80
C6 NAG P . -29.92 39.03 -15.43
C7 NAG P . -24.33 41.38 -13.43
C8 NAG P . -23.00 42.07 -13.30
N2 NAG P . -25.00 41.69 -14.57
O3 NAG P . -27.39 43.02 -13.93
O4 NAG P . -29.69 41.37 -13.50
O5 NAG P . -27.58 39.32 -15.67
O6 NAG P . -29.77 38.95 -16.82
O7 NAG P . -24.74 40.62 -12.57
C1 NAG Q . 0.41 36.28 -20.24
C2 NAG Q . 1.48 37.34 -19.91
C3 NAG Q . 1.63 38.34 -21.05
C4 NAG Q . 1.95 37.65 -22.35
C5 NAG Q . 0.97 36.51 -22.59
C6 NAG Q . 1.39 35.62 -23.74
C7 NAG Q . 2.12 38.64 -17.88
C8 NAG Q . 1.56 39.32 -16.66
N2 NAG Q . 1.20 38.06 -18.69
O3 NAG Q . 2.64 39.25 -20.70
O4 NAG Q . 1.79 38.65 -23.34
O5 NAG Q . 0.81 35.69 -21.46
O6 NAG Q . 2.74 35.24 -23.55
O7 NAG Q . 3.32 38.63 -18.09
C1 NAG Q . 3.04 38.92 -23.99
C2 NAG Q . 2.72 39.86 -25.16
C3 NAG Q . 4.00 40.31 -25.87
C4 NAG Q . 4.96 40.90 -24.84
C5 NAG Q . 5.20 39.86 -23.74
C6 NAG Q . 6.18 40.30 -22.68
C7 NAG Q . 1.98 38.12 -26.80
C8 NAG Q . 0.82 37.74 -27.68
N2 NAG Q . 1.79 39.25 -26.09
O3 NAG Q . 3.64 41.26 -26.84
O4 NAG Q . 6.15 41.23 -25.52
O5 NAG Q . 3.96 39.56 -23.13
O6 NAG Q . 7.45 39.74 -22.93
O7 NAG Q . 3.00 37.44 -26.77
C1 NAG R . 2.99 28.06 22.56
C2 NAG R . 1.71 28.85 22.28
C3 NAG R . 2.08 30.32 22.07
C4 NAG R . 3.01 30.88 23.16
C5 NAG R . 4.07 29.87 23.58
C6 NAG R . 4.79 30.22 24.86
C7 NAG R . -0.25 28.54 20.83
C8 NAG R . -0.72 27.90 19.54
N2 NAG R . 1.04 28.33 21.12
O3 NAG R . 0.88 31.04 21.98
O4 NAG R . 3.65 32.01 22.63
O5 NAG R . 3.51 28.58 23.75
O6 NAG R . 5.89 29.38 25.03
O7 NAG R . -1.00 29.19 21.53
C1 NAG R . 2.93 33.23 22.93
C2 NAG R . 3.85 34.15 23.75
C3 NAG R . 3.14 35.48 23.99
C4 NAG R . 2.78 36.10 22.65
C5 NAG R . 1.88 35.11 21.92
C6 NAG R . 1.40 35.60 20.56
C7 NAG R . 5.43 33.81 25.60
C8 NAG R . 5.65 33.10 26.90
N2 NAG R . 4.25 33.56 24.99
O3 NAG R . 3.99 36.31 24.75
O4 NAG R . 2.13 37.32 22.90
O5 NAG R . 2.56 33.88 21.74
O6 NAG R . 0.63 36.76 20.73
O7 NAG R . 6.27 34.56 25.12
C1 NAG S . -30.04 7.35 6.64
C2 NAG S . -30.96 6.33 7.31
C3 NAG S . -31.44 6.86 8.66
C4 NAG S . -30.30 7.34 9.56
C5 NAG S . -29.27 8.16 8.77
C6 NAG S . -27.96 8.33 9.52
C7 NAG S . -32.65 4.78 6.41
C8 NAG S . -33.80 4.67 5.45
N2 NAG S . -32.07 5.99 6.47
O3 NAG S . -32.17 5.83 9.28
O4 NAG S . -30.94 8.15 10.52
O5 NAG S . -28.96 7.58 7.52
O6 NAG S . -27.33 7.08 9.69
O7 NAG S . -32.29 3.83 7.08
C1 NAG S . -30.55 7.78 11.86
C2 NAG S . -30.93 8.95 12.78
C3 NAG S . -30.62 8.61 14.23
C4 NAG S . -31.29 7.30 14.61
C5 NAG S . -30.89 6.21 13.61
C6 NAG S . -31.53 4.87 13.88
C7 NAG S . -29.00 10.51 12.40
C8 NAG S . -28.69 11.89 11.87
N2 NAG S . -30.31 10.19 12.35
O3 NAG S . -31.07 9.68 15.02
O4 NAG S . -30.89 6.97 15.92
O5 NAG S . -31.23 6.62 12.29
O6 NAG S . -32.53 4.62 12.91
O7 NAG S . -28.12 9.79 12.84
C1 BMA S . -32.00 7.15 16.81
C2 BMA S . -32.00 5.99 17.80
C3 BMA S . -33.15 6.19 18.80
C4 BMA S . -33.15 7.58 19.46
C5 BMA S . -32.87 8.71 18.47
C6 BMA S . -32.49 10.03 19.14
O2 BMA S . -30.74 5.92 18.41
O3 BMA S . -33.06 5.14 19.74
O4 BMA S . -34.43 7.74 20.03
O5 BMA S . -31.88 8.37 17.51
O6 BMA S . -32.93 11.07 18.31
C1 NAG T . -38.26 -8.62 -7.12
C2 NAG T . -39.57 -9.28 -7.57
C3 NAG T . -40.60 -8.22 -7.89
C4 NAG T . -40.79 -7.27 -6.71
C5 NAG T . -39.42 -6.70 -6.34
C6 NAG T . -39.44 -5.73 -5.17
C7 NAG T . -39.65 -11.42 -8.82
C8 NAG T . -40.26 -12.04 -7.59
N2 NAG T . -39.35 -10.11 -8.73
O3 NAG T . -41.79 -8.87 -8.25
O4 NAG T . -41.70 -6.28 -7.12
O5 NAG T . -38.55 -7.75 -6.03
O6 NAG T . -38.88 -4.50 -5.55
O7 NAG T . -39.45 -12.09 -9.82
C1 NAG T . -42.79 -6.20 -6.20
C2 NAG T . -43.59 -4.93 -6.51
C3 NAG T . -44.78 -4.83 -5.56
C4 NAG T . -45.61 -6.10 -5.61
C5 NAG T . -44.72 -7.32 -5.38
C6 NAG T . -45.45 -8.63 -5.47
C7 NAG T . -42.08 -3.23 -7.44
C8 NAG T . -41.26 -2.01 -7.11
N2 NAG T . -42.75 -3.77 -6.41
O3 NAG T . -45.52 -3.69 -5.91
O4 NAG T . -46.62 -5.98 -4.64
O5 NAG T . -43.66 -7.32 -6.31
O6 NAG T . -45.28 -9.18 -6.75
O7 NAG T . -42.10 -3.69 -8.57
C1 NAG U . -37.95 -12.84 -22.37
C2 NAG U . -38.21 -14.21 -21.76
C3 NAG U . -37.18 -15.10 -22.41
C4 NAG U . -37.34 -15.10 -23.93
C5 NAG U . -37.57 -13.68 -24.48
C6 NAG U . -38.09 -13.67 -25.91
C7 NAG U . -39.09 -14.01 -19.47
C8 NAG U . -38.71 -14.08 -18.01
N2 NAG U . -38.07 -14.22 -20.33
O3 NAG U . -37.30 -16.37 -21.81
O4 NAG U . -36.15 -15.65 -24.48
O5 NAG U . -38.43 -12.88 -23.68
O6 NAG U . -37.07 -13.25 -26.79
O7 NAG U . -40.24 -13.79 -19.82
C1 NAG U . -36.20 -17.08 -24.59
C2 NAG U . -35.17 -17.54 -25.64
C3 NAG U . -35.03 -19.06 -25.68
C4 NAG U . -34.89 -19.65 -24.29
C5 NAG U . -36.01 -19.10 -23.39
C6 NAG U . -35.96 -19.63 -21.97
C7 NAG U . -34.65 -16.65 -27.88
C8 NAG U . -35.25 -16.17 -29.18
N2 NAG U . -35.54 -17.04 -26.94
O3 NAG U . -33.93 -19.37 -26.48
O4 NAG U . -34.97 -21.05 -24.42
O5 NAG U . -35.90 -17.71 -23.37
O6 NAG U . -37.05 -20.48 -21.74
O7 NAG U . -33.44 -16.67 -27.71
C1 NAG V . -34.73 -3.00 -29.84
C2 NAG V . -35.85 -2.16 -30.45
C3 NAG V . -36.63 -2.97 -31.47
C4 NAG V . -35.73 -3.68 -32.47
C5 NAG V . -34.65 -4.45 -31.70
C6 NAG V . -33.60 -5.16 -32.53
C7 NAG V . -37.30 -0.48 -29.41
C8 NAG V . -38.18 -0.21 -28.22
N2 NAG V . -36.72 -1.69 -29.41
O3 NAG V . -37.53 -2.09 -32.11
O4 NAG V . -36.58 -4.52 -33.22
O5 NAG V . -33.95 -3.53 -30.88
O6 NAG V . -32.67 -4.22 -32.99
O7 NAG V . -37.14 0.35 -30.29
C1 NAG V . -36.18 -4.50 -34.61
C2 NAG V . -36.95 -5.58 -35.38
C3 NAG V . -36.40 -5.64 -36.80
C4 NAG V . -36.47 -4.26 -37.45
C5 NAG V . -35.88 -3.18 -36.52
C6 NAG V . -36.05 -1.77 -37.03
C7 NAG V . -35.79 -7.61 -34.46
C8 NAG V . -36.06 -8.90 -33.74
N2 NAG V . -36.90 -6.86 -34.71
O3 NAG V . -37.12 -6.60 -37.51
O4 NAG V . -35.75 -4.33 -38.66
O5 NAG V . -36.48 -3.27 -35.25
O6 NAG V . -36.14 -1.77 -38.44
O7 NAG V . -34.65 -7.30 -34.78
C1 NAG W . -38.73 10.48 -10.34
C2 NAG W . -39.96 10.07 -9.50
C3 NAG W . -41.18 10.87 -9.95
C4 NAG W . -40.91 12.37 -10.06
C5 NAG W . -39.59 12.63 -10.80
C6 NAG W . -39.14 14.07 -10.79
C7 NAG W . -40.58 7.84 -8.63
C8 NAG W . -40.83 6.41 -9.02
N2 NAG W . -40.23 8.66 -9.64
O3 NAG W . -42.22 10.60 -9.04
O4 NAG W . -42.00 12.90 -10.77
O5 NAG W . -38.57 11.87 -10.20
O6 NAG W . -38.55 14.37 -9.56
O7 NAG W . -40.69 8.21 -7.47
C1 NAG W . -42.60 13.98 -10.03
C2 NAG W . -43.57 14.69 -10.99
C3 NAG W . -44.41 15.75 -10.27
C4 NAG W . -45.02 15.18 -9.00
C5 NAG W . -43.91 14.54 -8.16
C6 NAG W . -44.40 13.97 -6.84
C7 NAG W . -41.94 16.24 -12.07
C8 NAG W . -41.38 16.65 -13.41
N2 NAG W . -42.87 15.28 -12.11
O3 NAG W . -45.38 16.21 -11.16
O4 NAG W . -45.66 16.25 -8.34
O5 NAG W . -43.31 13.51 -8.91
O6 NAG W . -43.96 14.80 -5.78
O7 NAG W . -41.55 16.79 -11.05
C1 NAG X . -24.16 -25.46 8.84
C2 NAG X . -24.80 -25.85 7.51
C3 NAG X . -26.32 -25.85 7.66
C4 NAG X . -26.79 -26.66 8.86
C5 NAG X . -25.91 -26.39 10.10
C6 NAG X . -26.15 -27.34 11.24
C7 NAG X . -24.34 -25.28 5.17
C8 NAG X . -23.89 -24.17 4.26
N2 NAG X . -24.39 -24.96 6.46
O3 NAG X . -26.85 -26.31 6.45
O4 NAG X . -28.11 -26.27 9.16
O5 NAG X . -24.54 -26.44 9.77
O6 NAG X . -25.26 -27.04 12.29
O7 NAG X . -24.64 -26.39 4.72
C1 NAG X . -29.07 -27.09 8.47
C2 NAG X . -30.03 -27.72 9.50
C3 NAG X . -31.09 -28.52 8.77
C4 NAG X . -31.83 -27.61 7.80
C5 NAG X . -30.81 -27.02 6.84
C6 NAG X . -31.40 -26.10 5.79
C7 NAG X . -29.65 -28.65 11.73
C8 NAG X . -28.78 -29.57 12.56
N2 NAG X . -29.32 -28.55 10.44
O3 NAG X . -31.94 -29.10 9.72
O4 NAG X . -32.81 -28.37 7.14
O5 NAG X . -29.82 -26.31 7.56
O6 NAG X . -32.67 -26.58 5.41
O7 NAG X . -30.58 -28.03 12.24
C1 NAG Y . -0.21 -18.76 -25.01
C2 NAG Y . 0.82 -19.64 -25.72
C3 NAG Y . 0.33 -21.09 -25.78
C4 NAG Y . -0.20 -21.60 -24.45
C5 NAG Y . -1.13 -20.56 -23.79
C6 NAG Y . -1.56 -20.89 -22.38
C7 NAG Y . 2.24 -18.82 -27.58
C8 NAG Y . 2.20 -18.32 -28.99
N2 NAG Y . 1.03 -19.14 -27.05
O3 NAG Y . 1.42 -21.87 -26.21
O4 NAG Y . -0.90 -22.78 -24.76
O5 NAG Y . -0.46 -19.33 -23.75
O6 NAG Y . -0.47 -20.72 -21.50
O7 NAG Y . 3.29 -18.95 -26.97
C1 NAG Y . -0.50 -23.87 -23.91
C2 NAG Y . -1.51 -25.00 -24.09
C3 NAG Y . -1.12 -26.20 -23.23
C4 NAG Y . 0.31 -26.61 -23.54
C5 NAG Y . 1.24 -25.40 -23.41
C6 NAG Y . 2.68 -25.70 -23.78
C7 NAG Y . -3.37 -24.13 -22.67
C8 NAG Y . -4.82 -23.72 -22.74
N2 NAG Y . -2.86 -24.56 -23.84
O3 NAG Y . -2.03 -27.23 -23.49
O4 NAG Y . 0.66 -27.63 -22.63
O5 NAG Y . 0.78 -24.35 -24.25
O6 NAG Y . 2.82 -25.68 -25.18
O7 NAG Y . -2.74 -24.06 -21.62
C1 BMA Y . 0.83 -28.87 -23.36
C2 BMA Y . 2.10 -29.55 -22.85
C3 BMA Y . 2.29 -30.86 -23.63
C4 BMA Y . 1.04 -31.75 -23.65
C5 BMA Y . -0.28 -30.99 -23.81
C6 BMA Y . -1.50 -31.78 -23.36
O2 BMA Y . 1.96 -29.76 -21.48
O3 BMA Y . 3.42 -31.49 -23.08
O4 BMA Y . 1.22 -32.66 -24.72
O5 BMA Y . -0.27 -29.72 -23.17
O6 BMA Y . -2.49 -30.85 -22.96
C1 NAG Z . 13.65 -5.67 -37.22
C2 NAG Z . 14.78 -6.03 -38.20
C3 NAG Z . 14.78 -7.54 -38.41
C4 NAG Z . 13.38 -8.15 -38.27
C5 NAG Z . 12.77 -7.78 -36.90
C6 NAG Z . 12.74 -8.95 -35.93
C7 NAG Z . 15.27 -4.24 -39.84
C8 NAG Z . 16.33 -3.75 -38.89
N2 NAG Z . 14.58 -5.33 -39.43
O3 NAG Z . 15.68 -8.09 -37.46
O4 NAG Z . 12.61 -7.70 -39.37
O5 NAG Z . 13.49 -6.71 -36.30
O6 NAG Z . 11.42 -9.44 -35.85
O7 NAG Z . 15.07 -3.68 -40.90
C1 NAG Z . 12.57 -8.75 -40.36
C2 NAG Z . 11.36 -8.53 -41.29
C3 NAG Z . 11.30 -9.67 -42.30
C4 NAG Z . 12.64 -9.84 -43.02
C5 NAG Z . 13.79 -9.87 -42.02
C6 NAG Z . 15.15 -9.89 -42.69
C7 NAG Z . 9.10 -7.66 -40.94
C8 NAG Z . 7.89 -7.72 -40.03
N2 NAG Z . 10.13 -8.44 -40.56
O3 NAG Z . 10.26 -9.41 -43.19
O4 NAG Z . 12.57 -11.05 -43.75
O5 NAG Z . 13.72 -8.75 -41.17
O6 NAG Z . 15.48 -8.60 -43.15
O7 NAG Z . 9.13 -6.94 -41.92
C1 NAG AA . 15.53 8.44 -42.08
C2 NAG AA . 16.89 7.74 -42.05
C3 NAG AA . 17.71 8.37 -40.95
C4 NAG AA . 17.90 9.85 -41.24
C5 NAG AA . 16.54 10.51 -41.45
C6 NAG AA . 16.63 11.95 -41.92
C7 NAG AA . 16.65 5.45 -42.89
C8 NAG AA . 16.53 4.00 -42.50
N2 NAG AA . 16.76 6.32 -41.87
O3 NAG AA . 18.93 7.69 -40.85
O4 NAG AA . 18.58 10.42 -40.15
O5 NAG AA . 15.77 9.80 -42.39
O6 NAG AA . 15.71 12.16 -42.95
O7 NAG AA . 16.66 5.79 -44.07
C1 NAG AA . 19.91 10.79 -40.53
C2 NAG AA . 20.23 12.18 -39.95
C3 NAG AA . 21.67 12.55 -40.26
C4 NAG AA . 22.62 11.44 -39.79
C5 NAG AA . 22.18 10.13 -40.43
C6 NAG AA . 23.05 8.95 -40.06
C7 NAG AA . 18.96 14.28 -39.77
C8 NAG AA . 18.02 15.20 -40.51
N2 NAG AA . 19.34 13.18 -40.45
O3 NAG AA . 21.95 13.78 -39.63
O4 NAG AA . 23.92 11.82 -40.18
O5 NAG AA . 20.85 9.86 -40.06
O6 NAG AA . 23.90 8.61 -41.13
O7 NAG AA . 19.35 14.54 -38.64
C1 NAG BA . 4.49 15.66 -42.51
C2 NAG BA . 3.66 15.51 -43.79
C3 NAG BA . 4.36 16.21 -44.95
C4 NAG BA . 4.81 17.62 -44.60
C5 NAG BA . 5.59 17.59 -43.29
C6 NAG BA . 6.02 18.93 -42.75
C7 NAG BA . 2.59 13.63 -45.03
C8 NAG BA . 2.59 12.13 -45.18
N2 NAG BA . 3.47 14.12 -44.13
O3 NAG BA . 3.47 16.24 -46.04
O4 NAG BA . 5.59 18.04 -45.70
O5 NAG BA . 4.78 17.02 -42.30
O6 NAG BA . 4.97 19.49 -42.01
O7 NAG BA . 1.83 14.32 -45.68
C1 NAG BA . 5.20 19.37 -46.07
C2 NAG BA . 6.18 19.89 -47.14
C3 NAG BA . 5.85 21.35 -47.40
C4 NAG BA . 4.39 21.51 -47.77
C5 NAG BA . 3.47 20.77 -46.79
C6 NAG BA . 2.01 20.75 -47.18
C7 NAG BA . 8.17 20.13 -45.65
C8 NAG BA . 9.62 19.72 -45.52
N2 NAG BA . 7.55 19.66 -46.76
O3 NAG BA . 6.72 21.80 -48.41
O4 NAG BA . 4.11 22.89 -47.78
O5 NAG BA . 3.91 19.43 -46.64
O6 NAG BA . 1.65 22.02 -47.69
O7 NAG BA . 7.65 20.84 -44.80
C1 NAG CA . -5.14 -7.14 -40.45
C2 NAG CA . -4.34 -8.27 -41.12
C3 NAG CA . -4.90 -8.50 -42.52
C4 NAG CA . -6.42 -8.65 -42.55
C5 NAG CA . -7.07 -7.55 -41.71
C6 NAG CA . -8.57 -7.72 -41.53
C7 NAG CA . -1.95 -8.85 -41.18
C8 NAG CA . -0.56 -8.26 -41.30
N2 NAG CA . -2.94 -7.94 -41.21
O3 NAG CA . -4.26 -9.62 -43.07
O4 NAG CA . -6.79 -8.53 -43.91
O5 NAG CA . -6.49 -7.54 -40.44
O6 NAG CA . -8.81 -8.45 -40.35
O7 NAG CA . -2.12 -10.04 -41.08
C1 NAG CA . -7.53 -9.69 -44.34
C2 NAG CA . -8.23 -9.32 -45.65
C3 NAG CA . -8.93 -10.54 -46.25
C4 NAG CA . -7.96 -11.71 -46.34
C5 NAG CA . -7.36 -11.95 -44.95
C6 NAG CA . -6.41 -13.13 -44.90
C7 NAG CA . -10.25 -8.22 -44.69
C8 NAG CA . -11.03 -6.92 -44.71
N2 NAG CA . -9.16 -8.23 -45.46
O3 NAG CA . -9.43 -10.17 -47.51
O4 NAG CA . -8.70 -12.82 -46.80
O5 NAG CA . -6.67 -10.79 -44.54
O6 NAG CA . -7.04 -14.21 -44.27
O7 NAG CA . -10.64 -9.16 -44.00
C1 NAG DA . 30.60 -12.10 -15.59
C2 NAG DA . 31.24 -11.49 -16.84
C3 NAG DA . 31.76 -12.63 -17.69
C4 NAG DA . 32.75 -13.47 -16.88
C5 NAG DA . 32.15 -13.82 -15.52
C6 NAG DA . 33.09 -14.57 -14.59
C7 NAG DA . 30.24 -9.34 -17.54
C8 NAG DA . 29.19 -8.72 -18.42
N2 NAG DA . 30.31 -10.68 -17.58
O3 NAG DA . 32.29 -12.02 -18.84
O4 NAG DA . 33.02 -14.66 -17.62
O5 NAG DA . 31.65 -12.68 -14.85
O6 NAG DA . 32.54 -15.83 -14.28
O7 NAG DA . 30.97 -8.64 -16.85
C1 NAG DA . 34.05 -14.44 -18.61
C2 NAG DA . 34.86 -15.72 -18.82
C3 NAG DA . 35.97 -15.43 -19.81
C4 NAG DA . 35.36 -14.94 -21.12
C5 NAG DA . 34.43 -13.75 -20.84
C6 NAG DA . 33.68 -13.25 -22.05
C7 NAG DA . 34.87 -17.27 -16.92
C8 NAG DA . 35.56 -17.64 -15.62
N2 NAG DA . 35.38 -16.22 -17.57
O3 NAG DA . 36.75 -16.58 -19.99
O4 NAG DA . 36.41 -14.58 -21.99
O5 NAG DA . 33.48 -14.10 -19.86
O6 NAG DA . 34.57 -13.13 -23.15
O7 NAG DA . 33.91 -17.92 -17.33
C1 NAG EA . -13.85 33.38 -30.57
C2 NAG EA . -14.85 34.00 -31.54
C3 NAG EA . -14.47 35.45 -31.85
C4 NAG EA . -14.20 36.22 -30.57
C5 NAG EA . -13.19 35.43 -29.72
C6 NAG EA . -12.76 36.14 -28.45
C7 NAG EA . -15.95 32.99 -33.52
C8 NAG EA . -15.71 32.15 -34.75
N2 NAG EA . -14.87 33.23 -32.76
O3 NAG EA . -15.52 36.02 -32.60
O4 NAG EA . -13.70 37.49 -30.93
O5 NAG EA . -13.75 34.18 -29.41
O6 NAG EA . -11.89 37.19 -28.78
O7 NAG EA . -17.07 33.41 -33.24
C1 NAG FA . 1.33 24.74 7.21
C2 NAG FA . 2.26 25.67 6.41
C3 NAG FA . 2.97 26.62 7.36
C4 NAG FA . 1.91 27.46 8.06
C5 NAG FA . 0.89 26.54 8.73
C6 NAG FA . -0.27 27.33 9.29
C7 NAG FA . 3.27 25.11 4.25
C8 NAG FA . 4.35 24.31 3.57
N2 NAG FA . 3.22 24.99 5.59
O3 NAG FA . 3.86 27.40 6.60
O4 NAG FA . 2.58 28.27 9.00
O5 NAG FA . 0.38 25.57 7.83
O6 NAG FA . 0.19 28.59 9.70
O7 NAG FA . 2.51 25.81 3.60
C1 NAG GA . -34.98 15.42 -27.93
C2 NAG GA . -35.58 15.80 -29.30
C3 NAG GA . -37.10 15.89 -29.20
C4 NAG GA . -37.67 14.65 -28.54
C5 NAG GA . -36.95 14.40 -27.21
C6 NAG GA . -37.47 13.21 -26.44
C7 NAG GA . -34.68 17.36 -30.99
C8 NAG GA . -34.12 18.75 -31.19
N2 NAG GA . -35.02 17.06 -29.73
O3 NAG GA . -37.60 16.10 -30.49
O4 NAG GA . -39.05 14.87 -28.35
O5 NAG GA . -35.58 14.23 -27.47
O6 NAG GA . -38.76 13.50 -25.95
O7 NAG GA . -34.79 16.59 -31.93
C1 NAG HA . -23.62 -10.89 2.17
C2 NAG HA . -24.69 -9.81 2.40
C3 NAG HA . -25.68 -10.30 3.44
C4 NAG HA . -26.29 -11.62 2.97
C5 NAG HA . -25.18 -12.61 2.63
C6 NAG HA . -25.70 -13.91 2.06
C7 NAG HA . -24.25 -7.44 2.05
C8 NAG HA . -23.55 -6.23 2.61
N2 NAG HA . -24.10 -8.56 2.77
O3 NAG HA . -26.66 -9.31 3.60
O4 NAG HA . -27.12 -12.08 4.01
O5 NAG HA . -24.27 -12.05 1.71
O6 NAG HA . -25.58 -13.88 0.66
O7 NAG HA . -24.90 -7.38 1.03
C1 NAG IA . -13.12 8.36 -44.58
C2 NAG IA . -13.34 9.23 -45.83
C3 NAG IA . -13.16 8.39 -47.09
C4 NAG IA . -11.79 7.72 -47.07
C5 NAG IA . -11.64 6.92 -45.77
C6 NAG IA . -10.30 6.25 -45.63
C7 NAG IA . -14.99 10.93 -46.49
C8 NAG IA . -16.41 11.39 -46.30
N2 NAG IA . -14.65 9.84 -45.80
O3 NAG IA . -13.32 9.21 -48.21
O4 NAG IA . -11.70 6.88 -48.19
O5 NAG IA . -11.83 7.80 -44.68
O6 NAG IA . -9.92 6.21 -44.27
O7 NAG IA . -14.23 11.51 -47.24
C1 NAG JA . 15.21 -8.13 -19.64
C2 NAG JA . 14.34 -8.94 -20.58
C3 NAG JA . 15.12 -10.12 -21.15
C4 NAG JA . 16.41 -9.62 -21.79
C5 NAG JA . 17.17 -8.76 -20.79
C6 NAG JA . 18.45 -8.16 -21.36
C7 NAG JA . 11.90 -9.11 -20.28
C8 NAG JA . 10.83 -9.70 -19.41
N2 NAG JA . 13.16 -9.40 -19.91
O3 NAG JA . 14.30 -10.78 -22.07
O4 NAG JA . 17.14 -10.77 -22.16
O5 NAG JA . 16.35 -7.70 -20.36
O6 NAG JA . 18.33 -8.04 -22.75
O7 NAG JA . 11.64 -8.41 -21.25
#